data_2OE5
# 
_entry.id   2OE5 
# 
_audit_conform.dict_name       mmcif_pdbx.dic 
_audit_conform.dict_version    5.389 
_audit_conform.dict_location   http://mmcif.pdb.org/dictionaries/ascii/mmcif_pdbx.dic 
# 
loop_
_database_2.database_id 
_database_2.database_code 
_database_2.pdbx_database_accession 
_database_2.pdbx_DOI 
PDB   2OE5         pdb_00002oe5 10.2210/pdb2oe5/pdb 
NDB   DR0035       ?            ?                   
RCSB  RCSB041021   ?            ?                   
WWPDB D_1000041021 ?            ?                   
# 
loop_
_pdbx_audit_revision_history.ordinal 
_pdbx_audit_revision_history.data_content_type 
_pdbx_audit_revision_history.major_revision 
_pdbx_audit_revision_history.minor_revision 
_pdbx_audit_revision_history.revision_date 
1 'Structure model' 1 0 2007-02-13 
2 'Structure model' 1 1 2008-05-01 
3 'Structure model' 1 2 2011-07-13 
4 'Structure model' 1 3 2023-12-27 
5 'Structure model' 1 4 2024-04-03 
# 
_pdbx_audit_revision_details.ordinal             1 
_pdbx_audit_revision_details.revision_ordinal    1 
_pdbx_audit_revision_details.data_content_type   'Structure model' 
_pdbx_audit_revision_details.provider            repository 
_pdbx_audit_revision_details.type                'Initial release' 
_pdbx_audit_revision_details.description         ? 
_pdbx_audit_revision_details.details             ? 
# 
loop_
_pdbx_audit_revision_group.ordinal 
_pdbx_audit_revision_group.revision_ordinal 
_pdbx_audit_revision_group.data_content_type 
_pdbx_audit_revision_group.group 
1 2 'Structure model' 'Version format compliance' 
2 3 'Structure model' Advisory                    
3 3 'Structure model' 'Version format compliance' 
4 4 'Structure model' 'Data collection'           
5 4 'Structure model' 'Database references'       
6 4 'Structure model' 'Derived calculations'      
7 4 'Structure model' 'Structure summary'         
8 5 'Structure model' 'Refinement description'    
# 
loop_
_pdbx_audit_revision_category.ordinal 
_pdbx_audit_revision_category.revision_ordinal 
_pdbx_audit_revision_category.data_content_type 
_pdbx_audit_revision_category.category 
1 4 'Structure model' chem_comp                     
2 4 'Structure model' chem_comp_atom                
3 4 'Structure model' chem_comp_bond                
4 4 'Structure model' database_2                    
5 4 'Structure model' pdbx_struct_conn_angle        
6 4 'Structure model' struct_conn                   
7 4 'Structure model' struct_site                   
8 5 'Structure model' pdbx_initial_refinement_model 
# 
loop_
_pdbx_audit_revision_item.ordinal 
_pdbx_audit_revision_item.revision_ordinal 
_pdbx_audit_revision_item.data_content_type 
_pdbx_audit_revision_item.item 
1  4 'Structure model' '_chem_comp.pdbx_synonyms'                    
2  4 'Structure model' '_database_2.pdbx_DOI'                        
3  4 'Structure model' '_database_2.pdbx_database_accession'         
4  4 'Structure model' '_pdbx_struct_conn_angle.ptnr1_auth_asym_id'  
5  4 'Structure model' '_pdbx_struct_conn_angle.ptnr1_auth_seq_id'   
6  4 'Structure model' '_pdbx_struct_conn_angle.ptnr1_label_asym_id' 
7  4 'Structure model' '_pdbx_struct_conn_angle.ptnr2_auth_asym_id'  
8  4 'Structure model' '_pdbx_struct_conn_angle.ptnr2_auth_seq_id'   
9  4 'Structure model' '_pdbx_struct_conn_angle.ptnr2_label_asym_id' 
10 4 'Structure model' '_pdbx_struct_conn_angle.ptnr3_auth_asym_id'  
11 4 'Structure model' '_pdbx_struct_conn_angle.ptnr3_auth_seq_id'   
12 4 'Structure model' '_pdbx_struct_conn_angle.ptnr3_label_asym_id' 
13 4 'Structure model' '_pdbx_struct_conn_angle.value'               
14 4 'Structure model' '_struct_conn.pdbx_dist_value'                
15 4 'Structure model' '_struct_conn.ptnr1_auth_asym_id'             
16 4 'Structure model' '_struct_conn.ptnr1_auth_comp_id'             
17 4 'Structure model' '_struct_conn.ptnr1_auth_seq_id'              
18 4 'Structure model' '_struct_conn.ptnr1_label_asym_id'            
19 4 'Structure model' '_struct_conn.ptnr1_label_atom_id'            
20 4 'Structure model' '_struct_conn.ptnr1_label_comp_id'            
21 4 'Structure model' '_struct_conn.ptnr2_auth_asym_id'             
22 4 'Structure model' '_struct_conn.ptnr2_auth_comp_id'             
23 4 'Structure model' '_struct_conn.ptnr2_auth_seq_id'              
24 4 'Structure model' '_struct_conn.ptnr2_label_asym_id'            
25 4 'Structure model' '_struct_conn.ptnr2_label_atom_id'            
26 4 'Structure model' '_struct_conn.ptnr2_label_comp_id'            
27 4 'Structure model' '_struct_site.pdbx_auth_asym_id'              
28 4 'Structure model' '_struct_site.pdbx_auth_comp_id'              
29 4 'Structure model' '_struct_site.pdbx_auth_seq_id'               
# 
_pdbx_database_status.status_code                     REL 
_pdbx_database_status.entry_id                        2OE5 
_pdbx_database_status.recvd_initial_deposition_date   2006-12-28 
_pdbx_database_status.deposit_site                    RCSB 
_pdbx_database_status.process_site                    RCSB 
_pdbx_database_status.status_code_sf                  REL 
_pdbx_database_status.status_code_mr                  ? 
_pdbx_database_status.SG_entry                        ? 
_pdbx_database_status.pdb_format_compatible           Y 
_pdbx_database_status.status_code_cs                  ? 
_pdbx_database_status.status_code_nmr_data            ? 
_pdbx_database_status.methods_development_category    ? 
# 
loop_
_pdbx_database_related.db_name 
_pdbx_database_related.db_id 
_pdbx_database_related.details 
_pdbx_database_related.content_type 
PDB 2OE6 
;2.4 A X-ray crystal structure of unliganded RNA fragment    
GGGCGUCGCUAGUACC/CGGUACUAAAAGUCGCC    
containing the human ribosomal decoding A site: RNA construct with 5'-overhang
;
unspecified 
PDB 2OE8 
;1.8 A X-ray crystal structure of Apramycin complex with RNA fragment    
GGGCGUCGCUAGUACC/CGGUACUAAAAGUCGCC    
containing the human ribosomal decoding A site: RNA construct with 5'-overhang
;
unspecified 
# 
loop_
_audit_author.name 
_audit_author.pdbx_ordinal 
'Hermann, T.'  1 
'Tereshko, V.' 2 
'Skripkin, E.' 3 
'Patel, D.J.'  4 
# 
_citation.id                        primary 
_citation.title                     'Apramycin recognition by the human ribosomal decoding site.' 
_citation.journal_abbrev            'Blood Cells Mol.Dis.' 
_citation.journal_volume            38 
_citation.page_first                193 
_citation.page_last                 198 
_citation.year                      2007 
_citation.journal_id_ASTM           ? 
_citation.country                   US 
_citation.journal_id_ISSN           1079-9796 
_citation.journal_id_CSD            ? 
_citation.book_publisher            ? 
_citation.pdbx_database_id_PubMed   17258916 
_citation.pdbx_database_id_DOI      10.1016/j.bcmd.2006.11.006 
# 
loop_
_citation_author.citation_id 
_citation_author.name 
_citation_author.ordinal 
_citation_author.identifier_ORCID 
primary 'Hermann, T.'  1 ? 
primary 'Tereshko, V.' 2 ? 
primary 'Skripkin, E.' 3 ? 
primary 'Patel, D.J.'  4 ? 
# 
loop_
_entity.id 
_entity.type 
_entity.src_method 
_entity.pdbx_description 
_entity.formula_weight 
_entity.pdbx_number_of_molecules 
_entity.pdbx_ec 
_entity.pdbx_mutation 
_entity.pdbx_fragment 
_entity.details 
1 polymer     syn 
;RNA (5'-R(*GP*GP*CP*GP*UP*CP*GP*CP*UP*AP*GP*UP*AP*CP*CP*G)-3')
;
5129.095 1   ? ? ? ? 
2 polymer     syn 
;RNA (5'-R(*GP*GP*UP*AP*CP*UP*AP*AP*AP*AP*GP*UP*CP*GP*CP*CP*C)-3')
;
5426.300 1   ? ? ? ? 
3 non-polymer syn 'SULFATE ION'                                                       96.063   1   ? ? ? ? 
4 non-polymer syn 'MAGNESIUM ION'                                                     24.305   2   ? ? ? ? 
5 non-polymer syn APRAMYCIN                                                           539.577  1   ? ? ? ? 
6 water       nat water                                                               18.015   164 ? ? ? ? 
# 
loop_
_entity_poly.entity_id 
_entity_poly.type 
_entity_poly.nstd_linkage 
_entity_poly.nstd_monomer 
_entity_poly.pdbx_seq_one_letter_code 
_entity_poly.pdbx_seq_one_letter_code_can 
_entity_poly.pdbx_strand_id 
_entity_poly.pdbx_target_identifier 
1 polyribonucleotide no no GGCGUCGCUAGUACCG  GGCGUCGCUAGUACCG  A ? 
2 polyribonucleotide no no GGUACUAAAAGUCGCCC GGUACUAAAAGUCGCCC B ? 
# 
loop_
_pdbx_entity_nonpoly.entity_id 
_pdbx_entity_nonpoly.name 
_pdbx_entity_nonpoly.comp_id 
3 'SULFATE ION'   SO4 
4 'MAGNESIUM ION' MG  
5 APRAMYCIN       AM2 
6 water           HOH 
# 
loop_
_entity_poly_seq.entity_id 
_entity_poly_seq.num 
_entity_poly_seq.mon_id 
_entity_poly_seq.hetero 
1 1  G n 
1 2  G n 
1 3  C n 
1 4  G n 
1 5  U n 
1 6  C n 
1 7  G n 
1 8  C n 
1 9  U n 
1 10 A n 
1 11 G n 
1 12 U n 
1 13 A n 
1 14 C n 
1 15 C n 
1 16 G n 
2 1  G n 
2 2  G n 
2 3  U n 
2 4  A n 
2 5  C n 
2 6  U n 
2 7  A n 
2 8  A n 
2 9  A n 
2 10 A n 
2 11 G n 
2 12 U n 
2 13 C n 
2 14 G n 
2 15 C n 
2 16 C n 
2 17 C n 
# 
loop_
_pdbx_entity_src_syn.entity_id 
_pdbx_entity_src_syn.pdbx_src_id 
_pdbx_entity_src_syn.pdbx_alt_source_flag 
_pdbx_entity_src_syn.pdbx_beg_seq_num 
_pdbx_entity_src_syn.pdbx_end_seq_num 
_pdbx_entity_src_syn.organism_scientific 
_pdbx_entity_src_syn.organism_common_name 
_pdbx_entity_src_syn.ncbi_taxonomy_id 
_pdbx_entity_src_syn.details 
1 1 sample ? ? ? ? ? 'Chemically synthesized' 
2 1 sample ? ? ? ? ? 'Chemically synthesized' 
# 
loop_
_chem_comp.id 
_chem_comp.type 
_chem_comp.mon_nstd_flag 
_chem_comp.name 
_chem_comp.pdbx_synonyms 
_chem_comp.formula 
_chem_comp.formula_weight 
A   'RNA linking' y "ADENOSINE-5'-MONOPHOSPHATE" ? 'C10 H14 N5 O7 P' 347.221 
AM2 non-polymer   . APRAMYCIN                    
;NEBRAMYCIN II; 4-O-(3ALPHA-AMINO-6ALPHA-((4-AMINO-4-DEOXY-ALPHA-D-GLUCOPYRANOSYL)OXY)-2,3,4,5ABETA,6,7,8,8AALPHA-OCTAHYDRO-8BETA-HYDROXY-7BETA-(METHYLAMINO)PYRANO(3,2-B)PYRAN-2ALPHA-YL)-2-DEOXY-D-STREPTAMINE
;
'C21 H41 N5 O11'  539.577 
C   'RNA linking' y "CYTIDINE-5'-MONOPHOSPHATE"  ? 'C9 H14 N3 O8 P'  323.197 
G   'RNA linking' y "GUANOSINE-5'-MONOPHOSPHATE" ? 'C10 H14 N5 O8 P' 363.221 
HOH non-polymer   . WATER                        ? 'H2 O'            18.015  
MG  non-polymer   . 'MAGNESIUM ION'              ? 'Mg 2'            24.305  
SO4 non-polymer   . 'SULFATE ION'                ? 'O4 S -2'         96.063  
U   'RNA linking' y "URIDINE-5'-MONOPHOSPHATE"   ? 'C9 H13 N2 O9 P'  324.181 
# 
loop_
_pdbx_poly_seq_scheme.asym_id 
_pdbx_poly_seq_scheme.entity_id 
_pdbx_poly_seq_scheme.seq_id 
_pdbx_poly_seq_scheme.mon_id 
_pdbx_poly_seq_scheme.ndb_seq_num 
_pdbx_poly_seq_scheme.pdb_seq_num 
_pdbx_poly_seq_scheme.auth_seq_num 
_pdbx_poly_seq_scheme.pdb_mon_id 
_pdbx_poly_seq_scheme.auth_mon_id 
_pdbx_poly_seq_scheme.pdb_strand_id 
_pdbx_poly_seq_scheme.pdb_ins_code 
_pdbx_poly_seq_scheme.hetero 
A 1 1  G 1  2    2    G G A . n 
A 1 2  G 2  3    3    G G A . n 
A 1 3  C 3  1404 1404 C C A . n 
A 1 4  G 4  1405 1405 G G A . n 
A 1 5  U 5  1406 1406 U U A . n 
A 1 6  C 6  1407 1407 C C A . n 
A 1 7  G 7  1408 1408 G G A . n 
A 1 8  C 8  1409 1409 C C A . n 
A 1 9  U 9  1410 1410 U U A . n 
A 1 10 A 10 1411 1411 A A A . n 
A 1 11 G 11 1412 1412 G G A . n 
A 1 12 U 12 1413 1413 U U A . n 
A 1 13 A 13 14   14   A A A . n 
A 1 14 C 14 15   15   C C A . n 
A 1 15 C 15 16   16   C C A . n 
A 1 16 G 16 17   17   G G A . n 
B 2 1  G 1  84   84   G G B . n 
B 2 2  G 2  85   85   G G B . n 
B 2 3  U 3  86   86   U U B . n 
B 2 4  A 4  1487 1487 A A B . n 
B 2 5  C 5  1488 1488 C C B . n 
B 2 6  U 6  1489 1489 U U B . n 
B 2 7  A 7  1490 1490 A A B . n 
B 2 8  A 8  1491 1491 A A B . n 
B 2 9  A 9  1492 1492 A A B . n 
B 2 10 A 10 1493 1493 A A B . n 
B 2 11 G 11 1494 1494 G G B . n 
B 2 12 U 12 1495 1495 U U B . n 
B 2 13 C 13 1496 1496 C C B . n 
B 2 14 G 14 1497 1497 G G B . n 
B 2 15 C 15 98   98   C C B . n 
B 2 16 C 16 99   99   C C B . n 
B 2 17 C 17 100  100  C C B . n 
# 
loop_
_pdbx_nonpoly_scheme.asym_id 
_pdbx_nonpoly_scheme.entity_id 
_pdbx_nonpoly_scheme.mon_id 
_pdbx_nonpoly_scheme.ndb_seq_num 
_pdbx_nonpoly_scheme.pdb_seq_num 
_pdbx_nonpoly_scheme.auth_seq_num 
_pdbx_nonpoly_scheme.pdb_mon_id 
_pdbx_nonpoly_scheme.auth_mon_id 
_pdbx_nonpoly_scheme.pdb_strand_id 
_pdbx_nonpoly_scheme.pdb_ins_code 
C 3 SO4 1  102 102 SO4 SO4 A . 
D 4 MG  1  104 104 MG  MG  A . 
E 5 AM2 1  101 101 AM2 AM2 B . 
F 4 MG  1  103 103 MG  MG  B . 
G 6 HOH 1  109 109 HOH HOH A . 
G 6 HOH 2  111 111 HOH HOH A . 
G 6 HOH 3  112 112 HOH HOH A . 
G 6 HOH 4  113 113 HOH HOH A . 
G 6 HOH 5  114 114 HOH HOH A . 
G 6 HOH 6  115 115 HOH HOH A . 
G 6 HOH 7  116 116 HOH HOH A . 
G 6 HOH 8  121 121 HOH HOH A . 
G 6 HOH 9  122 122 HOH HOH A . 
G 6 HOH 10 126 126 HOH HOH A . 
G 6 HOH 11 127 127 HOH HOH A . 
G 6 HOH 12 129 129 HOH HOH A . 
G 6 HOH 13 130 130 HOH HOH A . 
G 6 HOH 14 140 140 HOH HOH A . 
G 6 HOH 15 142 142 HOH HOH A . 
G 6 HOH 16 143 143 HOH HOH A . 
G 6 HOH 17 144 144 HOH HOH A . 
G 6 HOH 18 146 146 HOH HOH A . 
G 6 HOH 19 149 149 HOH HOH A . 
G 6 HOH 20 154 154 HOH HOH A . 
G 6 HOH 21 155 155 HOH HOH A . 
G 6 HOH 22 156 156 HOH HOH A . 
G 6 HOH 23 159 159 HOH HOH A . 
G 6 HOH 24 164 164 HOH HOH A . 
G 6 HOH 25 166 166 HOH HOH A . 
G 6 HOH 26 167 167 HOH HOH A . 
G 6 HOH 27 168 168 HOH HOH A . 
G 6 HOH 28 172 172 HOH HOH A . 
G 6 HOH 29 176 176 HOH HOH A . 
G 6 HOH 30 177 177 HOH HOH A . 
G 6 HOH 31 178 178 HOH HOH A . 
G 6 HOH 32 179 179 HOH HOH A . 
G 6 HOH 33 180 180 HOH HOH A . 
G 6 HOH 34 181 181 HOH HOH A . 
G 6 HOH 35 185 185 HOH HOH A . 
G 6 HOH 36 186 186 HOH HOH A . 
G 6 HOH 37 187 187 HOH HOH A . 
G 6 HOH 38 190 190 HOH HOH A . 
G 6 HOH 39 192 192 HOH HOH A . 
G 6 HOH 40 195 195 HOH HOH A . 
G 6 HOH 41 196 196 HOH HOH A . 
G 6 HOH 42 199 199 HOH HOH A . 
G 6 HOH 43 200 200 HOH HOH A . 
G 6 HOH 44 203 203 HOH HOH A . 
G 6 HOH 45 205 205 HOH HOH A . 
G 6 HOH 46 206 206 HOH HOH A . 
G 6 HOH 47 207 207 HOH HOH A . 
G 6 HOH 48 209 209 HOH HOH A . 
G 6 HOH 49 210 210 HOH HOH A . 
G 6 HOH 50 212 212 HOH HOH A . 
G 6 HOH 51 213 213 HOH HOH A . 
G 6 HOH 52 214 214 HOH HOH A . 
G 6 HOH 53 215 215 HOH HOH A . 
G 6 HOH 54 216 216 HOH HOH A . 
G 6 HOH 55 217 217 HOH HOH A . 
G 6 HOH 56 222 222 HOH HOH A . 
G 6 HOH 57 224 224 HOH HOH A . 
G 6 HOH 58 225 225 HOH HOH A . 
G 6 HOH 59 226 226 HOH HOH A . 
G 6 HOH 60 229 229 HOH HOH A . 
G 6 HOH 61 230 230 HOH HOH A . 
G 6 HOH 62 231 231 HOH HOH A . 
G 6 HOH 63 233 233 HOH HOH A . 
G 6 HOH 64 237 237 HOH HOH A . 
G 6 HOH 65 241 241 HOH HOH A . 
G 6 HOH 66 243 243 HOH HOH A . 
G 6 HOH 67 244 244 HOH HOH A . 
G 6 HOH 68 246 246 HOH HOH A . 
G 6 HOH 69 249 249 HOH HOH A . 
G 6 HOH 70 250 250 HOH HOH A . 
G 6 HOH 71 254 254 HOH HOH A . 
G 6 HOH 72 256 256 HOH HOH A . 
G 6 HOH 73 258 258 HOH HOH A . 
G 6 HOH 74 260 260 HOH HOH A . 
G 6 HOH 75 261 261 HOH HOH A . 
G 6 HOH 76 264 264 HOH HOH A . 
G 6 HOH 77 267 267 HOH HOH A . 
H 6 HOH 1  105 105 HOH HOH B . 
H 6 HOH 2  106 106 HOH HOH B . 
H 6 HOH 3  107 107 HOH HOH B . 
H 6 HOH 4  108 108 HOH HOH B . 
H 6 HOH 5  110 110 HOH HOH B . 
H 6 HOH 6  117 117 HOH HOH B . 
H 6 HOH 7  118 118 HOH HOH B . 
H 6 HOH 8  119 119 HOH HOH B . 
H 6 HOH 9  120 120 HOH HOH B . 
H 6 HOH 10 123 123 HOH HOH B . 
H 6 HOH 11 124 124 HOH HOH B . 
H 6 HOH 12 125 125 HOH HOH B . 
H 6 HOH 13 128 128 HOH HOH B . 
H 6 HOH 14 131 131 HOH HOH B . 
H 6 HOH 15 132 132 HOH HOH B . 
H 6 HOH 16 133 133 HOH HOH B . 
H 6 HOH 17 134 134 HOH HOH B . 
H 6 HOH 18 135 135 HOH HOH B . 
H 6 HOH 19 136 136 HOH HOH B . 
H 6 HOH 20 137 137 HOH HOH B . 
H 6 HOH 21 138 138 HOH HOH B . 
H 6 HOH 22 139 139 HOH HOH B . 
H 6 HOH 23 141 141 HOH HOH B . 
H 6 HOH 24 145 145 HOH HOH B . 
H 6 HOH 25 147 147 HOH HOH B . 
H 6 HOH 26 148 148 HOH HOH B . 
H 6 HOH 27 150 150 HOH HOH B . 
H 6 HOH 28 151 151 HOH HOH B . 
H 6 HOH 29 152 152 HOH HOH B . 
H 6 HOH 30 153 153 HOH HOH B . 
H 6 HOH 31 157 157 HOH HOH B . 
H 6 HOH 32 158 158 HOH HOH B . 
H 6 HOH 33 160 160 HOH HOH B . 
H 6 HOH 34 161 161 HOH HOH B . 
H 6 HOH 35 162 162 HOH HOH B . 
H 6 HOH 36 163 163 HOH HOH B . 
H 6 HOH 37 165 165 HOH HOH B . 
H 6 HOH 38 169 169 HOH HOH B . 
H 6 HOH 39 170 170 HOH HOH B . 
H 6 HOH 40 171 171 HOH HOH B . 
H 6 HOH 41 173 173 HOH HOH B . 
H 6 HOH 42 174 174 HOH HOH B . 
H 6 HOH 43 175 175 HOH HOH B . 
H 6 HOH 44 182 182 HOH HOH B . 
H 6 HOH 45 183 183 HOH HOH B . 
H 6 HOH 46 184 184 HOH HOH B . 
H 6 HOH 47 188 188 HOH HOH B . 
H 6 HOH 48 189 189 HOH HOH B . 
H 6 HOH 49 191 191 HOH HOH B . 
H 6 HOH 50 193 193 HOH HOH B . 
H 6 HOH 51 194 194 HOH HOH B . 
H 6 HOH 52 197 197 HOH HOH B . 
H 6 HOH 53 198 198 HOH HOH B . 
H 6 HOH 54 201 201 HOH HOH B . 
H 6 HOH 55 202 202 HOH HOH B . 
H 6 HOH 56 204 204 HOH HOH B . 
H 6 HOH 57 208 208 HOH HOH B . 
H 6 HOH 58 211 211 HOH HOH B . 
H 6 HOH 59 218 218 HOH HOH B . 
H 6 HOH 60 219 219 HOH HOH B . 
H 6 HOH 61 220 220 HOH HOH B . 
H 6 HOH 62 221 221 HOH HOH B . 
H 6 HOH 63 223 223 HOH HOH B . 
H 6 HOH 64 227 227 HOH HOH B . 
H 6 HOH 65 228 228 HOH HOH B . 
H 6 HOH 66 232 232 HOH HOH B . 
H 6 HOH 67 234 234 HOH HOH B . 
H 6 HOH 68 235 235 HOH HOH B . 
H 6 HOH 69 236 236 HOH HOH B . 
H 6 HOH 70 238 238 HOH HOH B . 
H 6 HOH 71 239 239 HOH HOH B . 
H 6 HOH 72 240 240 HOH HOH B . 
H 6 HOH 73 242 242 HOH HOH B . 
H 6 HOH 74 245 245 HOH HOH B . 
H 6 HOH 75 247 247 HOH HOH B . 
H 6 HOH 76 248 248 HOH HOH B . 
H 6 HOH 77 251 251 HOH HOH B . 
H 6 HOH 78 252 252 HOH HOH B . 
H 6 HOH 79 253 253 HOH HOH B . 
H 6 HOH 80 255 255 HOH HOH B . 
H 6 HOH 81 257 257 HOH HOH B . 
H 6 HOH 82 259 259 HOH HOH B . 
H 6 HOH 83 262 262 HOH HOH B . 
H 6 HOH 84 263 263 HOH HOH B . 
H 6 HOH 85 265 265 HOH HOH B . 
H 6 HOH 86 266 266 HOH HOH B . 
H 6 HOH 87 268 268 HOH HOH B . 
# 
loop_
_software.name 
_software.classification 
_software.version 
_software.citation_id 
_software.pdbx_ordinal 
REFMAC   refinement        5.0 ? 1 
HKL-2000 'data collection' .   ? 2 
HKL-2000 'data reduction'  .   ? 3 
HKL-2000 'data scaling'    .   ? 4 
AMoRE    phasing           .   ? 5 
# 
_cell.entry_id           2OE5 
_cell.length_a           28.310 
_cell.length_b           36.693 
_cell.length_c           86.679 
_cell.angle_alpha        90.00 
_cell.angle_beta         90.00 
_cell.angle_gamma        90.00 
_cell.Z_PDB              4 
_cell.pdbx_unique_axis   ? 
_cell.length_a_esd       ? 
_cell.length_b_esd       ? 
_cell.length_c_esd       ? 
_cell.angle_alpha_esd    ? 
_cell.angle_beta_esd     ? 
_cell.angle_gamma_esd    ? 
# 
_symmetry.entry_id                         2OE5 
_symmetry.space_group_name_H-M             'P 21 21 21' 
_symmetry.pdbx_full_space_group_name_H-M   ? 
_symmetry.cell_setting                     ? 
_symmetry.Int_Tables_number                19 
_symmetry.space_group_name_Hall            ? 
# 
_exptl.entry_id          2OE5 
_exptl.method            'X-RAY DIFFRACTION' 
_exptl.crystals_number   1 
# 
_exptl_crystal.id                    1 
_exptl_crystal.density_meas          ? 
_exptl_crystal.density_Matthews      2.13 
_exptl_crystal.density_percent_sol   42.32 
_exptl_crystal.description           ? 
_exptl_crystal.F_000                 ? 
_exptl_crystal.preparation           ? 
# 
_exptl_crystal_grow.crystal_id      1 
_exptl_crystal_grow.method          'VAPOR DIFFUSION, HANGING DROP' 
_exptl_crystal_grow.temp            298 
_exptl_crystal_grow.temp_details    ? 
_exptl_crystal_grow.pH              5.6 
_exptl_crystal_grow.pdbx_details    
'0.05M MES BUFFER, 15-20% MPD, 0.02-0.04M MAGNESIUM ACETATE, pH 5.6, VAPOR DIFFUSION, HANGING DROP, temperature 298K' 
_exptl_crystal_grow.pdbx_pH_range   . 
# 
loop_
_exptl_crystal_grow_comp.crystal_id 
_exptl_crystal_grow_comp.id 
_exptl_crystal_grow_comp.sol_id 
_exptl_crystal_grow_comp.name 
_exptl_crystal_grow_comp.volume 
_exptl_crystal_grow_comp.conc 
_exptl_crystal_grow_comp.details 
1 1 1 'MES BUFFER'        ? ? ? 
1 2 1 MPD                 ? ? ? 
1 3 1 'MAGNESIUM ACETATE' ? ? ? 
1 4 2 MPD                 ? ? ? 
1 5 2 'MAGNESIUM ACETATE' ? ? ? 
# 
_diffrn.id                     1 
_diffrn.ambient_temp           100 
_diffrn.ambient_temp_details   ? 
_diffrn.crystal_id             1 
# 
_diffrn_detector.diffrn_id              1 
_diffrn_detector.detector               CCD 
_diffrn_detector.type                   'ADSC QUANTUM 4' 
_diffrn_detector.pdbx_collection_date   2000-04-01 
_diffrn_detector.details                ? 
# 
_diffrn_radiation.diffrn_id                        1 
_diffrn_radiation.wavelength_id                    1 
_diffrn_radiation.pdbx_monochromatic_or_laue_m_l   M 
_diffrn_radiation.monochromator                    ? 
_diffrn_radiation.pdbx_diffrn_protocol             'SINGLE WAVELENGTH' 
_diffrn_radiation.pdbx_scattering_type             x-ray 
# 
_diffrn_radiation_wavelength.id           1 
_diffrn_radiation_wavelength.wavelength   1.0000 
_diffrn_radiation_wavelength.wt           1.0 
# 
_diffrn_source.diffrn_id                   1 
_diffrn_source.source                      SYNCHROTRON 
_diffrn_source.type                        'NSLS BEAMLINE X9A' 
_diffrn_source.pdbx_synchrotron_site       NSLS 
_diffrn_source.pdbx_synchrotron_beamline   X9A 
_diffrn_source.pdbx_wavelength             ? 
_diffrn_source.pdbx_wavelength_list        1.0000 
# 
_reflns.entry_id                     2OE5 
_reflns.observed_criterion_sigma_F   0 
_reflns.observed_criterion_sigma_I   0 
_reflns.d_resolution_high            1.5 
_reflns.d_resolution_low             20 
_reflns.number_all                   13865 
_reflns.number_obs                   13865 
_reflns.percent_possible_obs         92.73 
_reflns.pdbx_Rmerge_I_obs            ? 
_reflns.pdbx_Rsym_value              ? 
_reflns.pdbx_netI_over_sigmaI        ? 
_reflns.B_iso_Wilson_estimate        ? 
_reflns.pdbx_redundancy              ? 
_reflns.R_free_details               ? 
_reflns.pdbx_chi_squared             ? 
_reflns.pdbx_scaling_rejects         ? 
_reflns.pdbx_ordinal                 1 
_reflns.pdbx_diffrn_id               1 
# 
_refine.entry_id                                 2OE5 
_refine.ls_number_reflns_obs                     13173 
_refine.ls_number_reflns_all                     13173 
_refine.pdbx_ls_sigma_I                          0 
_refine.pdbx_ls_sigma_F                          0 
_refine.pdbx_data_cutoff_high_absF               ? 
_refine.pdbx_data_cutoff_low_absF                ? 
_refine.pdbx_data_cutoff_high_rms_absF           ? 
_refine.ls_d_res_low                             19.92 
_refine.ls_d_res_high                            1.51 
_refine.ls_percent_reflns_obs                    92.73 
_refine.ls_R_factor_obs                          0.20006 
_refine.ls_R_factor_all                          ? 
_refine.ls_R_factor_R_work                       0.19876 
_refine.ls_R_factor_R_free                       0.2268 
_refine.ls_R_factor_R_free_error                 ? 
_refine.ls_R_factor_R_free_error_details         ? 
_refine.ls_percent_reflns_R_free                 5.0 
_refine.ls_number_reflns_R_free                  692 
_refine.ls_number_parameters                     ? 
_refine.ls_number_restraints                     ? 
_refine.occupancy_min                            ? 
_refine.occupancy_max                            ? 
_refine.correlation_coeff_Fo_to_Fc               0.973 
_refine.correlation_coeff_Fo_to_Fc_free          0.965 
_refine.B_iso_mean                               20.524 
_refine.aniso_B[1][1]                            0.02 
_refine.aniso_B[2][2]                            -0.06 
_refine.aniso_B[3][3]                            0.04 
_refine.aniso_B[1][2]                            0.00 
_refine.aniso_B[1][3]                            0.00 
_refine.aniso_B[2][3]                            0.00 
_refine.solvent_model_details                    'BABINET MODEL WITH MASK' 
_refine.solvent_model_param_ksol                 ? 
_refine.solvent_model_param_bsol                 ? 
_refine.pdbx_solvent_vdw_probe_radii             1.40 
_refine.pdbx_solvent_ion_probe_radii             0.80 
_refine.pdbx_solvent_shrinkage_radii             0.80 
_refine.pdbx_ls_cross_valid_method               THROUGHOUT 
_refine.details                                  'THE SO4 ION IS PARTIALLY DISORDERED AND IT WAS REFINED WITH OCCUPANCY 0.5' 
_refine.pdbx_starting_model                      'STANDARD RNA-MODEL BUILT IN TURBO-FRODO' 
_refine.pdbx_method_to_determine_struct          'MOLECULAR REPLACEMENT' 
_refine.pdbx_isotropic_thermal_model             ? 
_refine.pdbx_stereochemistry_target_values       'MAXIMUM LIKELIHOOD' 
_refine.pdbx_stereochem_target_val_spec_case     ? 
_refine.pdbx_R_Free_selection_details            RANDOM 
_refine.pdbx_overall_ESU_R                       0.097 
_refine.pdbx_overall_ESU_R_Free                  0.094 
_refine.overall_SU_ML                            0.072 
_refine.overall_SU_B                             2.029 
_refine.ls_redundancy_reflns_obs                 ? 
_refine.overall_SU_R_Cruickshank_DPI             ? 
_refine.overall_SU_R_free                        ? 
_refine.ls_wR_factor_R_free                      ? 
_refine.ls_wR_factor_R_work                      ? 
_refine.overall_FOM_free_R_set                   ? 
_refine.overall_FOM_work_R_set                   ? 
_refine.pdbx_refine_id                           'X-RAY DIFFRACTION' 
_refine.pdbx_TLS_residual_ADP_flag               'LIKELY RESIDUAL' 
_refine.pdbx_diffrn_id                           1 
_refine.pdbx_overall_phase_error                 ? 
_refine.pdbx_overall_SU_R_free_Cruickshank_DPI   ? 
_refine.pdbx_overall_SU_R_Blow_DPI               ? 
_refine.pdbx_overall_SU_R_free_Blow_DPI          ? 
# 
_refine_hist.pdbx_refine_id                   'X-RAY DIFFRACTION' 
_refine_hist.cycle_id                         LAST 
_refine_hist.pdbx_number_atoms_protein        0 
_refine_hist.pdbx_number_atoms_nucleic_acid   698 
_refine_hist.pdbx_number_atoms_ligand         44 
_refine_hist.number_atoms_solvent             164 
_refine_hist.number_atoms_total               906 
_refine_hist.d_res_high                       1.51 
_refine_hist.d_res_low                        19.92 
# 
loop_
_refine_ls_restr.type 
_refine_ls_restr.dev_ideal 
_refine_ls_restr.dev_ideal_target 
_refine_ls_restr.weight 
_refine_ls_restr.number 
_refine_ls_restr.pdbx_refine_id 
_refine_ls_restr.pdbx_restraint_function 
r_bond_refined_d             0.014 0.021 ? 827  'X-RAY DIFFRACTION' ? 
r_bond_other_d               0.000 0.020 ? 297  'X-RAY DIFFRACTION' ? 
r_angle_refined_deg          1.793 3.000 ? 1283 'X-RAY DIFFRACTION' ? 
r_angle_other_deg            1.746 3.000 ? 779  'X-RAY DIFFRACTION' ? 
r_dihedral_angle_1_deg       ?     ?     ? ?    'X-RAY DIFFRACTION' ? 
r_dihedral_angle_2_deg       ?     ?     ? ?    'X-RAY DIFFRACTION' ? 
r_dihedral_angle_3_deg       ?     ?     ? ?    'X-RAY DIFFRACTION' ? 
r_dihedral_angle_4_deg       ?     ?     ? ?    'X-RAY DIFFRACTION' ? 
r_chiral_restr               0.871 0.200 ? 149  'X-RAY DIFFRACTION' ? 
r_gen_planes_refined         0.011 0.020 ? 344  'X-RAY DIFFRACTION' ? 
r_gen_planes_other           0.000 0.020 ? 1    'X-RAY DIFFRACTION' ? 
r_nbd_refined                0.124 0.300 ? 80   'X-RAY DIFFRACTION' ? 
r_nbd_other                  0.206 0.300 ? 391  'X-RAY DIFFRACTION' ? 
r_nbtor_refined              ?     ?     ? ?    'X-RAY DIFFRACTION' ? 
r_nbtor_other                ?     ?     ? ?    'X-RAY DIFFRACTION' ? 
r_xyhbond_nbd_refined        0.216 0.500 ? 110  'X-RAY DIFFRACTION' ? 
r_xyhbond_nbd_other          0.050 0.500 ? 3    'X-RAY DIFFRACTION' ? 
r_metal_ion_refined          0.065 0.500 ? 2    'X-RAY DIFFRACTION' ? 
r_metal_ion_other            ?     ?     ? ?    'X-RAY DIFFRACTION' ? 
r_symmetry_vdw_refined       0.112 0.300 ? 8    'X-RAY DIFFRACTION' ? 
r_symmetry_vdw_other         0.203 0.300 ? 15   'X-RAY DIFFRACTION' ? 
r_symmetry_hbond_refined     0.247 0.500 ? 16   'X-RAY DIFFRACTION' ? 
r_symmetry_hbond_other       ?     ?     ? ?    'X-RAY DIFFRACTION' ? 
r_symmetry_metal_ion_refined ?     ?     ? ?    'X-RAY DIFFRACTION' ? 
r_symmetry_metal_ion_other   ?     ?     ? ?    'X-RAY DIFFRACTION' ? 
r_mcbond_it                  ?     ?     ? ?    'X-RAY DIFFRACTION' ? 
r_mcbond_other               ?     ?     ? ?    'X-RAY DIFFRACTION' ? 
r_mcangle_it                 ?     ?     ? ?    'X-RAY DIFFRACTION' ? 
r_scbond_it                  1.873 3.000 ? 827  'X-RAY DIFFRACTION' ? 
r_scangle_it                 2.535 4.500 ? 1283 'X-RAY DIFFRACTION' ? 
r_rigid_bond_restr           ?     ?     ? ?    'X-RAY DIFFRACTION' ? 
r_sphericity_free            ?     ?     ? ?    'X-RAY DIFFRACTION' ? 
r_sphericity_bonded          ?     ?     ? ?    'X-RAY DIFFRACTION' ? 
# 
_refine_ls_shell.pdbx_total_number_of_bins_used   20 
_refine_ls_shell.d_res_high                       1.51 
_refine_ls_shell.d_res_low                        1.544 
_refine_ls_shell.number_reflns_R_work             888 
_refine_ls_shell.R_factor_R_work                  0.354 
_refine_ls_shell.percent_reflns_obs               ? 
_refine_ls_shell.R_factor_R_free                  0.35 
_refine_ls_shell.R_factor_R_free_error            ? 
_refine_ls_shell.percent_reflns_R_free            ? 
_refine_ls_shell.number_reflns_R_free             59 
_refine_ls_shell.number_reflns_all                ? 
_refine_ls_shell.R_factor_all                     ? 
_refine_ls_shell.number_reflns_obs                ? 
_refine_ls_shell.redundancy_reflns_obs            ? 
_refine_ls_shell.pdbx_refine_id                   'X-RAY DIFFRACTION' 
# 
_struct.entry_id                  2OE5 
_struct.title                     
;1.5 A X-ray crystal structure of Apramycin complex with RNA fragment GGCGUCGCUAGUACCG/GGUACUAAAAGUCGCCC containing the human ribosomal decoding A site: RNA construct with 3'-overhang
;
_struct.pdbx_model_details        ? 
_struct.pdbx_CASP_flag            ? 
_struct.pdbx_model_type_details   ? 
# 
_struct_keywords.entry_id        2OE5 
_struct_keywords.pdbx_keywords   RNA 
_struct_keywords.text            
'Aminoglycoside antibiotics, Apramycin, Ribosomal decoding site, A site, Homo sapiens, RNA duplex, RNA' 
# 
loop_
_struct_asym.id 
_struct_asym.pdbx_blank_PDB_chainid_flag 
_struct_asym.pdbx_modified 
_struct_asym.entity_id 
_struct_asym.details 
A N N 1 ? 
B N N 2 ? 
C N N 3 ? 
D N N 4 ? 
E N N 5 ? 
F N N 4 ? 
G N N 6 ? 
H N N 6 ? 
# 
loop_
_struct_ref.id 
_struct_ref.entity_id 
_struct_ref.db_name 
_struct_ref.db_code 
_struct_ref.pdbx_db_accession 
_struct_ref.pdbx_db_isoform 
_struct_ref.pdbx_seq_one_letter_code 
_struct_ref.pdbx_align_begin 
1 1 PDB 2OE5 2OE5 ? ? ? 
2 2 PDB 2OE5 2OE5 ? ? ? 
# 
loop_
_struct_ref_seq.align_id 
_struct_ref_seq.ref_id 
_struct_ref_seq.pdbx_PDB_id_code 
_struct_ref_seq.pdbx_strand_id 
_struct_ref_seq.seq_align_beg 
_struct_ref_seq.pdbx_seq_align_beg_ins_code 
_struct_ref_seq.seq_align_end 
_struct_ref_seq.pdbx_seq_align_end_ins_code 
_struct_ref_seq.pdbx_db_accession 
_struct_ref_seq.db_align_beg 
_struct_ref_seq.pdbx_db_align_beg_ins_code 
_struct_ref_seq.db_align_end 
_struct_ref_seq.pdbx_db_align_end_ins_code 
_struct_ref_seq.pdbx_auth_seq_align_beg 
_struct_ref_seq.pdbx_auth_seq_align_end 
1 1 2OE5 A 1 ? 16 ? 2OE5 2  ? 17  ? 2  17  
2 2 2OE5 B 1 ? 17 ? 2OE5 84 ? 100 ? 84 100 
# 
_pdbx_struct_assembly.id                   1 
_pdbx_struct_assembly.details              author_defined_assembly 
_pdbx_struct_assembly.method_details       ? 
_pdbx_struct_assembly.oligomeric_details   dimeric 
_pdbx_struct_assembly.oligomeric_count     2 
# 
_pdbx_struct_assembly_gen.assembly_id       1 
_pdbx_struct_assembly_gen.oper_expression   1 
_pdbx_struct_assembly_gen.asym_id_list      A,B,C,D,E,F,G,H 
# 
_pdbx_struct_oper_list.id                   1 
_pdbx_struct_oper_list.type                 'identity operation' 
_pdbx_struct_oper_list.name                 1_555 
_pdbx_struct_oper_list.symmetry_operation   x,y,z 
_pdbx_struct_oper_list.matrix[1][1]         1.0000000000 
_pdbx_struct_oper_list.matrix[1][2]         0.0000000000 
_pdbx_struct_oper_list.matrix[1][3]         0.0000000000 
_pdbx_struct_oper_list.vector[1]            0.0000000000 
_pdbx_struct_oper_list.matrix[2][1]         0.0000000000 
_pdbx_struct_oper_list.matrix[2][2]         1.0000000000 
_pdbx_struct_oper_list.matrix[2][3]         0.0000000000 
_pdbx_struct_oper_list.vector[2]            0.0000000000 
_pdbx_struct_oper_list.matrix[3][1]         0.0000000000 
_pdbx_struct_oper_list.matrix[3][2]         0.0000000000 
_pdbx_struct_oper_list.matrix[3][3]         1.0000000000 
_pdbx_struct_oper_list.vector[3]            0.0000000000 
# 
_struct_biol.id                    1 
_struct_biol.details               
;THIS ENTRY CONTAINS THE CRYSTALLOGRAPHIC ASYMMETRIC UNIT  
WHICH CONSISTS OF 2 RNA CHAINS.
;
_struct_biol.pdbx_parent_biol_id   ? 
# 
loop_
_struct_conn.id 
_struct_conn.conn_type_id 
_struct_conn.pdbx_leaving_atom_flag 
_struct_conn.pdbx_PDB_id 
_struct_conn.ptnr1_label_asym_id 
_struct_conn.ptnr1_label_comp_id 
_struct_conn.ptnr1_label_seq_id 
_struct_conn.ptnr1_label_atom_id 
_struct_conn.pdbx_ptnr1_label_alt_id 
_struct_conn.pdbx_ptnr1_PDB_ins_code 
_struct_conn.pdbx_ptnr1_standard_comp_id 
_struct_conn.ptnr1_symmetry 
_struct_conn.ptnr2_label_asym_id 
_struct_conn.ptnr2_label_comp_id 
_struct_conn.ptnr2_label_seq_id 
_struct_conn.ptnr2_label_atom_id 
_struct_conn.pdbx_ptnr2_label_alt_id 
_struct_conn.pdbx_ptnr2_PDB_ins_code 
_struct_conn.ptnr1_auth_asym_id 
_struct_conn.ptnr1_auth_comp_id 
_struct_conn.ptnr1_auth_seq_id 
_struct_conn.ptnr2_auth_asym_id 
_struct_conn.ptnr2_auth_comp_id 
_struct_conn.ptnr2_auth_seq_id 
_struct_conn.ptnr2_symmetry 
_struct_conn.pdbx_ptnr3_label_atom_id 
_struct_conn.pdbx_ptnr3_label_seq_id 
_struct_conn.pdbx_ptnr3_label_comp_id 
_struct_conn.pdbx_ptnr3_label_asym_id 
_struct_conn.pdbx_ptnr3_label_alt_id 
_struct_conn.pdbx_ptnr3_PDB_ins_code 
_struct_conn.details 
_struct_conn.pdbx_dist_value 
_struct_conn.pdbx_value_order 
_struct_conn.pdbx_role 
metalc1  metalc ? ? D MG  .  MG ? ? ? 1_555 G HOH .  O  ? ? A MG  104  A HOH 111  1_555 ? ? ? ? ? ? ?             2.156 ? ? 
metalc2  metalc ? ? D MG  .  MG ? ? ? 1_555 G HOH .  O  ? ? A MG  104  A HOH 112  1_555 ? ? ? ? ? ? ?             2.214 ? ? 
metalc3  metalc ? ? D MG  .  MG ? ? ? 1_555 G HOH .  O  ? ? A MG  104  A HOH 113  1_555 ? ? ? ? ? ? ?             1.922 ? ? 
metalc4  metalc ? ? D MG  .  MG ? ? ? 1_555 G HOH .  O  ? ? A MG  104  A HOH 114  1_555 ? ? ? ? ? ? ?             2.179 ? ? 
metalc5  metalc ? ? D MG  .  MG ? ? ? 1_555 G HOH .  O  ? ? A MG  104  A HOH 115  1_555 ? ? ? ? ? ? ?             2.159 ? ? 
metalc6  metalc ? ? D MG  .  MG ? ? ? 1_555 G HOH .  O  ? ? A MG  104  A HOH 116  1_555 ? ? ? ? ? ? ?             1.927 ? ? 
metalc7  metalc ? ? G HOH .  O  ? ? ? 1_555 F MG  .  MG ? ? A HOH 109  B MG  103  1_555 ? ? ? ? ? ? ?             2.001 ? ? 
metalc8  metalc ? ? F MG  .  MG ? ? ? 1_555 H HOH .  O  ? ? B MG  103  B HOH 105  1_555 ? ? ? ? ? ? ?             2.245 ? ? 
metalc9  metalc ? ? F MG  .  MG ? ? ? 1_555 H HOH .  O  ? ? B MG  103  B HOH 106  1_555 ? ? ? ? ? ? ?             2.015 ? ? 
metalc10 metalc ? ? F MG  .  MG ? ? ? 1_555 H HOH .  O  ? ? B MG  103  B HOH 107  1_555 ? ? ? ? ? ? ?             2.116 ? ? 
metalc11 metalc ? ? F MG  .  MG ? ? ? 1_555 H HOH .  O  ? ? B MG  103  B HOH 108  1_555 ? ? ? ? ? ? ?             2.004 ? ? 
metalc12 metalc ? ? F MG  .  MG ? ? ? 1_555 H HOH .  O  ? ? B MG  103  B HOH 110  1_555 ? ? ? ? ? ? ?             2.169 ? ? 
hydrog1  hydrog ? ? A G   1  N1 ? ? ? 1_555 B C   16 N3 ? ? A G   2    B C   99   1_555 ? ? ? ? ? ? WATSON-CRICK  ?     ? ? 
hydrog2  hydrog ? ? A G   1  N2 ? ? ? 1_555 B C   16 O2 ? ? A G   2    B C   99   1_555 ? ? ? ? ? ? WATSON-CRICK  ?     ? ? 
hydrog3  hydrog ? ? A G   1  O6 ? ? ? 1_555 B C   16 N4 ? ? A G   2    B C   99   1_555 ? ? ? ? ? ? WATSON-CRICK  ?     ? ? 
hydrog4  hydrog ? ? A G   2  N1 ? ? ? 1_555 B C   15 N3 ? ? A G   3    B C   98   1_555 ? ? ? ? ? ? WATSON-CRICK  ?     ? ? 
hydrog5  hydrog ? ? A G   2  N2 ? ? ? 1_555 B C   15 O2 ? ? A G   3    B C   98   1_555 ? ? ? ? ? ? WATSON-CRICK  ?     ? ? 
hydrog6  hydrog ? ? A G   2  O6 ? ? ? 1_555 B C   15 N4 ? ? A G   3    B C   98   1_555 ? ? ? ? ? ? WATSON-CRICK  ?     ? ? 
hydrog7  hydrog ? ? A C   3  N3 ? ? ? 1_555 B G   14 N1 ? ? A C   1404 B G   1497 1_555 ? ? ? ? ? ? WATSON-CRICK  ?     ? ? 
hydrog8  hydrog ? ? A C   3  N4 ? ? ? 1_555 B G   14 O6 ? ? A C   1404 B G   1497 1_555 ? ? ? ? ? ? WATSON-CRICK  ?     ? ? 
hydrog9  hydrog ? ? A C   3  O2 ? ? ? 1_555 B G   14 N2 ? ? A C   1404 B G   1497 1_555 ? ? ? ? ? ? WATSON-CRICK  ?     ? ? 
hydrog10 hydrog ? ? A G   4  N1 ? ? ? 1_555 B C   13 N3 ? ? A G   1405 B C   1496 1_555 ? ? ? ? ? ? WATSON-CRICK  ?     ? ? 
hydrog11 hydrog ? ? A G   4  N2 ? ? ? 1_555 B C   13 O2 ? ? A G   1405 B C   1496 1_555 ? ? ? ? ? ? WATSON-CRICK  ?     ? ? 
hydrog12 hydrog ? ? A G   4  O6 ? ? ? 1_555 B C   13 N4 ? ? A G   1405 B C   1496 1_555 ? ? ? ? ? ? WATSON-CRICK  ?     ? ? 
hydrog13 hydrog ? ? A U   5  N3 ? ? ? 1_555 B U   12 O2 ? ? A U   1406 B U   1495 1_555 ? ? ? ? ? ? TYPE_16_PAIR  ?     ? ? 
hydrog14 hydrog ? ? A U   5  O4 ? ? ? 1_555 B U   12 N3 ? ? A U   1406 B U   1495 1_555 ? ? ? ? ? ? TYPE_16_PAIR  ?     ? ? 
hydrog15 hydrog ? ? A C   6  N3 ? ? ? 1_555 B G   11 N1 ? ? A C   1407 B G   1494 1_555 ? ? ? ? ? ? WATSON-CRICK  ?     ? ? 
hydrog16 hydrog ? ? A C   6  N4 ? ? ? 1_555 B G   11 O6 ? ? A C   1407 B G   1494 1_555 ? ? ? ? ? ? WATSON-CRICK  ?     ? ? 
hydrog17 hydrog ? ? A C   6  O2 ? ? ? 1_555 B G   11 N2 ? ? A C   1407 B G   1494 1_555 ? ? ? ? ? ? WATSON-CRICK  ?     ? ? 
hydrog18 hydrog ? ? A G   7  N2 ? ? ? 1_555 B A   10 N7 ? ? A G   1408 B A   1493 1_555 ? ? ? ? ? ? 'G-A MISPAIR' ?     ? ? 
hydrog19 hydrog ? ? A C   8  N4 ? ? ? 1_555 B A   9  N3 ? ? A C   1409 B A   1492 1_555 ? ? ? ? ? ? 'C-A MISPAIR' ?     ? ? 
hydrog20 hydrog ? ? A U   9  N3 ? ? ? 1_555 B A   7  N1 ? ? A U   1410 B A   1490 1_555 ? ? ? ? ? ? WATSON-CRICK  ?     ? ? 
hydrog21 hydrog ? ? A U   9  O4 ? ? ? 1_555 B A   7  N6 ? ? A U   1410 B A   1490 1_555 ? ? ? ? ? ? WATSON-CRICK  ?     ? ? 
hydrog22 hydrog ? ? A A   10 N1 ? ? ? 1_555 B U   6  N3 ? ? A A   1411 B U   1489 1_555 ? ? ? ? ? ? WATSON-CRICK  ?     ? ? 
hydrog23 hydrog ? ? A A   10 N6 ? ? ? 1_555 B U   6  O4 ? ? A A   1411 B U   1489 1_555 ? ? ? ? ? ? WATSON-CRICK  ?     ? ? 
hydrog24 hydrog ? ? A G   11 N1 ? ? ? 1_555 B C   5  N3 ? ? A G   1412 B C   1488 1_555 ? ? ? ? ? ? WATSON-CRICK  ?     ? ? 
hydrog25 hydrog ? ? A G   11 N2 ? ? ? 1_555 B C   5  O2 ? ? A G   1412 B C   1488 1_555 ? ? ? ? ? ? WATSON-CRICK  ?     ? ? 
hydrog26 hydrog ? ? A G   11 O6 ? ? ? 1_555 B C   5  N4 ? ? A G   1412 B C   1488 1_555 ? ? ? ? ? ? WATSON-CRICK  ?     ? ? 
hydrog27 hydrog ? ? A U   12 N3 ? ? ? 1_555 B A   4  N1 ? ? A U   1413 B A   1487 1_555 ? ? ? ? ? ? WATSON-CRICK  ?     ? ? 
hydrog28 hydrog ? ? A U   12 O4 ? ? ? 1_555 B A   4  N6 ? ? A U   1413 B A   1487 1_555 ? ? ? ? ? ? WATSON-CRICK  ?     ? ? 
hydrog29 hydrog ? ? A A   13 N1 ? ? ? 1_555 B U   3  N3 ? ? A A   14   B U   86   1_555 ? ? ? ? ? ? WATSON-CRICK  ?     ? ? 
hydrog30 hydrog ? ? A A   13 N6 ? ? ? 1_555 B U   3  O4 ? ? A A   14   B U   86   1_555 ? ? ? ? ? ? WATSON-CRICK  ?     ? ? 
hydrog31 hydrog ? ? A C   14 N3 ? ? ? 1_555 B G   2  N1 ? ? A C   15   B G   85   1_555 ? ? ? ? ? ? WATSON-CRICK  ?     ? ? 
hydrog32 hydrog ? ? A C   14 N4 ? ? ? 1_555 B G   2  O6 ? ? A C   15   B G   85   1_555 ? ? ? ? ? ? WATSON-CRICK  ?     ? ? 
hydrog33 hydrog ? ? A C   14 O2 ? ? ? 1_555 B G   2  N2 ? ? A C   15   B G   85   1_555 ? ? ? ? ? ? WATSON-CRICK  ?     ? ? 
hydrog34 hydrog ? ? A C   15 N3 ? ? ? 1_555 B G   1  N1 ? ? A C   16   B G   84   1_555 ? ? ? ? ? ? WATSON-CRICK  ?     ? ? 
hydrog35 hydrog ? ? A C   15 N4 ? ? ? 1_555 B G   1  O6 ? ? A C   16   B G   84   1_555 ? ? ? ? ? ? WATSON-CRICK  ?     ? ? 
hydrog36 hydrog ? ? A C   15 O2 ? ? ? 1_555 B G   1  N2 ? ? A C   16   B G   84   1_555 ? ? ? ? ? ? WATSON-CRICK  ?     ? ? 
# 
loop_
_struct_conn_type.id 
_struct_conn_type.criteria 
_struct_conn_type.reference 
metalc ? ? 
hydrog ? ? 
# 
loop_
_pdbx_struct_conn_angle.id 
_pdbx_struct_conn_angle.ptnr1_label_atom_id 
_pdbx_struct_conn_angle.ptnr1_label_alt_id 
_pdbx_struct_conn_angle.ptnr1_label_asym_id 
_pdbx_struct_conn_angle.ptnr1_label_comp_id 
_pdbx_struct_conn_angle.ptnr1_label_seq_id 
_pdbx_struct_conn_angle.ptnr1_auth_atom_id 
_pdbx_struct_conn_angle.ptnr1_auth_asym_id 
_pdbx_struct_conn_angle.ptnr1_auth_comp_id 
_pdbx_struct_conn_angle.ptnr1_auth_seq_id 
_pdbx_struct_conn_angle.ptnr1_PDB_ins_code 
_pdbx_struct_conn_angle.ptnr1_symmetry 
_pdbx_struct_conn_angle.ptnr2_label_atom_id 
_pdbx_struct_conn_angle.ptnr2_label_alt_id 
_pdbx_struct_conn_angle.ptnr2_label_asym_id 
_pdbx_struct_conn_angle.ptnr2_label_comp_id 
_pdbx_struct_conn_angle.ptnr2_label_seq_id 
_pdbx_struct_conn_angle.ptnr2_auth_atom_id 
_pdbx_struct_conn_angle.ptnr2_auth_asym_id 
_pdbx_struct_conn_angle.ptnr2_auth_comp_id 
_pdbx_struct_conn_angle.ptnr2_auth_seq_id 
_pdbx_struct_conn_angle.ptnr2_PDB_ins_code 
_pdbx_struct_conn_angle.ptnr2_symmetry 
_pdbx_struct_conn_angle.ptnr3_label_atom_id 
_pdbx_struct_conn_angle.ptnr3_label_alt_id 
_pdbx_struct_conn_angle.ptnr3_label_asym_id 
_pdbx_struct_conn_angle.ptnr3_label_comp_id 
_pdbx_struct_conn_angle.ptnr3_label_seq_id 
_pdbx_struct_conn_angle.ptnr3_auth_atom_id 
_pdbx_struct_conn_angle.ptnr3_auth_asym_id 
_pdbx_struct_conn_angle.ptnr3_auth_comp_id 
_pdbx_struct_conn_angle.ptnr3_auth_seq_id 
_pdbx_struct_conn_angle.ptnr3_PDB_ins_code 
_pdbx_struct_conn_angle.ptnr3_symmetry 
_pdbx_struct_conn_angle.value 
_pdbx_struct_conn_angle.value_esd 
1  O ? G HOH . ? A HOH 111 ? 1_555 MG ? D MG . ? A MG 104 ? 1_555 O ? G HOH . ? A HOH 112 ? 1_555 93.2  ? 
2  O ? G HOH . ? A HOH 111 ? 1_555 MG ? D MG . ? A MG 104 ? 1_555 O ? G HOH . ? A HOH 113 ? 1_555 83.1  ? 
3  O ? G HOH . ? A HOH 112 ? 1_555 MG ? D MG . ? A MG 104 ? 1_555 O ? G HOH . ? A HOH 113 ? 1_555 89.7  ? 
4  O ? G HOH . ? A HOH 111 ? 1_555 MG ? D MG . ? A MG 104 ? 1_555 O ? G HOH . ? A HOH 114 ? 1_555 172.4 ? 
5  O ? G HOH . ? A HOH 112 ? 1_555 MG ? D MG . ? A MG 104 ? 1_555 O ? G HOH . ? A HOH 114 ? 1_555 94.5  ? 
6  O ? G HOH . ? A HOH 113 ? 1_555 MG ? D MG . ? A MG 104 ? 1_555 O ? G HOH . ? A HOH 114 ? 1_555 96.9  ? 
7  O ? G HOH . ? A HOH 111 ? 1_555 MG ? D MG . ? A MG 104 ? 1_555 O ? G HOH . ? A HOH 115 ? 1_555 85.9  ? 
8  O ? G HOH . ? A HOH 112 ? 1_555 MG ? D MG . ? A MG 104 ? 1_555 O ? G HOH . ? A HOH 115 ? 1_555 173.5 ? 
9  O ? G HOH . ? A HOH 113 ? 1_555 MG ? D MG . ? A MG 104 ? 1_555 O ? G HOH . ? A HOH 115 ? 1_555 83.8  ? 
10 O ? G HOH . ? A HOH 114 ? 1_555 MG ? D MG . ? A MG 104 ? 1_555 O ? G HOH . ? A HOH 115 ? 1_555 86.5  ? 
11 O ? G HOH . ? A HOH 111 ? 1_555 MG ? D MG . ? A MG 104 ? 1_555 O ? G HOH . ? A HOH 116 ? 1_555 82.2  ? 
12 O ? G HOH . ? A HOH 112 ? 1_555 MG ? D MG . ? A MG 104 ? 1_555 O ? G HOH . ? A HOH 116 ? 1_555 92.4  ? 
13 O ? G HOH . ? A HOH 113 ? 1_555 MG ? D MG . ? A MG 104 ? 1_555 O ? G HOH . ? A HOH 116 ? 1_555 165.2 ? 
14 O ? G HOH . ? A HOH 114 ? 1_555 MG ? D MG . ? A MG 104 ? 1_555 O ? G HOH . ? A HOH 116 ? 1_555 97.6  ? 
15 O ? G HOH . ? A HOH 115 ? 1_555 MG ? D MG . ? A MG 104 ? 1_555 O ? G HOH . ? A HOH 116 ? 1_555 93.9  ? 
16 O ? G HOH . ? A HOH 109 ? 1_555 MG ? F MG . ? B MG 103 ? 1_555 O ? H HOH . ? B HOH 105 ? 1_555 176.7 ? 
17 O ? G HOH . ? A HOH 109 ? 1_555 MG ? F MG . ? B MG 103 ? 1_555 O ? H HOH . ? B HOH 106 ? 1_555 93.3  ? 
18 O ? H HOH . ? B HOH 105 ? 1_555 MG ? F MG . ? B MG 103 ? 1_555 O ? H HOH . ? B HOH 106 ? 1_555 89.6  ? 
19 O ? G HOH . ? A HOH 109 ? 1_555 MG ? F MG . ? B MG 103 ? 1_555 O ? H HOH . ? B HOH 107 ? 1_555 91.2  ? 
20 O ? H HOH . ? B HOH 105 ? 1_555 MG ? F MG . ? B MG 103 ? 1_555 O ? H HOH . ? B HOH 107 ? 1_555 85.7  ? 
21 O ? H HOH . ? B HOH 106 ? 1_555 MG ? F MG . ? B MG 103 ? 1_555 O ? H HOH . ? B HOH 107 ? 1_555 171.4 ? 
22 O ? G HOH . ? A HOH 109 ? 1_555 MG ? F MG . ? B MG 103 ? 1_555 O ? H HOH . ? B HOH 108 ? 1_555 89.3  ? 
23 O ? H HOH . ? B HOH 105 ? 1_555 MG ? F MG . ? B MG 103 ? 1_555 O ? H HOH . ? B HOH 108 ? 1_555 89.2  ? 
24 O ? H HOH . ? B HOH 106 ? 1_555 MG ? F MG . ? B MG 103 ? 1_555 O ? H HOH . ? B HOH 108 ? 1_555 90.1  ? 
25 O ? H HOH . ? B HOH 107 ? 1_555 MG ? F MG . ? B MG 103 ? 1_555 O ? H HOH . ? B HOH 108 ? 1_555 82.6  ? 
26 O ? G HOH . ? A HOH 109 ? 1_555 MG ? F MG . ? B MG 103 ? 1_555 O ? H HOH . ? B HOH 110 ? 1_555 87.5  ? 
27 O ? H HOH . ? B HOH 105 ? 1_555 MG ? F MG . ? B MG 103 ? 1_555 O ? H HOH . ? B HOH 110 ? 1_555 94.0  ? 
28 O ? H HOH . ? B HOH 106 ? 1_555 MG ? F MG . ? B MG 103 ? 1_555 O ? H HOH . ? B HOH 110 ? 1_555 89.5  ? 
29 O ? H HOH . ? B HOH 107 ? 1_555 MG ? F MG . ? B MG 103 ? 1_555 O ? H HOH . ? B HOH 110 ? 1_555 98.0  ? 
30 O ? H HOH . ? B HOH 108 ? 1_555 MG ? F MG . ? B MG 103 ? 1_555 O ? H HOH . ? B HOH 110 ? 1_555 176.8 ? 
# 
loop_
_struct_site.id 
_struct_site.pdbx_evidence_code 
_struct_site.pdbx_auth_asym_id 
_struct_site.pdbx_auth_comp_id 
_struct_site.pdbx_auth_seq_id 
_struct_site.pdbx_auth_ins_code 
_struct_site.pdbx_num_residues 
_struct_site.details 
AC1 Software B AM2 101 ? 24 'BINDING SITE FOR RESIDUE AM2 B 101' 
AC2 Software A SO4 102 ? 8  'BINDING SITE FOR RESIDUE SO4 A 102' 
AC3 Software B MG  103 ? 6  'BINDING SITE FOR RESIDUE MG B 103'  
AC4 Software A MG  104 ? 6  'BINDING SITE FOR RESIDUE MG A 104'  
1   ?        ? ?   ?   ? ?  ?                                    
# 
loop_
_struct_site_gen.id 
_struct_site_gen.site_id 
_struct_site_gen.pdbx_num_res 
_struct_site_gen.label_comp_id 
_struct_site_gen.label_asym_id 
_struct_site_gen.label_seq_id 
_struct_site_gen.pdbx_auth_ins_code 
_struct_site_gen.auth_comp_id 
_struct_site_gen.auth_asym_id 
_struct_site_gen.auth_seq_id 
_struct_site_gen.label_atom_id 
_struct_site_gen.label_alt_id 
_struct_site_gen.symmetry 
_struct_site_gen.details 
1  AC1 24 SO4 C .  ? SO4 A 102  . ? 1_555 ? 
2  AC1 24 HOH G .  ? HOH A 130  . ? 1_555 ? 
3  AC1 24 HOH G .  ? HOH A 143  . ? 1_555 ? 
4  AC1 24 HOH G .  ? HOH A 200  . ? 1_555 ? 
5  AC1 24 G   A 7  ? G   A 1408 . ? 1_555 ? 
6  AC1 24 C   A 8  ? C   A 1409 . ? 1_555 ? 
7  AC1 24 U   A 9  ? U   A 1410 . ? 1_555 ? 
8  AC1 24 A   A 10 ? A   A 1411 . ? 1_555 ? 
9  AC1 24 G   A 11 ? G   A 1412 . ? 1_555 ? 
10 AC1 24 U   A 12 ? U   A 1413 . ? 1_555 ? 
11 AC1 24 G   B 1  ? G   B 84   . ? 1_555 ? 
12 AC1 24 G   B 2  ? G   B 85   . ? 1_555 ? 
13 AC1 24 U   B 3  ? U   B 86   . ? 1_555 ? 
14 AC1 24 C   B 17 ? C   B 100  . ? 2_655 ? 
15 AC1 24 HOH H .  ? HOH B 118  . ? 1_555 ? 
16 AC1 24 HOH H .  ? HOH B 119  . ? 1_555 ? 
17 AC1 24 HOH H .  ? HOH B 131  . ? 1_555 ? 
18 AC1 24 HOH H .  ? HOH B 134  . ? 1_555 ? 
19 AC1 24 HOH H .  ? HOH B 157  . ? 1_555 ? 
20 AC1 24 HOH H .  ? HOH B 170  . ? 1_555 ? 
21 AC1 24 HOH H .  ? HOH B 194  . ? 1_555 ? 
22 AC1 24 A   B 4  ? A   B 1487 . ? 1_555 ? 
23 AC1 24 C   B 5  ? C   B 1488 . ? 1_555 ? 
24 AC1 24 U   B 6  ? U   B 1489 . ? 1_555 ? 
25 AC2 8  C   A 15 ? C   A 16   . ? 1_555 ? 
26 AC2 8  G   A 16 ? G   A 17   . ? 1_555 ? 
27 AC2 8  HOH G .  ? HOH A 111  . ? 2_655 ? 
28 AC2 8  HOH G .  ? HOH A 149  . ? 1_555 ? 
29 AC2 8  G   B 1  ? G   B 84   . ? 1_555 ? 
30 AC2 8  C   B 16 ? C   B 99   . ? 2_655 ? 
31 AC2 8  C   B 17 ? C   B 100  . ? 2_655 ? 
32 AC2 8  AM2 E .  ? AM2 B 101  . ? 1_555 ? 
33 AC3 6  HOH G .  ? HOH A 109  . ? 1_555 ? 
34 AC3 6  HOH H .  ? HOH B 105  . ? 1_555 ? 
35 AC3 6  HOH H .  ? HOH B 106  . ? 1_555 ? 
36 AC3 6  HOH H .  ? HOH B 107  . ? 1_555 ? 
37 AC3 6  HOH H .  ? HOH B 108  . ? 1_555 ? 
38 AC3 6  HOH H .  ? HOH B 110  . ? 1_555 ? 
39 AC4 6  HOH G .  ? HOH A 111  . ? 1_555 ? 
40 AC4 6  HOH G .  ? HOH A 112  . ? 1_555 ? 
41 AC4 6  HOH G .  ? HOH A 113  . ? 1_555 ? 
42 AC4 6  HOH G .  ? HOH A 114  . ? 1_555 ? 
43 AC4 6  HOH G .  ? HOH A 115  . ? 1_555 ? 
44 AC4 6  HOH G .  ? HOH A 116  . ? 1_555 ? 
# 
loop_
_pdbx_validate_rmsd_bond.id 
_pdbx_validate_rmsd_bond.PDB_model_num 
_pdbx_validate_rmsd_bond.auth_atom_id_1 
_pdbx_validate_rmsd_bond.auth_asym_id_1 
_pdbx_validate_rmsd_bond.auth_comp_id_1 
_pdbx_validate_rmsd_bond.auth_seq_id_1 
_pdbx_validate_rmsd_bond.PDB_ins_code_1 
_pdbx_validate_rmsd_bond.label_alt_id_1 
_pdbx_validate_rmsd_bond.auth_atom_id_2 
_pdbx_validate_rmsd_bond.auth_asym_id_2 
_pdbx_validate_rmsd_bond.auth_comp_id_2 
_pdbx_validate_rmsd_bond.auth_seq_id_2 
_pdbx_validate_rmsd_bond.PDB_ins_code_2 
_pdbx_validate_rmsd_bond.label_alt_id_2 
_pdbx_validate_rmsd_bond.bond_value 
_pdbx_validate_rmsd_bond.bond_target_value 
_pdbx_validate_rmsd_bond.bond_deviation 
_pdbx_validate_rmsd_bond.bond_standard_deviation 
_pdbx_validate_rmsd_bond.linker_flag 
1 1 "O3'" A C 1404 ? ? "C3'" A C 1404 ? ? 1.502 1.427 0.075  0.012 N 
2 1 "O5'" B G 1494 ? ? "C5'" B G 1494 ? ? 1.358 1.420 -0.062 0.009 N 
# 
_pdbx_validate_rmsd_angle.id                         1 
_pdbx_validate_rmsd_angle.PDB_model_num              1 
_pdbx_validate_rmsd_angle.auth_atom_id_1             "C3'" 
_pdbx_validate_rmsd_angle.auth_asym_id_1             B 
_pdbx_validate_rmsd_angle.auth_comp_id_1             A 
_pdbx_validate_rmsd_angle.auth_seq_id_1              1491 
_pdbx_validate_rmsd_angle.PDB_ins_code_1             ? 
_pdbx_validate_rmsd_angle.label_alt_id_1             ? 
_pdbx_validate_rmsd_angle.auth_atom_id_2             "C2'" 
_pdbx_validate_rmsd_angle.auth_asym_id_2             B 
_pdbx_validate_rmsd_angle.auth_comp_id_2             A 
_pdbx_validate_rmsd_angle.auth_seq_id_2              1491 
_pdbx_validate_rmsd_angle.PDB_ins_code_2             ? 
_pdbx_validate_rmsd_angle.label_alt_id_2             ? 
_pdbx_validate_rmsd_angle.auth_atom_id_3             "C1'" 
_pdbx_validate_rmsd_angle.auth_asym_id_3             B 
_pdbx_validate_rmsd_angle.auth_comp_id_3             A 
_pdbx_validate_rmsd_angle.auth_seq_id_3              1491 
_pdbx_validate_rmsd_angle.PDB_ins_code_3             ? 
_pdbx_validate_rmsd_angle.label_alt_id_3             ? 
_pdbx_validate_rmsd_angle.angle_value                96.86 
_pdbx_validate_rmsd_angle.angle_target_value         101.30 
_pdbx_validate_rmsd_angle.angle_deviation            -4.44 
_pdbx_validate_rmsd_angle.angle_standard_deviation   0.70 
_pdbx_validate_rmsd_angle.linker_flag                N 
# 
_struct_site_keywords.site_id   1 
_struct_site_keywords.text      'major groove binder' 
# 
_pdbx_refine_tls.id               1 
_pdbx_refine_tls.details          ? 
_pdbx_refine_tls.method           refined 
_pdbx_refine_tls.origin_x         0.0550 
_pdbx_refine_tls.origin_y         -0.0008 
_pdbx_refine_tls.origin_z         0.0852 
_pdbx_refine_tls.T[1][1]          0.0783 
_pdbx_refine_tls.T[2][2]          0.0108 
_pdbx_refine_tls.T[3][3]          0.0342 
_pdbx_refine_tls.T[1][2]          0.0261 
_pdbx_refine_tls.T[1][3]          -0.0061 
_pdbx_refine_tls.T[2][3]          0.0063 
_pdbx_refine_tls.L[1][1]          1.3220 
_pdbx_refine_tls.L[2][2]          0.2326 
_pdbx_refine_tls.L[3][3]          1.6949 
_pdbx_refine_tls.L[1][2]          -0.0393 
_pdbx_refine_tls.L[1][3]          0.5336 
_pdbx_refine_tls.L[2][3]          0.1492 
_pdbx_refine_tls.S[1][1]          -0.0753 
_pdbx_refine_tls.S[1][2]          0.0094 
_pdbx_refine_tls.S[1][3]          0.1128 
_pdbx_refine_tls.S[2][1]          -0.0721 
_pdbx_refine_tls.S[2][2]          -0.0682 
_pdbx_refine_tls.S[2][3]          0.0126 
_pdbx_refine_tls.S[3][1]          -0.1505 
_pdbx_refine_tls.S[3][2]          -0.0527 
_pdbx_refine_tls.S[3][3]          0.1436 
_pdbx_refine_tls.pdbx_refine_id   'X-RAY DIFFRACTION' 
# 
loop_
_pdbx_refine_tls_group.id 
_pdbx_refine_tls_group.refine_tls_id 
_pdbx_refine_tls_group.beg_auth_asym_id 
_pdbx_refine_tls_group.beg_auth_seq_id 
_pdbx_refine_tls_group.beg_label_asym_id 
_pdbx_refine_tls_group.beg_label_seq_id 
_pdbx_refine_tls_group.end_auth_asym_id 
_pdbx_refine_tls_group.end_auth_seq_id 
_pdbx_refine_tls_group.end_label_asym_id 
_pdbx_refine_tls_group.end_label_seq_id 
_pdbx_refine_tls_group.selection 
_pdbx_refine_tls_group.pdbx_refine_id 
_pdbx_refine_tls_group.selection_details 
1 1 A 2    A 1  A 3    A 2  ? 'X-RAY DIFFRACTION' ? 
2 1 A 1404 A 3  A 1413 A 12 ? 'X-RAY DIFFRACTION' ? 
3 1 A 14   A 13 A 17   A 16 ? 'X-RAY DIFFRACTION' ? 
4 1 B 84   B 1  B 86   B 3  ? 'X-RAY DIFFRACTION' ? 
5 1 B 1487 B 4  B 1497 B 14 ? 'X-RAY DIFFRACTION' ? 
6 1 B 98   B 15 B 100  B 17 ? 'X-RAY DIFFRACTION' ? 
7 1 B 101  C ?  B 268  H ?  ? 'X-RAY DIFFRACTION' ? 
# 
_pdbx_database_remark.id     999 
_pdbx_database_remark.text   
;SEQUENCE
THE RESIDUES THAT ARE NATURALLY OCCURING IN THE HUMAN
RIBOSOMAL DECODING A SITE ARE NUMBERED 1404-1413 (CHAIN A)
AND 1487-1497 (CHAIN B). THIS NUMBERING IS ADAPTED FROM
THE BACTERIAL ESCHERICHIA COLI SEQUENCE. IN BOTH STRANDS
TERMINAL RESIDUES  ARE DISTINCT FROM HUMAN AND
WERE INCORPORATED FOR CRYSTALLIZATION PURPOSES. THE
INCORPORATED RESIDUES ARE NUMBERED 2-3, 14-17 (CHAIN A)
AND 84-86,98-100 (CHAIN B).
;
# 
loop_
_chem_comp_atom.comp_id 
_chem_comp_atom.atom_id 
_chem_comp_atom.type_symbol 
_chem_comp_atom.pdbx_aromatic_flag 
_chem_comp_atom.pdbx_stereo_config 
_chem_comp_atom.pdbx_ordinal 
A   OP3    O  N N 1   
A   P      P  N N 2   
A   OP1    O  N N 3   
A   OP2    O  N N 4   
A   "O5'"  O  N N 5   
A   "C5'"  C  N N 6   
A   "C4'"  C  N R 7   
A   "O4'"  O  N N 8   
A   "C3'"  C  N S 9   
A   "O3'"  O  N N 10  
A   "C2'"  C  N R 11  
A   "O2'"  O  N N 12  
A   "C1'"  C  N R 13  
A   N9     N  Y N 14  
A   C8     C  Y N 15  
A   N7     N  Y N 16  
A   C5     C  Y N 17  
A   C6     C  Y N 18  
A   N6     N  N N 19  
A   N1     N  Y N 20  
A   C2     C  Y N 21  
A   N3     N  Y N 22  
A   C4     C  Y N 23  
A   HOP3   H  N N 24  
A   HOP2   H  N N 25  
A   "H5'"  H  N N 26  
A   "H5''" H  N N 27  
A   "H4'"  H  N N 28  
A   "H3'"  H  N N 29  
A   "HO3'" H  N N 30  
A   "H2'"  H  N N 31  
A   "HO2'" H  N N 32  
A   "H1'"  H  N N 33  
A   H8     H  N N 34  
A   H61    H  N N 35  
A   H62    H  N N 36  
A   H2     H  N N 37  
AM2 CA1    C  N S 38  
AM2 CA2    C  N R 39  
AM2 CA3    C  N N 40  
AM2 CA4    C  N S 41  
AM2 CA5    C  N R 42  
AM2 CA6    C  N R 43  
AM2 CA7    C  N S 44  
AM2 CA8    C  N R 45  
AM2 CA9    C  N N 46  
AM2 OA4    O  N N 47  
AM2 OA5    O  N N 48  
AM2 NA2    N  N N 49  
AM2 NA7    N  N N 50  
AM2 OA6    O  N N 51  
AM2 OA8    O  N N 52  
AM2 OA1    O  N N 53  
AM2 CB1    C  N R 54  
AM2 CB2    C  N R 55  
AM2 CB3    C  N S 56  
AM2 CB4    C  N S 57  
AM2 CB5    C  N S 58  
AM2 CB6    C  N N 59  
AM2 OB1    O  N N 60  
AM2 NB4    N  N N 61  
AM2 OB2    O  N N 62  
AM2 OB3    O  N N 63  
AM2 OB6    O  N N 64  
AM2 CC1    C  N R 65  
AM2 CC2    C  N R 66  
AM2 CC3    C  N S 67  
AM2 CC4    C  N R 68  
AM2 CC5    C  N N 69  
AM2 CC6    C  N S 70  
AM2 NC4    N  N N 71  
AM2 NC6    N  N N 72  
AM2 OC2    O  N N 73  
AM2 OC3    O  N N 74  
AM2 HA1    H  N N 75  
AM2 HA2    H  N N 76  
AM2 HA31   H  N N 77  
AM2 HA32   H  N N 78  
AM2 HA4    H  N N 79  
AM2 HA5    H  N N 80  
AM2 HA6    H  N N 81  
AM2 HA7    H  N N 82  
AM2 HA8    H  N N 83  
AM2 HA91   H  N N 84  
AM2 HA92   H  N N 85  
AM2 HA93   H  N N 86  
AM2 HA21   H  N N 87  
AM2 HA22   H  N N 88  
AM2 H2     H  N N 89  
AM2 H1     H  N N 90  
AM2 HB1    H  N N 91  
AM2 HB2    H  N N 92  
AM2 HB3    H  N N 93  
AM2 HB4    H  N N 94  
AM2 HB5    H  N N 95  
AM2 HB61   H  N N 96  
AM2 HB62   H  N N 97  
AM2 HB41   H  N N 98  
AM2 HB42   H  N N 99  
AM2 H5     H  N N 100 
AM2 H6     H  N N 101 
AM2 HB6    H  N N 102 
AM2 HC1    H  N N 103 
AM2 HC2    H  N N 104 
AM2 HC3    H  N N 105 
AM2 HC4    H  N N 106 
AM2 HC51   H  N N 107 
AM2 HC52   H  N N 108 
AM2 HC6    H  N N 109 
AM2 HC41   H  N N 110 
AM2 HC42   H  N N 111 
AM2 HC61   H  N N 112 
AM2 HC62   H  N N 113 
AM2 H3     H  N N 114 
AM2 H4     H  N N 115 
C   OP3    O  N N 116 
C   P      P  N N 117 
C   OP1    O  N N 118 
C   OP2    O  N N 119 
C   "O5'"  O  N N 120 
C   "C5'"  C  N N 121 
C   "C4'"  C  N R 122 
C   "O4'"  O  N N 123 
C   "C3'"  C  N S 124 
C   "O3'"  O  N N 125 
C   "C2'"  C  N R 126 
C   "O2'"  O  N N 127 
C   "C1'"  C  N R 128 
C   N1     N  N N 129 
C   C2     C  N N 130 
C   O2     O  N N 131 
C   N3     N  N N 132 
C   C4     C  N N 133 
C   N4     N  N N 134 
C   C5     C  N N 135 
C   C6     C  N N 136 
C   HOP3   H  N N 137 
C   HOP2   H  N N 138 
C   "H5'"  H  N N 139 
C   "H5''" H  N N 140 
C   "H4'"  H  N N 141 
C   "H3'"  H  N N 142 
C   "HO3'" H  N N 143 
C   "H2'"  H  N N 144 
C   "HO2'" H  N N 145 
C   "H1'"  H  N N 146 
C   H41    H  N N 147 
C   H42    H  N N 148 
C   H5     H  N N 149 
C   H6     H  N N 150 
G   OP3    O  N N 151 
G   P      P  N N 152 
G   OP1    O  N N 153 
G   OP2    O  N N 154 
G   "O5'"  O  N N 155 
G   "C5'"  C  N N 156 
G   "C4'"  C  N R 157 
G   "O4'"  O  N N 158 
G   "C3'"  C  N S 159 
G   "O3'"  O  N N 160 
G   "C2'"  C  N R 161 
G   "O2'"  O  N N 162 
G   "C1'"  C  N R 163 
G   N9     N  Y N 164 
G   C8     C  Y N 165 
G   N7     N  Y N 166 
G   C5     C  Y N 167 
G   C6     C  N N 168 
G   O6     O  N N 169 
G   N1     N  N N 170 
G   C2     C  N N 171 
G   N2     N  N N 172 
G   N3     N  N N 173 
G   C4     C  Y N 174 
G   HOP3   H  N N 175 
G   HOP2   H  N N 176 
G   "H5'"  H  N N 177 
G   "H5''" H  N N 178 
G   "H4'"  H  N N 179 
G   "H3'"  H  N N 180 
G   "HO3'" H  N N 181 
G   "H2'"  H  N N 182 
G   "HO2'" H  N N 183 
G   "H1'"  H  N N 184 
G   H8     H  N N 185 
G   H1     H  N N 186 
G   H21    H  N N 187 
G   H22    H  N N 188 
HOH O      O  N N 189 
HOH H1     H  N N 190 
HOH H2     H  N N 191 
MG  MG     MG N N 192 
SO4 S      S  N N 193 
SO4 O1     O  N N 194 
SO4 O2     O  N N 195 
SO4 O3     O  N N 196 
SO4 O4     O  N N 197 
U   OP3    O  N N 198 
U   P      P  N N 199 
U   OP1    O  N N 200 
U   OP2    O  N N 201 
U   "O5'"  O  N N 202 
U   "C5'"  C  N N 203 
U   "C4'"  C  N R 204 
U   "O4'"  O  N N 205 
U   "C3'"  C  N S 206 
U   "O3'"  O  N N 207 
U   "C2'"  C  N R 208 
U   "O2'"  O  N N 209 
U   "C1'"  C  N R 210 
U   N1     N  N N 211 
U   C2     C  N N 212 
U   O2     O  N N 213 
U   N3     N  N N 214 
U   C4     C  N N 215 
U   O4     O  N N 216 
U   C5     C  N N 217 
U   C6     C  N N 218 
U   HOP3   H  N N 219 
U   HOP2   H  N N 220 
U   "H5'"  H  N N 221 
U   "H5''" H  N N 222 
U   "H4'"  H  N N 223 
U   "H3'"  H  N N 224 
U   "HO3'" H  N N 225 
U   "H2'"  H  N N 226 
U   "HO2'" H  N N 227 
U   "H1'"  H  N N 228 
U   H3     H  N N 229 
U   H5     H  N N 230 
U   H6     H  N N 231 
# 
loop_
_chem_comp_bond.comp_id 
_chem_comp_bond.atom_id_1 
_chem_comp_bond.atom_id_2 
_chem_comp_bond.value_order 
_chem_comp_bond.pdbx_aromatic_flag 
_chem_comp_bond.pdbx_stereo_config 
_chem_comp_bond.pdbx_ordinal 
A   OP3   P      sing N N 1   
A   OP3   HOP3   sing N N 2   
A   P     OP1    doub N N 3   
A   P     OP2    sing N N 4   
A   P     "O5'"  sing N N 5   
A   OP2   HOP2   sing N N 6   
A   "O5'" "C5'"  sing N N 7   
A   "C5'" "C4'"  sing N N 8   
A   "C5'" "H5'"  sing N N 9   
A   "C5'" "H5''" sing N N 10  
A   "C4'" "O4'"  sing N N 11  
A   "C4'" "C3'"  sing N N 12  
A   "C4'" "H4'"  sing N N 13  
A   "O4'" "C1'"  sing N N 14  
A   "C3'" "O3'"  sing N N 15  
A   "C3'" "C2'"  sing N N 16  
A   "C3'" "H3'"  sing N N 17  
A   "O3'" "HO3'" sing N N 18  
A   "C2'" "O2'"  sing N N 19  
A   "C2'" "C1'"  sing N N 20  
A   "C2'" "H2'"  sing N N 21  
A   "O2'" "HO2'" sing N N 22  
A   "C1'" N9     sing N N 23  
A   "C1'" "H1'"  sing N N 24  
A   N9    C8     sing Y N 25  
A   N9    C4     sing Y N 26  
A   C8    N7     doub Y N 27  
A   C8    H8     sing N N 28  
A   N7    C5     sing Y N 29  
A   C5    C6     sing Y N 30  
A   C5    C4     doub Y N 31  
A   C6    N6     sing N N 32  
A   C6    N1     doub Y N 33  
A   N6    H61    sing N N 34  
A   N6    H62    sing N N 35  
A   N1    C2     sing Y N 36  
A   C2    N3     doub Y N 37  
A   C2    H2     sing N N 38  
A   N3    C4     sing Y N 39  
AM2 CA1   CA2    sing N N 40  
AM2 CA1   OA4    sing N N 41  
AM2 CA1   OA1    sing N N 42  
AM2 CA1   HA1    sing N N 43  
AM2 CA2   CA3    sing N N 44  
AM2 CA2   NA2    sing N N 45  
AM2 CA2   HA2    sing N N 46  
AM2 CA3   CA4    sing N N 47  
AM2 CA3   HA31   sing N N 48  
AM2 CA3   HA32   sing N N 49  
AM2 CA4   CA5    sing N N 50  
AM2 CA4   OA5    sing N N 51  
AM2 CA4   HA4    sing N N 52  
AM2 CA5   CA6    sing N N 53  
AM2 CA5   OA4    sing N N 54  
AM2 CA5   HA5    sing N N 55  
AM2 CA6   CA7    sing N N 56  
AM2 CA6   OA6    sing N N 57  
AM2 CA6   HA6    sing N N 58  
AM2 CA7   CA8    sing N N 59  
AM2 CA7   NA7    sing N N 60  
AM2 CA7   HA7    sing N N 61  
AM2 CA8   OA5    sing N N 62  
AM2 CA8   OA8    sing N N 63  
AM2 CA8   HA8    sing N N 64  
AM2 CA9   NA7    sing N N 65  
AM2 CA9   HA91   sing N N 66  
AM2 CA9   HA92   sing N N 67  
AM2 CA9   HA93   sing N N 68  
AM2 NA2   HA21   sing N N 69  
AM2 NA2   HA22   sing N N 70  
AM2 NA7   H2     sing N N 71  
AM2 OA6   H1     sing N N 72  
AM2 OA8   CB1    sing N N 73  
AM2 OA1   CC1    sing N N 74  
AM2 CB1   CB2    sing N N 75  
AM2 CB1   OB1    sing N N 76  
AM2 CB1   HB1    sing N N 77  
AM2 CB2   CB3    sing N N 78  
AM2 CB2   OB2    sing N N 79  
AM2 CB2   HB2    sing N N 80  
AM2 CB3   CB4    sing N N 81  
AM2 CB3   OB3    sing N N 82  
AM2 CB3   HB3    sing N N 83  
AM2 CB4   CB5    sing N N 84  
AM2 CB4   NB4    sing N N 85  
AM2 CB4   HB4    sing N N 86  
AM2 CB5   CB6    sing N N 87  
AM2 CB5   OB1    sing N N 88  
AM2 CB5   HB5    sing N N 89  
AM2 CB6   OB6    sing N N 90  
AM2 CB6   HB61   sing N N 91  
AM2 CB6   HB62   sing N N 92  
AM2 NB4   HB41   sing N N 93  
AM2 NB4   HB42   sing N N 94  
AM2 OB2   H5     sing N N 95  
AM2 OB3   H6     sing N N 96  
AM2 OB6   HB6    sing N N 97  
AM2 CC1   CC2    sing N N 98  
AM2 CC1   CC6    sing N N 99  
AM2 CC1   HC1    sing N N 100 
AM2 CC2   CC3    sing N N 101 
AM2 CC2   OC2    sing N N 102 
AM2 CC2   HC2    sing N N 103 
AM2 CC3   CC4    sing N N 104 
AM2 CC3   OC3    sing N N 105 
AM2 CC3   HC3    sing N N 106 
AM2 CC4   CC5    sing N N 107 
AM2 CC4   NC4    sing N N 108 
AM2 CC4   HC4    sing N N 109 
AM2 CC5   CC6    sing N N 110 
AM2 CC5   HC51   sing N N 111 
AM2 CC5   HC52   sing N N 112 
AM2 CC6   NC6    sing N N 113 
AM2 CC6   HC6    sing N N 114 
AM2 NC4   HC41   sing N N 115 
AM2 NC4   HC42   sing N N 116 
AM2 NC6   HC61   sing N N 117 
AM2 NC6   HC62   sing N N 118 
AM2 OC2   H3     sing N N 119 
AM2 OC3   H4     sing N N 120 
C   OP3   P      sing N N 121 
C   OP3   HOP3   sing N N 122 
C   P     OP1    doub N N 123 
C   P     OP2    sing N N 124 
C   P     "O5'"  sing N N 125 
C   OP2   HOP2   sing N N 126 
C   "O5'" "C5'"  sing N N 127 
C   "C5'" "C4'"  sing N N 128 
C   "C5'" "H5'"  sing N N 129 
C   "C5'" "H5''" sing N N 130 
C   "C4'" "O4'"  sing N N 131 
C   "C4'" "C3'"  sing N N 132 
C   "C4'" "H4'"  sing N N 133 
C   "O4'" "C1'"  sing N N 134 
C   "C3'" "O3'"  sing N N 135 
C   "C3'" "C2'"  sing N N 136 
C   "C3'" "H3'"  sing N N 137 
C   "O3'" "HO3'" sing N N 138 
C   "C2'" "O2'"  sing N N 139 
C   "C2'" "C1'"  sing N N 140 
C   "C2'" "H2'"  sing N N 141 
C   "O2'" "HO2'" sing N N 142 
C   "C1'" N1     sing N N 143 
C   "C1'" "H1'"  sing N N 144 
C   N1    C2     sing N N 145 
C   N1    C6     sing N N 146 
C   C2    O2     doub N N 147 
C   C2    N3     sing N N 148 
C   N3    C4     doub N N 149 
C   C4    N4     sing N N 150 
C   C4    C5     sing N N 151 
C   N4    H41    sing N N 152 
C   N4    H42    sing N N 153 
C   C5    C6     doub N N 154 
C   C5    H5     sing N N 155 
C   C6    H6     sing N N 156 
G   OP3   P      sing N N 157 
G   OP3   HOP3   sing N N 158 
G   P     OP1    doub N N 159 
G   P     OP2    sing N N 160 
G   P     "O5'"  sing N N 161 
G   OP2   HOP2   sing N N 162 
G   "O5'" "C5'"  sing N N 163 
G   "C5'" "C4'"  sing N N 164 
G   "C5'" "H5'"  sing N N 165 
G   "C5'" "H5''" sing N N 166 
G   "C4'" "O4'"  sing N N 167 
G   "C4'" "C3'"  sing N N 168 
G   "C4'" "H4'"  sing N N 169 
G   "O4'" "C1'"  sing N N 170 
G   "C3'" "O3'"  sing N N 171 
G   "C3'" "C2'"  sing N N 172 
G   "C3'" "H3'"  sing N N 173 
G   "O3'" "HO3'" sing N N 174 
G   "C2'" "O2'"  sing N N 175 
G   "C2'" "C1'"  sing N N 176 
G   "C2'" "H2'"  sing N N 177 
G   "O2'" "HO2'" sing N N 178 
G   "C1'" N9     sing N N 179 
G   "C1'" "H1'"  sing N N 180 
G   N9    C8     sing Y N 181 
G   N9    C4     sing Y N 182 
G   C8    N7     doub Y N 183 
G   C8    H8     sing N N 184 
G   N7    C5     sing Y N 185 
G   C5    C6     sing N N 186 
G   C5    C4     doub Y N 187 
G   C6    O6     doub N N 188 
G   C6    N1     sing N N 189 
G   N1    C2     sing N N 190 
G   N1    H1     sing N N 191 
G   C2    N2     sing N N 192 
G   C2    N3     doub N N 193 
G   N2    H21    sing N N 194 
G   N2    H22    sing N N 195 
G   N3    C4     sing N N 196 
HOH O     H1     sing N N 197 
HOH O     H2     sing N N 198 
SO4 S     O1     doub N N 199 
SO4 S     O2     doub N N 200 
SO4 S     O3     sing N N 201 
SO4 S     O4     sing N N 202 
U   OP3   P      sing N N 203 
U   OP3   HOP3   sing N N 204 
U   P     OP1    doub N N 205 
U   P     OP2    sing N N 206 
U   P     "O5'"  sing N N 207 
U   OP2   HOP2   sing N N 208 
U   "O5'" "C5'"  sing N N 209 
U   "C5'" "C4'"  sing N N 210 
U   "C5'" "H5'"  sing N N 211 
U   "C5'" "H5''" sing N N 212 
U   "C4'" "O4'"  sing N N 213 
U   "C4'" "C3'"  sing N N 214 
U   "C4'" "H4'"  sing N N 215 
U   "O4'" "C1'"  sing N N 216 
U   "C3'" "O3'"  sing N N 217 
U   "C3'" "C2'"  sing N N 218 
U   "C3'" "H3'"  sing N N 219 
U   "O3'" "HO3'" sing N N 220 
U   "C2'" "O2'"  sing N N 221 
U   "C2'" "C1'"  sing N N 222 
U   "C2'" "H2'"  sing N N 223 
U   "O2'" "HO2'" sing N N 224 
U   "C1'" N1     sing N N 225 
U   "C1'" "H1'"  sing N N 226 
U   N1    C2     sing N N 227 
U   N1    C6     sing N N 228 
U   C2    O2     doub N N 229 
U   C2    N3     sing N N 230 
U   N3    C4     sing N N 231 
U   N3    H3     sing N N 232 
U   C4    O4     doub N N 233 
U   C4    C5     sing N N 234 
U   C5    C6     doub N N 235 
U   C5    H5     sing N N 236 
U   C6    H6     sing N N 237 
# 
loop_
_ndb_struct_conf_na.entry_id 
_ndb_struct_conf_na.feature 
2OE5 'double helix'         
2OE5 'a-form double helix'  
2OE5 'bulge loop'           
2OE5 'mismatched base pair' 
# 
loop_
_ndb_struct_na_base_pair.model_number 
_ndb_struct_na_base_pair.i_label_asym_id 
_ndb_struct_na_base_pair.i_label_comp_id 
_ndb_struct_na_base_pair.i_label_seq_id 
_ndb_struct_na_base_pair.i_symmetry 
_ndb_struct_na_base_pair.j_label_asym_id 
_ndb_struct_na_base_pair.j_label_comp_id 
_ndb_struct_na_base_pair.j_label_seq_id 
_ndb_struct_na_base_pair.j_symmetry 
_ndb_struct_na_base_pair.shear 
_ndb_struct_na_base_pair.stretch 
_ndb_struct_na_base_pair.stagger 
_ndb_struct_na_base_pair.buckle 
_ndb_struct_na_base_pair.propeller 
_ndb_struct_na_base_pair.opening 
_ndb_struct_na_base_pair.pair_number 
_ndb_struct_na_base_pair.pair_name 
_ndb_struct_na_base_pair.i_auth_asym_id 
_ndb_struct_na_base_pair.i_auth_seq_id 
_ndb_struct_na_base_pair.i_PDB_ins_code 
_ndb_struct_na_base_pair.j_auth_asym_id 
_ndb_struct_na_base_pair.j_auth_seq_id 
_ndb_struct_na_base_pair.j_PDB_ins_code 
_ndb_struct_na_base_pair.hbond_type_28 
_ndb_struct_na_base_pair.hbond_type_12 
1 A G 1  1_555 B C 16 1_555 -0.284 -0.244 -0.109 -2.668  -11.965 2.521   1  A_G2:C99_B      A 2    ? B 99   ? 19 1 
1 A G 2  1_555 B C 15 1_555 -0.129 -0.111 -0.118 -9.013  -10.005 0.356   2  A_G3:C98_B      A 3    ? B 98   ? 19 1 
1 A C 3  1_555 B G 14 1_555 0.453  -0.199 -0.005 -2.915  -8.114  -4.012  3  A_C1404:G1497_B A 1404 ? B 1497 ? 19 1 
1 A G 4  1_555 B C 13 1_555 -0.192 -0.166 0.103  -0.989  -8.800  0.302   4  A_G1405:C1496_B A 1405 ? B 1496 ? 19 1 
1 A U 5  1_555 B U 12 1_555 -2.423 -1.672 0.106  2.362   -16.070 5.470   5  A_U1406:U1495_B A 1406 ? B 1495 ? 16 1 
1 A C 6  1_555 B G 11 1_555 0.186  -0.176 -0.122 7.055   -14.090 0.478   6  A_C1407:G1494_B A 1407 ? B 1494 ? 19 1 
1 A G 7  1_555 B A 10 1_555 7.658  -4.797 -0.052 -15.592 -28.868 -53.998 7  A_G1408:A1493_B A 1408 ? B 1493 ? ?  ? 
1 A C 8  1_555 B A 9  1_555 -5.543 -1.113 0.629  14.447  -15.629 65.668  8  A_C1409:A1492_B A 1409 ? B 1492 ? ?  5 
1 A U 9  1_555 B A 7  1_555 0.001  -0.072 0.164  -2.489  -14.734 -3.091  9  A_U1410:A1490_B A 1410 ? B 1490 ? 20 1 
1 A A 10 1_555 B U 6  1_555 -0.027 -0.175 0.291  2.291   -15.468 2.886   10 A_A1411:U1489_B A 1411 ? B 1489 ? 20 1 
1 A G 11 1_555 B C 5  1_555 -0.134 -0.200 0.024  -2.862  -19.227 -2.696  11 A_G1412:C1488_B A 1412 ? B 1488 ? 19 1 
1 A U 12 1_555 B A 4  1_555 0.150  -0.075 0.058  2.148   -15.374 6.868   12 A_U1413:A1487_B A 1413 ? B 1487 ? 20 1 
1 A A 13 1_555 B U 3  1_555 -0.075 -0.201 0.232  1.374   -14.820 6.997   13 A_A14:U86_B     A 14   ? B 86   ? 20 1 
1 A C 14 1_555 B G 2  1_555 0.170  -0.262 0.060  5.760   -16.382 -2.155  14 A_C15:G85_B     A 15   ? B 85   ? 19 1 
1 A C 15 1_555 B G 1  1_555 0.127  -0.171 0.112  -0.284  -9.645  -1.992  15 A_C16:G84_B     A 16   ? B 84   ? 19 1 
# 
loop_
_ndb_struct_na_base_pair_step.model_number 
_ndb_struct_na_base_pair_step.i_label_asym_id_1 
_ndb_struct_na_base_pair_step.i_label_comp_id_1 
_ndb_struct_na_base_pair_step.i_label_seq_id_1 
_ndb_struct_na_base_pair_step.i_symmetry_1 
_ndb_struct_na_base_pair_step.j_label_asym_id_1 
_ndb_struct_na_base_pair_step.j_label_comp_id_1 
_ndb_struct_na_base_pair_step.j_label_seq_id_1 
_ndb_struct_na_base_pair_step.j_symmetry_1 
_ndb_struct_na_base_pair_step.i_label_asym_id_2 
_ndb_struct_na_base_pair_step.i_label_comp_id_2 
_ndb_struct_na_base_pair_step.i_label_seq_id_2 
_ndb_struct_na_base_pair_step.i_symmetry_2 
_ndb_struct_na_base_pair_step.j_label_asym_id_2 
_ndb_struct_na_base_pair_step.j_label_comp_id_2 
_ndb_struct_na_base_pair_step.j_label_seq_id_2 
_ndb_struct_na_base_pair_step.j_symmetry_2 
_ndb_struct_na_base_pair_step.shift 
_ndb_struct_na_base_pair_step.slide 
_ndb_struct_na_base_pair_step.rise 
_ndb_struct_na_base_pair_step.tilt 
_ndb_struct_na_base_pair_step.roll 
_ndb_struct_na_base_pair_step.twist 
_ndb_struct_na_base_pair_step.x_displacement 
_ndb_struct_na_base_pair_step.y_displacement 
_ndb_struct_na_base_pair_step.helical_rise 
_ndb_struct_na_base_pair_step.inclination 
_ndb_struct_na_base_pair_step.tip 
_ndb_struct_na_base_pair_step.helical_twist 
_ndb_struct_na_base_pair_step.step_number 
_ndb_struct_na_base_pair_step.step_name 
_ndb_struct_na_base_pair_step.i_auth_asym_id_1 
_ndb_struct_na_base_pair_step.i_auth_seq_id_1 
_ndb_struct_na_base_pair_step.i_PDB_ins_code_1 
_ndb_struct_na_base_pair_step.j_auth_asym_id_1 
_ndb_struct_na_base_pair_step.j_auth_seq_id_1 
_ndb_struct_na_base_pair_step.j_PDB_ins_code_1 
_ndb_struct_na_base_pair_step.i_auth_asym_id_2 
_ndb_struct_na_base_pair_step.i_auth_seq_id_2 
_ndb_struct_na_base_pair_step.i_PDB_ins_code_2 
_ndb_struct_na_base_pair_step.j_auth_asym_id_2 
_ndb_struct_na_base_pair_step.j_auth_seq_id_2 
_ndb_struct_na_base_pair_step.j_PDB_ins_code_2 
1 A G 1  1_555 B C 16 1_555 A G 2  1_555 B C 15 1_555 -0.190 -1.444 3.408 -1.310 7.475  31.401 -3.916 0.111  2.999 13.565 2.378  
32.283 1  AA_G2G3:C98C99_BB           A 2    ? B 99   ? A 3    ? B 98   ? 
1 A G 2  1_555 B C 15 1_555 A C 3  1_555 B G 14 1_555 -0.352 -1.449 3.137 0.129  6.003  32.079 -3.538 0.648  2.825 10.746 -0.231 
32.622 2  AA_G3C1404:G1497C98_BB      A 3    ? B 98   ? A 1404 ? B 1497 ? 
1 A C 3  1_555 B G 14 1_555 A G 4  1_555 B C 13 1_555 0.229  -1.499 3.133 -2.170 11.303 27.095 -5.059 -0.856 2.310 22.861 4.389  
29.396 3  AA_C1404G1405:C1496G1497_BB A 1404 ? B 1497 ? A 1405 ? B 1496 ? 
1 A G 4  1_555 B C 13 1_555 A U 5  1_555 B U 12 1_555 0.413  -1.869 3.008 -3.102 10.097 21.522 -7.086 -1.788 1.875 25.178 7.736  
23.947 4  AA_G1405U1406:U1495C1496_BB A 1405 ? B 1496 ? A 1406 ? B 1495 ? 
1 A U 5  1_555 B U 12 1_555 A C 6  1_555 B G 11 1_555 -0.068 -1.183 3.198 0.165  3.592  47.094 -1.759 0.098  3.105 4.487  -0.206 
47.223 5  AA_U1406C1407:G1494U1495_BB A 1406 ? B 1495 ? A 1407 ? B 1494 ? 
1 A C 6  1_555 B G 11 1_555 A G 7  1_555 B A 10 1_555 -4.322 -2.072 4.234 -0.566 19.356 64.039 -2.827 3.908  3.584 17.830 0.521  
66.604 6  AA_C1407G1408:A1493G1494_BB A 1407 ? B 1494 ? A 1408 ? B 1493 ? 
1 A C 8  1_555 B A 9  1_555 A U 9  1_555 B A 7  1_555 -0.493 0.683  3.623 -0.407 4.816  77.304 0.393  0.381  3.656 3.852  0.326  
77.432 7  AA_C1409U1410:A1490A1492_BB A 1409 ? B 1492 ? A 1410 ? B 1490 ? 
1 A U 9  1_555 B A 7  1_555 A A 10 1_555 B U 6  1_555 0.115  -1.269 3.016 -1.862 10.833 32.051 -3.686 -0.457 2.459 18.937 3.254  
33.837 8  AA_U1410A1411:U1489A1490_BB A 1410 ? B 1490 ? A 1411 ? B 1489 ? 
1 A A 10 1_555 B U 6  1_555 A G 11 1_555 B C 5  1_555 -0.640 -1.185 3.357 0.412  10.791 32.955 -3.604 1.137  2.832 18.416 -0.702 
34.633 9  AA_A1411G1412:C1488U1489_BB A 1411 ? B 1489 ? A 1412 ? B 1488 ? 
1 A G 11 1_555 B C 5  1_555 A U 12 1_555 B A 4  1_555 0.763  -0.958 3.101 0.588  11.801 30.615 -3.527 -1.261 2.579 21.376 -1.065 
32.765 10 AA_G1412U1413:A1487C1488_BB A 1412 ? B 1488 ? A 1413 ? B 1487 ? 
1 A U 12 1_555 B A 4  1_555 A A 13 1_555 B U 3  1_555 0.480  -1.349 2.980 -1.109 16.529 33.283 -3.937 -0.877 2.086 26.887 1.804  
37.073 11 AA_U1413A14:U86A1487_BB     A 1413 ? B 1487 ? A 14   ? B 86   ? 
1 A A 13 1_555 B U 3  1_555 A C 14 1_555 B G 2  1_555 -0.918 -1.284 3.127 -0.393 3.339  32.519 -2.824 1.567  2.995 5.942  0.700  
32.688 12 AA_A14C15:G85U86_BB         A 14   ? B 86   ? A 15   ? B 85   ? 
1 A C 14 1_555 B G 2  1_555 A C 15 1_555 B G 1  1_555 0.253  -1.825 3.453 -0.160 3.398  32.929 -3.792 -0.472 3.253 5.975  0.281  
33.099 13 AA_C15C16:G84G85_BB         A 15   ? B 85   ? A 16   ? B 84   ? 
# 
_pdbx_initial_refinement_model.accession_code   ? 
_pdbx_initial_refinement_model.id               1 
_pdbx_initial_refinement_model.entity_id_list   ? 
_pdbx_initial_refinement_model.type             'in silico model' 
_pdbx_initial_refinement_model.source_name      Other 
_pdbx_initial_refinement_model.details          'STANDARD RNA-MODEL BUILT IN TURBO-FRODO' 
# 
_atom_sites.entry_id                    2OE5 
_atom_sites.fract_transf_matrix[1][1]   0.00788623 
_atom_sites.fract_transf_matrix[1][2]   -0.00686927 
_atom_sites.fract_transf_matrix[1][3]   -0.03373922 
_atom_sites.fract_transf_matrix[2][1]   -0.00675066 
_atom_sites.fract_transf_matrix[2][2]   0.02552001 
_atom_sites.fract_transf_matrix[2][3]   -0.00677375 
_atom_sites.fract_transf_matrix[3][1]   0.01087663 
_atom_sites.fract_transf_matrix[3][2]   0.00336983 
_atom_sites.fract_transf_matrix[3][3]   0.00185622 
_atom_sites.fract_transf_vector[1]      0.662932 
_atom_sites.fract_transf_vector[2]      -0.053680 
_atom_sites.fract_transf_vector[3]      0.500740 
# 
loop_
_atom_type.symbol 
C  
MG 
N  
O  
P  
S  
# 
loop_
_atom_site.group_PDB 
_atom_site.id 
_atom_site.type_symbol 
_atom_site.label_atom_id 
_atom_site.label_alt_id 
_atom_site.label_comp_id 
_atom_site.label_asym_id 
_atom_site.label_entity_id 
_atom_site.label_seq_id 
_atom_site.pdbx_PDB_ins_code 
_atom_site.Cartn_x 
_atom_site.Cartn_y 
_atom_site.Cartn_z 
_atom_site.occupancy 
_atom_site.B_iso_or_equiv 
_atom_site.pdbx_formal_charge 
_atom_site.auth_seq_id 
_atom_site.auth_comp_id 
_atom_site.auth_asym_id 
_atom_site.auth_atom_id 
_atom_site.pdbx_PDB_model_num 
ATOM   1   O  "O5'" . G   A 1 1  ? -19.117 5.522   -2.679  1.00 50.94 ? 2    G   A "O5'" 1 
ATOM   2   C  "C5'" . G   A 1 1  ? -19.628 4.203   -2.838  1.00 49.03 ? 2    G   A "C5'" 1 
ATOM   3   C  "C4'" . G   A 1 1  ? -20.199 3.600   -1.569  1.00 46.67 ? 2    G   A "C4'" 1 
ATOM   4   O  "O4'" . G   A 1 1  ? -21.179 2.589   -1.940  1.00 43.64 ? 2    G   A "O4'" 1 
ATOM   5   C  "C3'" . G   A 1 1  ? -19.183 2.867   -0.714  1.00 46.81 ? 2    G   A "C3'" 1 
ATOM   6   O  "O3'" . G   A 1 1  ? -18.463 3.769   0.193   1.00 46.88 ? 2    G   A "O3'" 1 
ATOM   7   C  "C2'" . G   A 1 1  ? -20.087 1.828   -0.035  1.00 44.40 ? 2    G   A "C2'" 1 
ATOM   8   O  "O2'" . G   A 1 1  ? -20.790 2.353   1.060   1.00 45.20 ? 2    G   A "O2'" 1 
ATOM   9   C  "C1'" . G   A 1 1  ? -21.088 1.445   -1.124  1.00 41.87 ? 2    G   A "C1'" 1 
ATOM   10  N  N9    . G   A 1 1  ? -20.630 0.348   -1.949  1.00 35.92 ? 2    G   A N9    1 
ATOM   11  C  C8    . G   A 1 1  ? -20.063 0.523   -3.183  1.00 32.28 ? 2    G   A C8    1 
ATOM   12  N  N7    . G   A 1 1  ? -19.691 -0.586  -3.729  1.00 33.49 ? 2    G   A N7    1 
ATOM   13  C  C5    . G   A 1 1  ? -20.021 -1.573  -2.812  1.00 32.41 ? 2    G   A C5    1 
ATOM   14  C  C6    . G   A 1 1  ? -19.832 -2.972  -2.914  1.00 32.88 ? 2    G   A C6    1 
ATOM   15  O  O6    . G   A 1 1  ? -19.320 -3.638  -3.843  1.00 31.07 ? 2    G   A O6    1 
ATOM   16  N  N1    . G   A 1 1  ? -20.301 -3.613  -1.769  1.00 32.81 ? 2    G   A N1    1 
ATOM   17  C  C2    . G   A 1 1  ? -20.876 -2.992  -0.681  1.00 35.01 ? 2    G   A C2    1 
ATOM   18  N  N2    . G   A 1 1  ? -21.247 -3.828  0.317   1.00 35.83 ? 2    G   A N2    1 
ATOM   19  N  N3    . G   A 1 1  ? -21.070 -1.670  -0.574  1.00 33.71 ? 2    G   A N3    1 
ATOM   20  C  C4    . G   A 1 1  ? -20.598 -1.020  -1.683  1.00 34.39 ? 2    G   A C4    1 
ATOM   21  P  P     . G   A 1 2  ? -17.025 3.323   0.791   1.00 45.94 ? 3    G   A P     1 
ATOM   22  O  OP1   . G   A 1 2  ? -16.536 4.376   1.713   1.00 47.79 ? 3    G   A OP1   1 
ATOM   23  O  OP2   . G   A 1 2  ? -16.160 2.891   -0.333  1.00 47.60 ? 3    G   A OP2   1 
ATOM   24  O  "O5'" . G   A 1 2  ? -17.413 2.040   1.626   1.00 43.93 ? 3    G   A "O5'" 1 
ATOM   25  C  "C5'" . G   A 1 2  ? -18.159 2.152   2.795   1.00 43.07 ? 3    G   A "C5'" 1 
ATOM   26  C  "C4'" . G   A 1 2  ? -18.238 0.769   3.403   1.00 43.25 ? 3    G   A "C4'" 1 
ATOM   27  O  "O4'" . G   A 1 2  ? -18.981 -0.106  2.515   1.00 43.48 ? 3    G   A "O4'" 1 
ATOM   28  C  "C3'" . G   A 1 2  ? -16.906 0.053   3.531   1.00 43.27 ? 3    G   A "C3'" 1 
ATOM   29  O  "O3'" . G   A 1 2  ? -16.175 0.442   4.690   1.00 43.87 ? 3    G   A "O3'" 1 
ATOM   30  C  "C2'" . G   A 1 2  ? -17.361 -1.396  3.593   1.00 42.87 ? 3    G   A "C2'" 1 
ATOM   31  O  "O2'" . G   A 1 2  ? -17.884 -1.747  4.858   1.00 43.67 ? 3    G   A "O2'" 1 
ATOM   32  C  "C1'" . G   A 1 2  ? -18.460 -1.425  2.538   1.00 42.70 ? 3    G   A "C1'" 1 
ATOM   33  N  N9    . G   A 1 2  ? -17.975 -1.800  1.203   1.00 39.29 ? 3    G   A N9    1 
ATOM   34  C  C8    . G   A 1 2  ? -17.726 -0.958  0.146   1.00 37.88 ? 3    G   A C8    1 
ATOM   35  N  N7    . G   A 1 2  ? -17.286 -1.574  -0.924  1.00 36.33 ? 3    G   A N7    1 
ATOM   36  C  C5    . G   A 1 2  ? -17.237 -2.905  -0.541  1.00 34.40 ? 3    G   A C5    1 
ATOM   37  C  C6    . G   A 1 2  ? -16.832 -4.036  -1.278  1.00 34.03 ? 3    G   A C6    1 
ATOM   38  O  O6    . G   A 1 2  ? -16.441 -4.067  -2.450  1.00 33.32 ? 3    G   A O6    1 
ATOM   39  N  N1    . G   A 1 2  ? -16.931 -5.208  -0.530  1.00 33.98 ? 3    G   A N1    1 
ATOM   40  C  C2    . G   A 1 2  ? -17.348 -5.270  0.783   1.00 35.54 ? 3    G   A C2    1 
ATOM   41  N  N2    . G   A 1 2  ? -17.386 -6.490  1.356   1.00 34.76 ? 3    G   A N2    1 
ATOM   42  N  N3    . G   A 1 2  ? -17.736 -4.211  1.480   1.00 34.25 ? 3    G   A N3    1 
ATOM   43  C  C4    . G   A 1 2  ? -17.643 -3.066  0.763   1.00 35.68 ? 3    G   A C4    1 
ATOM   44  P  P     . C   A 1 3  ? -14.573 0.450   4.640   1.00 43.86 ? 1404 C   A P     1 
ATOM   45  O  OP1   . C   A 1 3  ? -14.123 1.124   5.897   1.00 44.61 ? 1404 C   A OP1   1 
ATOM   46  O  OP2   . C   A 1 3  ? -14.075 0.945   3.334   1.00 44.03 ? 1404 C   A OP2   1 
ATOM   47  O  "O5'" . C   A 1 3  ? -14.236 -1.101  4.769   1.00 42.07 ? 1404 C   A "O5'" 1 
ATOM   48  C  "C5'" . C   A 1 3  ? -14.670 -1.811  5.919   1.00 40.64 ? 1404 C   A "C5'" 1 
ATOM   49  C  "C4'" . C   A 1 3  ? -14.329 -3.278  5.781   1.00 37.99 ? 1404 C   A "C4'" 1 
ATOM   50  O  "O4'" . C   A 1 3  ? -15.121 -3.769  4.668   1.00 37.03 ? 1404 C   A "O4'" 1 
ATOM   51  C  "C3'" . C   A 1 3  ? -12.887 -3.633  5.418   1.00 36.66 ? 1404 C   A "C3'" 1 
ATOM   52  O  "O3'" . C   A 1 3  ? -11.881 -3.578  6.532   1.00 33.60 ? 1404 C   A "O3'" 1 
ATOM   53  C  "C2'" . C   A 1 3  ? -13.144 -5.015  4.788   1.00 35.99 ? 1404 C   A "C2'" 1 
ATOM   54  O  "O2'" . C   A 1 3  ? -13.376 -6.066  5.702   1.00 35.85 ? 1404 C   A "O2'" 1 
ATOM   55  C  "C1'" . C   A 1 3  ? -14.446 -4.814  4.010   1.00 35.36 ? 1404 C   A "C1'" 1 
ATOM   56  N  N1    . C   A 1 3  ? -14.226 -4.464  2.589   1.00 32.65 ? 1404 C   A N1    1 
ATOM   57  C  C2    . C   A 1 3  ? -13.936 -5.501  1.694   1.00 32.56 ? 1404 C   A C2    1 
ATOM   58  O  O2    . C   A 1 3  ? -13.888 -6.679  2.117   1.00 31.63 ? 1404 C   A O2    1 
ATOM   59  N  N3    . C   A 1 3  ? -13.733 -5.163  0.398   1.00 28.32 ? 1404 C   A N3    1 
ATOM   60  C  C4    . C   A 1 3  ? -13.779 -3.896  -0.010  1.00 28.38 ? 1404 C   A C4    1 
ATOM   61  N  N4    . C   A 1 3  ? -13.558 -3.618  -1.301  1.00 29.22 ? 1404 C   A N4    1 
ATOM   62  C  C5    . C   A 1 3  ? -14.076 -2.832  0.894   1.00 30.42 ? 1404 C   A C5    1 
ATOM   63  C  C6    . C   A 1 3  ? -14.283 -3.166  2.169   1.00 31.70 ? 1404 C   A C6    1 
ATOM   64  P  P     . G   A 1 4  ? -10.403 -3.144  6.096   1.00 37.74 ? 1405 G   A P     1 
ATOM   65  O  OP1   . G   A 1 4  ? -9.611  -2.846  7.335   1.00 37.09 ? 1405 G   A OP1   1 
ATOM   66  O  OP2   . G   A 1 4  ? -10.404 -2.115  5.012   1.00 37.68 ? 1405 G   A OP2   1 
ATOM   67  O  "O5'" . G   A 1 4  ? -9.782  -4.466  5.458   1.00 34.40 ? 1405 G   A "O5'" 1 
ATOM   68  C  "C5'" . G   A 1 4  ? -9.674  -5.593  6.250   1.00 32.18 ? 1405 G   A "C5'" 1 
ATOM   69  C  "C4'" . G   A 1 4  ? -9.396  -6.771  5.347   1.00 28.68 ? 1405 G   A "C4'" 1 
ATOM   70  O  "O4'" . G   A 1 4  ? -10.496 -6.881  4.408   1.00 27.22 ? 1405 G   A "O4'" 1 
ATOM   71  C  "C3'" . G   A 1 4  ? -8.158  -6.715  4.471   1.00 27.17 ? 1405 G   A "C3'" 1 
ATOM   72  O  "O3'" . G   A 1 4  ? -6.945  -7.052  5.162   1.00 26.49 ? 1405 G   A "O3'" 1 
ATOM   73  C  "C2'" . G   A 1 4  ? -8.568  -7.775  3.447   1.00 25.89 ? 1405 G   A "C2'" 1 
ATOM   74  O  "O2'" . G   A 1 4  ? -8.378  -9.099  3.894   1.00 26.00 ? 1405 G   A "O2'" 1 
ATOM   75  C  "C1'" . G   A 1 4  ? -10.052 -7.520  3.238   1.00 25.78 ? 1405 G   A "C1'" 1 
ATOM   76  N  N9    . G   A 1 4  ? -10.240 -6.589  2.124   1.00 22.08 ? 1405 G   A N9    1 
ATOM   77  C  C8    . G   A 1 4  ? -10.592 -5.282  2.236   1.00 24.87 ? 1405 G   A C8    1 
ATOM   78  N  N7    . G   A 1 4  ? -10.651 -4.659  1.085   1.00 22.93 ? 1405 G   A N7    1 
ATOM   79  C  C5    . G   A 1 4  ? -10.296 -5.624  0.155   1.00 22.21 ? 1405 G   A C5    1 
ATOM   80  C  C6    . G   A 1 4  ? -10.184 -5.533  -1.242  1.00 22.62 ? 1405 G   A C6    1 
ATOM   81  O  O6    . G   A 1 4  ? -10.384 -4.571  -1.984  1.00 23.70 ? 1405 G   A O6    1 
ATOM   82  N  N1    . G   A 1 4  ? -9.789  -6.751  -1.774  1.00 21.76 ? 1405 G   A N1    1 
ATOM   83  C  C2    . G   A 1 4  ? -9.536  -7.908  -1.078  1.00 21.98 ? 1405 G   A C2    1 
ATOM   84  N  N2    . G   A 1 4  ? -9.148  -8.979  -1.790  1.00 22.60 ? 1405 G   A N2    1 
ATOM   85  N  N3    . G   A 1 4  ? -9.648  -7.995  0.251   1.00 22.81 ? 1405 G   A N3    1 
ATOM   86  C  C4    . G   A 1 4  ? -10.029 -6.830  0.771   1.00 22.48 ? 1405 G   A C4    1 
ATOM   87  P  P     . U   A 1 5  ? -5.548  -6.473  4.607   1.00 29.48 ? 1406 U   A P     1 
ATOM   88  O  OP1   . U   A 1 5  ? -4.484  -6.887  5.543   1.00 36.01 ? 1406 U   A OP1   1 
ATOM   89  O  OP2   . U   A 1 5  ? -5.663  -5.085  4.153   1.00 29.92 ? 1406 U   A OP2   1 
ATOM   90  O  "O5'" . U   A 1 5  ? -5.349  -7.266  3.203   1.00 26.88 ? 1406 U   A "O5'" 1 
ATOM   91  C  "C5'" . U   A 1 5  ? -5.130  -8.617  3.181   1.00 24.17 ? 1406 U   A "C5'" 1 
ATOM   92  C  "C4'" . U   A 1 5  ? -4.869  -9.076  1.762   1.00 24.59 ? 1406 U   A "C4'" 1 
ATOM   93  O  "O4'" . U   A 1 5  ? -6.031  -8.806  0.948   1.00 23.84 ? 1406 U   A "O4'" 1 
ATOM   94  C  "C3'" . U   A 1 5  ? -3.746  -8.402  0.989   1.00 22.00 ? 1406 U   A "C3'" 1 
ATOM   95  O  "O3'" . U   A 1 5  ? -2.470  -8.872  1.422   1.00 21.19 ? 1406 U   A "O3'" 1 
ATOM   96  C  "C2'" . U   A 1 5  ? -4.084  -8.879  -0.392  1.00 23.06 ? 1406 U   A "C2'" 1 
ATOM   97  O  "O2'" . U   A 1 5  ? -3.769  -10.244 -0.566  1.00 25.36 ? 1406 U   A "O2'" 1 
ATOM   98  C  "C1'" . U   A 1 5  ? -5.582  -8.713  -0.386  1.00 23.69 ? 1406 U   A "C1'" 1 
ATOM   99  N  N1    . U   A 1 5  ? -6.020  -7.448  -0.917  1.00 22.01 ? 1406 U   A N1    1 
ATOM   100 C  C2    . U   A 1 5  ? -5.947  -7.325  -2.308  1.00 21.46 ? 1406 U   A C2    1 
ATOM   101 O  O2    . U   A 1 5  ? -5.513  -8.209  -3.037  1.00 23.16 ? 1406 U   A O2    1 
ATOM   102 N  N3    . U   A 1 5  ? -6.388  -6.156  -2.798  1.00 22.22 ? 1406 U   A N3    1 
ATOM   103 C  C4    . U   A 1 5  ? -6.876  -5.081  -2.070  1.00 24.61 ? 1406 U   A C4    1 
ATOM   104 O  O4    . U   A 1 5  ? -7.257  -4.110  -2.718  1.00 27.72 ? 1406 U   A O4    1 
ATOM   105 C  C5    . U   A 1 5  ? -6.928  -5.257  -0.649  1.00 26.15 ? 1406 U   A C5    1 
ATOM   106 C  C6    . U   A 1 5  ? -6.495  -6.437  -0.127  1.00 22.70 ? 1406 U   A C6    1 
ATOM   107 P  P     . C   A 1 6  ? -1.255  -7.883  1.596   1.00 20.12 ? 1407 C   A P     1 
ATOM   108 O  OP1   . C   A 1 6  ? -0.182  -8.647  2.278   1.00 25.11 ? 1407 C   A OP1   1 
ATOM   109 O  OP2   . C   A 1 6  ? -1.707  -6.599  2.184   1.00 22.84 ? 1407 C   A OP2   1 
ATOM   110 O  "O5'" . C   A 1 6  ? -0.757  -7.567  0.106   1.00 19.83 ? 1407 C   A "O5'" 1 
ATOM   111 C  "C5'" . C   A 1 6  ? -0.250  -8.629  -0.650  1.00 19.05 ? 1407 C   A "C5'" 1 
ATOM   112 C  "C4'" . C   A 1 6  ? -0.315  -8.298  -2.113  1.00 17.17 ? 1407 C   A "C4'" 1 
ATOM   113 O  "O4'" . C   A 1 6  ? -1.693  -8.162  -2.544  1.00 17.80 ? 1407 C   A "O4'" 1 
ATOM   114 C  "C3'" . C   A 1 6  ? 0.365   -7.000  -2.516  1.00 16.31 ? 1407 C   A "C3'" 1 
ATOM   115 O  "O3'" . C   A 1 6  ? 1.737   -7.078  -2.699  1.00 18.42 ? 1407 C   A "O3'" 1 
ATOM   116 C  "C2'" . C   A 1 6  ? -0.284  -6.818  -3.860  1.00 17.64 ? 1407 C   A "C2'" 1 
ATOM   117 O  "O2'" . C   A 1 6  ? 0.194   -7.731  -4.837  1.00 17.38 ? 1407 C   A "O2'" 1 
ATOM   118 C  "C1'" . C   A 1 6  ? -1.726  -7.177  -3.559  1.00 16.95 ? 1407 C   A "C1'" 1 
ATOM   119 N  N1    . C   A 1 6  ? -2.459  -6.025  -3.105  1.00 18.69 ? 1407 C   A N1    1 
ATOM   120 C  C2    . C   A 1 6  ? -2.984  -5.161  -4.074  1.00 17.60 ? 1407 C   A C2    1 
ATOM   121 O  O2    . C   A 1 6  ? -2.818  -5.419  -5.263  1.00 19.13 ? 1407 C   A O2    1 
ATOM   122 N  N3    . C   A 1 6  ? -3.674  -4.072  -3.672  1.00 18.45 ? 1407 C   A N3    1 
ATOM   123 C  C4    . C   A 1 6  ? -3.822  -3.829  -2.367  1.00 17.66 ? 1407 C   A C4    1 
ATOM   124 N  N4    . C   A 1 6  ? -4.510  -2.715  -1.981  1.00 19.58 ? 1407 C   A N4    1 
ATOM   125 C  C5    . C   A 1 6  ? -3.308  -4.706  -1.377  1.00 18.41 ? 1407 C   A C5    1 
ATOM   126 C  C6    . C   A 1 6  ? -2.628  -5.789  -1.787  1.00 17.55 ? 1407 C   A C6    1 
ATOM   127 P  P     . G   A 1 7  ? 2.693   -5.787  -2.532  1.00 18.41 ? 1408 G   A P     1 
ATOM   128 O  OP1   . G   A 1 7  ? 4.083   -6.243  -2.621  1.00 20.36 ? 1408 G   A OP1   1 
ATOM   129 O  OP2   . G   A 1 7  ? 2.221   -4.938  -1.410  1.00 20.21 ? 1408 G   A OP2   1 
ATOM   130 O  "O5'" . G   A 1 7  ? 2.356   -4.934  -3.815  1.00 18.59 ? 1408 G   A "O5'" 1 
ATOM   131 C  "C5'" . G   A 1 7  ? 2.658   -5.400  -5.148  1.00 18.12 ? 1408 G   A "C5'" 1 
ATOM   132 C  "C4'" . G   A 1 7  ? 2.058   -4.435  -6.159  1.00 20.13 ? 1408 G   A "C4'" 1 
ATOM   133 O  "O4'" . G   A 1 7  ? 0.646   -4.290  -5.957  1.00 18.76 ? 1408 G   A "O4'" 1 
ATOM   134 C  "C3'" . G   A 1 7  ? 2.600   -3.020  -6.062  1.00 19.12 ? 1408 G   A "C3'" 1 
ATOM   135 O  "O3'" . G   A 1 7  ? 3.806   -2.879  -6.798  1.00 21.40 ? 1408 G   A "O3'" 1 
ATOM   136 C  "C2'" . G   A 1 7  ? 1.491   -2.229  -6.722  1.00 18.99 ? 1408 G   A "C2'" 1 
ATOM   137 O  "O2'" . G   A 1 7  ? 1.527   -2.401  -8.130  1.00 21.94 ? 1408 G   A "O2'" 1 
ATOM   138 C  "C1'" . G   A 1 7  ? 0.275   -2.960  -6.212  1.00 18.00 ? 1408 G   A "C1'" 1 
ATOM   139 N  N9    . G   A 1 7  ? -0.310  -2.386  -5.020  1.00 16.03 ? 1408 G   A N9    1 
ATOM   140 C  C8    . G   A 1 7  ? -0.303  -2.902  -3.737  1.00 17.77 ? 1408 G   A C8    1 
ATOM   141 N  N7    . G   A 1 7  ? -0.994  -2.167  -2.884  1.00 17.05 ? 1408 G   A N7    1 
ATOM   142 C  C5    . G   A 1 7  ? -1.493  -1.107  -3.663  1.00 17.98 ? 1408 G   A C5    1 
ATOM   143 C  C6    . G   A 1 7  ? -2.321  -0.030  -3.270  1.00 18.96 ? 1408 G   A C6    1 
ATOM   144 O  O6    . G   A 1 7  ? -2.769  0.261   -2.171  1.00 19.92 ? 1408 G   A O6    1 
ATOM   145 N  N1    . G   A 1 7  ? -2.597  0.766   -4.377  1.00 19.53 ? 1408 G   A N1    1 
ATOM   146 C  C2    . G   A 1 7  ? -2.136  0.556   -5.636  1.00 20.64 ? 1408 G   A C2    1 
ATOM   147 N  N2    . G   A 1 7  ? -2.502  1.473   -6.571  1.00 21.37 ? 1408 G   A N2    1 
ATOM   148 N  N3    . G   A 1 7  ? -1.381  -0.455  -6.012  1.00 21.19 ? 1408 G   A N3    1 
ATOM   149 C  C4    . G   A 1 7  ? -1.116  -1.257  -4.956  1.00 19.87 ? 1408 G   A C4    1 
ATOM   150 P  P     . C   A 1 8  ? 4.850   -1.753  -6.405  1.00 21.53 ? 1409 C   A P     1 
ATOM   151 O  OP1   . C   A 1 8  ? 6.048   -1.967  -7.298  1.00 23.34 ? 1409 C   A OP1   1 
ATOM   152 O  OP2   . C   A 1 8  ? 5.003   -1.715  -4.963  1.00 21.92 ? 1409 C   A OP2   1 
ATOM   153 O  "O5'" . C   A 1 8  ? 4.200   -0.358  -6.817  1.00 22.56 ? 1409 C   A "O5'" 1 
ATOM   154 C  "C5'" . C   A 1 8  ? 4.009   -0.052  -8.188  1.00 24.56 ? 1409 C   A "C5'" 1 
ATOM   155 C  "C4'" . C   A 1 8  ? 3.213   1.225   -8.321  1.00 22.91 ? 1409 C   A "C4'" 1 
ATOM   156 O  "O4'" . C   A 1 8  ? 1.866   1.016   -7.800  1.00 22.46 ? 1409 C   A "O4'" 1 
ATOM   157 C  "C3'" . C   A 1 8  ? 3.749   2.383   -7.511  1.00 25.33 ? 1409 C   A "C3'" 1 
ATOM   158 O  "O3'" . C   A 1 8  ? 4.864   3.011   -8.166  1.00 26.05 ? 1409 C   A "O3'" 1 
ATOM   159 C  "C2'" . C   A 1 8  ? 2.523   3.272   -7.505  1.00 24.32 ? 1409 C   A "C2'" 1 
ATOM   160 O  "O2'" . C   A 1 8  ? 2.256   3.857   -8.758  1.00 25.01 ? 1409 C   A "O2'" 1 
ATOM   161 C  "C1'" . C   A 1 8  ? 1.432   2.259   -7.250  1.00 22.96 ? 1409 C   A "C1'" 1 
ATOM   162 N  N1    . C   A 1 8  ? 1.116   2.113   -5.805  1.00 20.35 ? 1409 C   A N1    1 
ATOM   163 C  C2    . C   A 1 8  ? 0.313   3.107   -5.241  1.00 22.78 ? 1409 C   A C2    1 
ATOM   164 O  O2    . C   A 1 8  ? -0.071  4.005   -5.989  1.00 21.18 ? 1409 C   A O2    1 
ATOM   165 N  N3    . C   A 1 8  ? -0.035  3.029   -3.961  1.00 20.72 ? 1409 C   A N3    1 
ATOM   166 C  C4    . C   A 1 8  ? 0.443   2.027   -3.214  1.00 19.25 ? 1409 C   A C4    1 
ATOM   167 N  N4    . C   A 1 8  ? 0.102   1.969   -1.939  1.00 18.39 ? 1409 C   A N4    1 
ATOM   168 C  C5    . C   A 1 8  ? 1.273   1.006   -3.769  1.00 20.49 ? 1409 C   A C5    1 
ATOM   169 C  C6    . C   A 1 8  ? 1.604   1.109   -5.049  1.00 19.88 ? 1409 C   A C6    1 
ATOM   170 P  P     . U   A 1 9  ? 6.044   3.603   -7.314  1.00 26.78 ? 1410 U   A P     1 
ATOM   171 O  OP1   . U   A 1 9  ? 6.944   4.232   -8.336  1.00 30.08 ? 1410 U   A OP1   1 
ATOM   172 O  OP2   . U   A 1 9  ? 6.537   2.579   -6.341  1.00 29.83 ? 1410 U   A OP2   1 
ATOM   173 O  "O5'" . U   A 1 9  ? 5.369   4.806   -6.507  1.00 25.56 ? 1410 U   A "O5'" 1 
ATOM   174 C  "C5'" . U   A 1 9  ? 4.827   5.881   -7.295  1.00 27.23 ? 1410 U   A "C5'" 1 
ATOM   175 C  "C4'" . U   A 1 9  ? 4.001   6.781   -6.410  1.00 26.08 ? 1410 U   A "C4'" 1 
ATOM   176 O  "O4'" . U   A 1 9  ? 2.879   6.039   -5.847  1.00 24.71 ? 1410 U   A "O4'" 1 
ATOM   177 C  "C3'" . U   A 1 9  ? 4.714   7.351   -5.202  1.00 26.83 ? 1410 U   A "C3'" 1 
ATOM   178 O  "O3'" . U   A 1 9  ? 5.555   8.477   -5.507  1.00 28.50 ? 1410 U   A "O3'" 1 
ATOM   179 C  "C2'" . U   A 1 9  ? 3.506   7.756   -4.380  1.00 23.45 ? 1410 U   A "C2'" 1 
ATOM   180 O  "O2'" . U   A 1 9  ? 2.911   8.954   -4.854  1.00 26.83 ? 1410 U   A "O2'" 1 
ATOM   181 C  "C1'" . U   A 1 9  ? 2.557   6.575   -4.589  1.00 22.52 ? 1410 U   A "C1'" 1 
ATOM   182 N  N1    . U   A 1 9  ? 2.700   5.524   -3.567  1.00 21.75 ? 1410 U   A N1    1 
ATOM   183 C  C2    . U   A 1 9  ? 2.035   5.721   -2.388  1.00 20.84 ? 1410 U   A C2    1 
ATOM   184 O  O2    . U   A 1 9  ? 1.373   6.716   -2.168  1.00 21.47 ? 1410 U   A O2    1 
ATOM   185 N  N3    . U   A 1 9  ? 2.173   4.712   -1.458  1.00 17.49 ? 1410 U   A N3    1 
ATOM   186 C  C4    . U   A 1 9  ? 2.921   3.562   -1.586  1.00 18.24 ? 1410 U   A C4    1 
ATOM   187 O  O4    . U   A 1 9  ? 2.945   2.755   -0.654  1.00 20.05 ? 1410 U   A O4    1 
ATOM   188 C  C5    . U   A 1 9  ? 3.577   3.433   -2.851  1.00 20.12 ? 1410 U   A C5    1 
ATOM   189 C  C6    . U   A 1 9  ? 3.454   4.404   -3.780  1.00 21.00 ? 1410 U   A C6    1 
ATOM   190 P  P     . A   A 1 10 ? 6.689   8.961   -4.502  1.00 27.60 ? 1411 A   A P     1 
ATOM   191 O  OP1   . A   A 1 10 ? 7.435   10.074  -5.162  1.00 29.88 ? 1411 A   A OP1   1 
ATOM   192 O  OP2   . A   A 1 10 ? 7.478   7.833   -3.965  1.00 31.18 ? 1411 A   A OP2   1 
ATOM   193 O  "O5'" . A   A 1 10 ? 5.936   9.605   -3.252  1.00 25.40 ? 1411 A   A "O5'" 1 
ATOM   194 C  "C5'" . A   A 1 10 ? 5.153   10.762  -3.294  1.00 26.25 ? 1411 A   A "C5'" 1 
ATOM   195 C  "C4'" . A   A 1 10 ? 4.484   11.003  -1.952  1.00 27.42 ? 1411 A   A "C4'" 1 
ATOM   196 O  "O4'" . A   A 1 10 ? 3.602   9.885   -1.629  1.00 25.99 ? 1411 A   A "O4'" 1 
ATOM   197 C  "C3'" . A   A 1 10 ? 5.413   11.070  -0.749  1.00 24.45 ? 1411 A   A "C3'" 1 
ATOM   198 O  "O3'" . A   A 1 10 ? 6.035   12.344  -0.595  1.00 25.55 ? 1411 A   A "O3'" 1 
ATOM   199 C  "C2'" . A   A 1 10 ? 4.492   10.742  0.410   1.00 26.54 ? 1411 A   A "C2'" 1 
ATOM   200 O  "O2'" . A   A 1 10 ? 3.673   11.799  0.873   1.00 27.16 ? 1411 A   A "O2'" 1 
ATOM   201 C  "C1'" . A   A 1 10 ? 3.639   9.660   -0.231  1.00 25.29 ? 1411 A   A "C1'" 1 
ATOM   202 N  N9    . A   A 1 10 ? 4.048   8.261   -0.013  1.00 21.24 ? 1411 A   A N9    1 
ATOM   203 C  C8    . A   A 1 10 ? 4.739   7.453   -0.842  1.00 20.52 ? 1411 A   A C8    1 
ATOM   204 N  N7    . A   A 1 10 ? 4.915   6.228   -0.357  1.00 19.32 ? 1411 A   A N7    1 
ATOM   205 C  C5    . A   A 1 10 ? 4.265   6.282   0.861   1.00 17.77 ? 1411 A   A C5    1 
ATOM   206 C  C6    . A   A 1 10 ? 4.057   5.319   1.870   1.00 19.43 ? 1411 A   A C6    1 
ATOM   207 N  N6    . A   A 1 10 ? 4.516   4.066   1.737   1.00 19.93 ? 1411 A   A N6    1 
ATOM   208 N  N1    . A   A 1 10 ? 3.404   5.676   2.989   1.00 19.50 ? 1411 A   A N1    1 
ATOM   209 C  C2    . A   A 1 10 ? 2.938   6.927   3.070   1.00 21.62 ? 1411 A   A C2    1 
ATOM   210 N  N3    . A   A 1 10 ? 3.049   7.927   2.175   1.00 19.61 ? 1411 A   A N3    1 
ATOM   211 C  C4    . A   A 1 10 ? 3.743   7.531   1.099   1.00 20.63 ? 1411 A   A C4    1 
ATOM   212 P  P     . G   A 1 11 ? 7.464   12.425  0.141   1.00 27.76 ? 1412 G   A P     1 
ATOM   213 O  OP1   . G   A 1 11 ? 7.756   13.902  0.079   1.00 29.88 ? 1412 G   A OP1   1 
ATOM   214 O  OP2   . G   A 1 11 ? 8.382   11.471  -0.484  1.00 28.55 ? 1412 G   A OP2   1 
ATOM   215 O  "O5'" . G   A 1 11 ? 7.224   12.177  1.689   1.00 27.54 ? 1412 G   A "O5'" 1 
ATOM   216 C  "C5'" . G   A 1 11 ? 6.398   13.088  2.406   1.00 26.24 ? 1412 G   A "C5'" 1 
ATOM   217 C  "C4'" . G   A 1 11 ? 6.143   12.640  3.819   1.00 27.61 ? 1412 G   A "C4'" 1 
ATOM   218 O  "O4'" . G   A 1 11 ? 5.269   11.480  3.756   1.00 24.70 ? 1412 G   A "O4'" 1 
ATOM   219 C  "C3'" . G   A 1 11 ? 7.354   12.149  4.600   1.00 27.91 ? 1412 G   A "C3'" 1 
ATOM   220 O  "O3'" . G   A 1 11 ? 8.100   13.215  5.215   1.00 28.28 ? 1412 G   A "O3'" 1 
ATOM   221 C  "C2'" . G   A 1 11 ? 6.692   11.284  5.640   1.00 27.49 ? 1412 G   A "C2'" 1 
ATOM   222 O  "O2'" . G   A 1 11 ? 6.131   12.045  6.693   1.00 29.53 ? 1412 G   A "O2'" 1 
ATOM   223 C  "C1'" . G   A 1 11 ? 5.595   10.614  4.821   1.00 25.71 ? 1412 G   A "C1'" 1 
ATOM   224 N  N9    . G   A 1 11 ? 6.015   9.341   4.238   1.00 23.04 ? 1412 G   A N9    1 
ATOM   225 C  C8    . G   A 1 11 ? 6.558   9.112   3.011   1.00 21.92 ? 1412 G   A C8    1 
ATOM   226 N  N7    . G   A 1 11 ? 6.853   7.850   2.790   1.00 20.91 ? 1412 G   A N7    1 
ATOM   227 C  C5    . G   A 1 11 ? 6.474   7.226   3.966   1.00 19.63 ? 1412 G   A C5    1 
ATOM   228 C  C6    . G   A 1 11 ? 6.531   5.862   4.326   1.00 19.55 ? 1412 G   A C6    1 
ATOM   229 O  O6    . G   A 1 11 ? 6.952   4.922   3.641   1.00 19.11 ? 1412 G   A O6    1 
ATOM   230 N  N1    . G   A 1 11 ? 6.049   5.689   5.621   1.00 19.50 ? 1412 G   A N1    1 
ATOM   231 C  C2    . G   A 1 11 ? 5.555   6.659   6.453   1.00 22.16 ? 1412 G   A C2    1 
ATOM   232 N  N2    . G   A 1 11 ? 5.122   6.279   7.666   1.00 23.74 ? 1412 G   A N2    1 
ATOM   233 N  N3    . G   A 1 11 ? 5.488   7.936   6.129   1.00 22.88 ? 1412 G   A N3    1 
ATOM   234 C  C4    . G   A 1 11 ? 5.952   8.126   4.872   1.00 21.34 ? 1412 G   A C4    1 
ATOM   235 P  P     . U   A 1 12 ? 9.691   13.028  5.339   1.00 29.08 ? 1413 U   A P     1 
ATOM   236 O  OP1   . U   A 1 12 ? 10.179  14.368  5.854   1.00 31.67 ? 1413 U   A OP1   1 
ATOM   237 O  OP2   . U   A 1 12 ? 10.265  12.515  4.089   1.00 29.34 ? 1413 U   A OP2   1 
ATOM   238 O  "O5'" . U   A 1 12 ? 10.000  11.983  6.491   1.00 30.41 ? 1413 U   A "O5'" 1 
ATOM   239 C  "C5'" . U   A 1 12 ? 9.555   12.278  7.794   1.00 30.23 ? 1413 U   A "C5'" 1 
ATOM   240 C  "C4'" . U   A 1 12 ? 9.564   11.006  8.604   1.00 30.98 ? 1413 U   A "C4'" 1 
ATOM   241 O  "O4'" . U   A 1 12 ? 8.602   10.078  8.036   1.00 29.29 ? 1413 U   A "O4'" 1 
ATOM   242 C  "C3'" . U   A 1 12 ? 10.875  10.251  8.568   1.00 31.09 ? 1413 U   A "C3'" 1 
ATOM   243 O  "O3'" . U   A 1 12 ? 11.825  10.798  9.474   1.00 31.03 ? 1413 U   A "O3'" 1 
ATOM   244 C  "C2'" . U   A 1 12 ? 10.377  8.893   8.994   1.00 29.80 ? 1413 U   A "C2'" 1 
ATOM   245 O  "O2'" . U   A 1 12 ? 10.065  8.843   10.365  1.00 31.23 ? 1413 U   A "O2'" 1 
ATOM   246 C  "C1'" . U   A 1 12 ? 9.086   8.764   8.207   1.00 28.12 ? 1413 U   A "C1'" 1 
ATOM   247 N  N1    . U   A 1 12 ? 9.308   8.091   6.901   1.00 24.89 ? 1413 U   A N1    1 
ATOM   248 C  C2    . U   A 1 12 ? 9.268   6.724   6.915   1.00 25.61 ? 1413 U   A C2    1 
ATOM   249 O  O2    . U   A 1 12 ? 9.053   6.099   7.942   1.00 25.00 ? 1413 U   A O2    1 
ATOM   250 N  N3    . U   A 1 12 ? 9.468   6.123   5.692   1.00 23.76 ? 1413 U   A N3    1 
ATOM   251 C  C4    . U   A 1 12 ? 9.702   6.751   4.491   1.00 22.50 ? 1413 U   A C4    1 
ATOM   252 O  O4    . U   A 1 12 ? 9.873   6.073   3.505   1.00 20.43 ? 1413 U   A O4    1 
ATOM   253 C  C5    . U   A 1 12 ? 9.740   8.205   4.549   1.00 20.63 ? 1413 U   A C5    1 
ATOM   254 C  C6    . U   A 1 12 ? 9.540   8.787   5.733   1.00 22.07 ? 1413 U   A C6    1 
ATOM   255 P  P     . A   A 1 13 ? 13.374  10.609  9.165   1.00 33.94 ? 14   A   A P     1 
ATOM   256 O  OP1   . A   A 1 13 ? 14.128  11.370  10.214  1.00 34.46 ? 14   A   A OP1   1 
ATOM   257 O  OP2   . A   A 1 13 ? 13.630  10.874  7.752   1.00 31.18 ? 14   A   A OP2   1 
ATOM   258 O  "O5'" . A   A 1 13 ? 13.680  9.060   9.398   1.00 29.33 ? 14   A   A "O5'" 1 
ATOM   259 C  "C5'" . A   A 1 13 ? 13.529  8.512   10.681  1.00 30.50 ? 14   A   A "C5'" 1 
ATOM   260 C  "C4'" . A   A 1 13 ? 13.691  7.009   10.659  1.00 29.05 ? 14   A   A "C4'" 1 
ATOM   261 O  "O4'" . A   A 1 13 ? 12.613  6.466   9.856   1.00 29.43 ? 14   A   A "O4'" 1 
ATOM   262 C  "C3'" . A   A 1 13 ? 14.932  6.450   9.995   1.00 28.51 ? 14   A   A "C3'" 1 
ATOM   263 O  "O3'" . A   A 1 13 ? 16.075  6.526   10.862  1.00 29.41 ? 14   A   A "O3'" 1 
ATOM   264 C  "C2'" . A   A 1 13 ? 14.472  5.027   9.749   1.00 27.14 ? 14   A   A "C2'" 1 
ATOM   265 O  "O2'" . A   A 1 13 ? 14.352  4.232   10.912  1.00 27.56 ? 14   A   A "O2'" 1 
ATOM   266 C  "C1'" . A   A 1 13 ? 13.072  5.266   9.244   1.00 27.69 ? 14   A   A "C1'" 1 
ATOM   267 N  N9    . A   A 1 13 ? 12.940  5.415   7.803   1.00 23.97 ? 14   A   A N9    1 
ATOM   268 C  C8    . A   A 1 13 ? 12.809  6.570   7.078   1.00 23.92 ? 14   A   A C8    1 
ATOM   269 N  N7    . A   A 1 13 ? 12.669  6.359   5.786   1.00 23.39 ? 14   A   A N7    1 
ATOM   270 C  C5    . A   A 1 13 ? 12.688  4.963   5.660   1.00 21.73 ? 14   A   A C5    1 
ATOM   271 C  C6    . A   A 1 13 ? 12.567  4.080   4.562   1.00 19.91 ? 14   A   A C6    1 
ATOM   272 N  N6    . A   A 1 13 ? 12.428  4.494   3.290   1.00 20.65 ? 14   A   A N6    1 
ATOM   273 N  N1    . A   A 1 13 ? 12.642  2.756   4.814   1.00 21.59 ? 14   A   A N1    1 
ATOM   274 C  C2    . A   A 1 13 ? 12.805  2.336   6.077   1.00 22.37 ? 14   A   A C2    1 
ATOM   275 N  N3    . A   A 1 13 ? 12.924  3.075   7.186   1.00 22.95 ? 14   A   A N3    1 
ATOM   276 C  C4    . A   A 1 13 ? 12.845  4.376   6.901   1.00 22.15 ? 14   A   A C4    1 
ATOM   277 P  P     . C   A 1 14 ? 17.551  6.609   10.250  1.00 29.65 ? 15   C   A P     1 
ATOM   278 O  OP1   . C   A 1 14 ? 18.446  6.968   11.380  1.00 32.63 ? 15   C   A OP1   1 
ATOM   279 O  OP2   . C   A 1 14 ? 17.675  7.378   9.000   1.00 30.20 ? 15   C   A OP2   1 
ATOM   280 O  "O5'" . C   A 1 14 ? 17.953  5.132   9.852   1.00 27.49 ? 15   C   A "O5'" 1 
ATOM   281 C  "C5'" . C   A 1 14 ? 18.047  4.143   10.845  1.00 28.05 ? 15   C   A "C5'" 1 
ATOM   282 C  "C4'" . C   A 1 14 ? 17.992  2.761   10.230  1.00 27.83 ? 15   C   A "C4'" 1 
ATOM   283 O  "O4'" . C   A 1 14 ? 16.709  2.587   9.558   1.00 26.66 ? 15   C   A "O4'" 1 
ATOM   284 C  "C3'" . C   A 1 14 ? 19.020  2.448   9.154   1.00 27.13 ? 15   C   A "C3'" 1 
ATOM   285 O  "O3'" . C   A 1 14 ? 20.296  2.140   9.693   1.00 29.11 ? 15   C   A "O3'" 1 
ATOM   286 C  "C2'" . C   A 1 14 ? 18.358  1.225   8.531   1.00 24.22 ? 15   C   A "C2'" 1 
ATOM   287 O  "O2'" . C   A 1 14 ? 18.424  0.072   9.363   1.00 23.70 ? 15   C   A "O2'" 1 
ATOM   288 C  "C1'" . C   A 1 14 ? 16.916  1.699   8.452   1.00 23.58 ? 15   C   A "C1'" 1 
ATOM   289 N  N1    . C   A 1 14 ? 16.633  2.430   7.209   1.00 21.07 ? 15   C   A N1    1 
ATOM   290 C  C2    . C   A 1 14 ? 16.358  1.711   6.050   1.00 21.83 ? 15   C   A C2    1 
ATOM   291 O  O2    . C   A 1 14 ? 16.381  0.481   6.144   1.00 22.78 ? 15   C   A O2    1 
ATOM   292 N  N3    . C   A 1 14 ? 16.073  2.401   4.902   1.00 21.48 ? 15   C   A N3    1 
ATOM   293 C  C4    . C   A 1 14 ? 16.038  3.728   4.902   1.00 21.58 ? 15   C   A C4    1 
ATOM   294 N  N4    . C   A 1 14 ? 15.755  4.382   3.764   1.00 20.13 ? 15   C   A N4    1 
ATOM   295 C  C5    . C   A 1 14 ? 16.342  4.464   6.085   1.00 22.63 ? 15   C   A C5    1 
ATOM   296 C  C6    . C   A 1 14 ? 16.622  3.777   7.193   1.00 21.14 ? 15   C   A C6    1 
ATOM   297 P  P     . C   A 1 15 ? 21.648  2.373   8.831   1.00 28.29 ? 16   C   A P     1 
ATOM   298 O  OP1   . C   A 1 15 ? 22.753  2.090   9.777   1.00 32.60 ? 16   C   A OP1   1 
ATOM   299 O  OP2   . C   A 1 15 ? 21.553  3.690   8.193   1.00 28.37 ? 16   C   A OP2   1 
ATOM   300 O  "O5'" . C   A 1 15 ? 21.599  1.297   7.668   1.00 29.33 ? 16   C   A "O5'" 1 
ATOM   301 C  "C5'" . C   A 1 15 ? 21.563  -0.092  7.991   1.00 27.15 ? 16   C   A "C5'" 1 
ATOM   302 C  "C4'" . C   A 1 15 ? 21.364  -0.889  6.732   1.00 28.62 ? 16   C   A "C4'" 1 
ATOM   303 O  "O4'" . C   A 1 15 ? 20.080  -0.532  6.160   1.00 25.95 ? 16   C   A "O4'" 1 
ATOM   304 C  "C3'" . C   A 1 15 ? 22.308  -0.514  5.601   1.00 29.60 ? 16   C   A "C3'" 1 
ATOM   305 O  "O3'" . C   A 1 15 ? 23.579  -1.109  5.718   1.00 33.03 ? 16   C   A "O3'" 1 
ATOM   306 C  "C2'" . C   A 1 15 ? 21.532  -1.081  4.437   1.00 26.96 ? 16   C   A "C2'" 1 
ATOM   307 O  "O2'" . C   A 1 15 ? 21.588  -2.486  4.364   1.00 29.35 ? 16   C   A "O2'" 1 
ATOM   308 C  "C1'" . C   A 1 15 ? 20.108  -0.660  4.761   1.00 26.94 ? 16   C   A "C1'" 1 
ATOM   309 N  N1    . C   A 1 15 ? 19.738  0.613   4.143   1.00 24.44 ? 16   C   A N1    1 
ATOM   310 C  C2    . C   A 1 15 ? 19.391  0.660   2.802   1.00 20.83 ? 16   C   A C2    1 
ATOM   311 O  O2    . C   A 1 15 ? 19.361  -0.394  2.173   1.00 21.89 ? 16   C   A O2    1 
ATOM   312 N  N3    . C   A 1 15 ? 19.037  1.844   2.242   1.00 19.79 ? 16   C   A N3    1 
ATOM   313 C  C4    . C   A 1 15 ? 19.096  2.949   2.984   1.00 20.76 ? 16   C   A C4    1 
ATOM   314 N  N4    . C   A 1 15 ? 18.767  4.110   2.413   1.00 24.42 ? 16   C   A N4    1 
ATOM   315 C  C5    . C   A 1 15 ? 19.480  2.918   4.361   1.00 23.26 ? 16   C   A C5    1 
ATOM   316 C  C6    . C   A 1 15 ? 19.787  1.741   4.883   1.00 21.69 ? 16   C   A C6    1 
ATOM   317 P  P     . G   A 1 16 ? 24.800  -0.431  4.919   1.00 36.37 ? 17   G   A P     1 
ATOM   318 O  OP1   . G   A 1 16 ? 26.013  -1.201  5.316   1.00 39.48 ? 17   G   A OP1   1 
ATOM   319 O  OP2   . G   A 1 16 ? 24.779  1.049   5.095   1.00 36.21 ? 17   G   A OP2   1 
ATOM   320 O  "O5'" . G   A 1 16 ? 24.534  -0.718  3.380   1.00 36.79 ? 17   G   A "O5'" 1 
ATOM   321 C  "C5'" . G   A 1 16 ? 24.580  -2.046  2.890   1.00 38.15 ? 17   G   A "C5'" 1 
ATOM   322 C  "C4'" . G   A 1 16 ? 24.225  -2.071  1.420   1.00 39.91 ? 17   G   A "C4'" 1 
ATOM   323 O  "O4'" . G   A 1 16 ? 22.945  -1.430  1.244   1.00 38.47 ? 17   G   A "O4'" 1 
ATOM   324 C  "C3'" . G   A 1 16 ? 25.176  -1.278  0.523   1.00 40.78 ? 17   G   A "C3'" 1 
ATOM   325 O  "O3'" . G   A 1 16 ? 26.371  -2.021  0.203   1.00 42.79 ? 17   G   A "O3'" 1 
ATOM   326 C  "C2'" . G   A 1 16 ? 24.286  -0.953  -0.671  1.00 39.36 ? 17   G   A "C2'" 1 
ATOM   327 O  "O2'" . G   A 1 16 ? 24.173  -1.979  -1.647  1.00 42.35 ? 17   G   A "O2'" 1 
ATOM   328 C  "C1'" . G   A 1 16 ? 22.926  -0.753  0.004   1.00 36.73 ? 17   G   A "C1'" 1 
ATOM   329 N  N9    . G   A 1 16 ? 22.529  0.633   0.228   1.00 32.52 ? 17   G   A N9    1 
ATOM   330 C  C8    . G   A 1 16 ? 22.558  1.369   1.390   1.00 30.12 ? 17   G   A C8    1 
ATOM   331 N  N7    . G   A 1 16 ? 22.111  2.585   1.243   1.00 29.68 ? 17   G   A N7    1 
ATOM   332 C  C5    . G   A 1 16 ? 21.751  2.655   -0.086  1.00 27.36 ? 17   G   A C5    1 
ATOM   333 C  C6    . G   A 1 16 ? 21.196  3.703   -0.838  1.00 25.08 ? 17   G   A C6    1 
ATOM   334 O  O6    . G   A 1 16 ? 20.885  4.839   -0.455  1.00 26.89 ? 17   G   A O6    1 
ATOM   335 N  N1    . G   A 1 16 ? 21.013  3.315   -2.162  1.00 27.27 ? 17   G   A N1    1 
ATOM   336 C  C2    . G   A 1 16 ? 21.302  2.089   -2.704  1.00 28.24 ? 17   G   A C2    1 
ATOM   337 N  N2    . G   A 1 16 ? 21.046  1.891   -4.017  1.00 31.35 ? 17   G   A N2    1 
ATOM   338 N  N3    . G   A 1 16 ? 21.807  1.101   -2.015  1.00 30.80 ? 17   G   A N3    1 
ATOM   339 C  C4    . G   A 1 16 ? 22.012  1.461   -0.727  1.00 29.71 ? 17   G   A C4    1 
ATOM   340 O  "O5'" . G   B 2 1  ? 14.604  3.612   -6.572  1.00 32.90 ? 84   G   B "O5'" 1 
ATOM   341 C  "C5'" . G   B 2 1  ? 14.816  2.658   -7.619  1.00 32.61 ? 84   G   B "C5'" 1 
ATOM   342 C  "C4'" . G   B 2 1  ? 15.669  1.493   -7.166  1.00 28.70 ? 84   G   B "C4'" 1 
ATOM   343 O  "O4'" . G   B 2 1  ? 16.938  1.971   -6.676  1.00 27.62 ? 84   G   B "O4'" 1 
ATOM   344 C  "C3'" . G   B 2 1  ? 15.082  0.709   -6.002  1.00 28.18 ? 84   G   B "C3'" 1 
ATOM   345 O  "O3'" . G   B 2 1  ? 14.150  -0.287  -6.434  1.00 25.25 ? 84   G   B "O3'" 1 
ATOM   346 C  "C2'" . G   B 2 1  ? 16.320  0.103   -5.356  1.00 28.06 ? 84   G   B "C2'" 1 
ATOM   347 O  "O2'" . G   B 2 1  ? 16.789  -1.062  -6.011  1.00 32.00 ? 84   G   B "O2'" 1 
ATOM   348 C  "C1'" . G   B 2 1  ? 17.309  1.240   -5.498  1.00 28.66 ? 84   G   B "C1'" 1 
ATOM   349 N  N9    . G   B 2 1  ? 17.279  2.152   -4.356  1.00 24.52 ? 84   G   B N9    1 
ATOM   350 C  C8    . G   B 2 1  ? 16.856  3.448   -4.350  1.00 24.71 ? 84   G   B C8    1 
ATOM   351 N  N7    . G   B 2 1  ? 16.963  4.058   -3.200  1.00 24.95 ? 84   G   B N7    1 
ATOM   352 C  C5    . G   B 2 1  ? 17.475  3.074   -2.357  1.00 23.58 ? 84   G   B C5    1 
ATOM   353 C  C6    . G   B 2 1  ? 17.774  3.131   -0.967  1.00 22.49 ? 84   G   B C6    1 
ATOM   354 O  O6    . G   B 2 1  ? 17.642  4.088   -0.176  1.00 23.09 ? 84   G   B O6    1 
ATOM   355 N  N1    . G   B 2 1  ? 18.301  1.930   -0.506  1.00 21.42 ? 84   G   B N1    1 
ATOM   356 C  C2    . G   B 2 1  ? 18.468  0.813   -1.303  1.00 23.09 ? 84   G   B C2    1 
ATOM   357 N  N2    . G   B 2 1  ? 18.957  -0.278  -0.732  1.00 23.37 ? 84   G   B N2    1 
ATOM   358 N  N3    . G   B 2 1  ? 18.164  0.730   -2.596  1.00 24.35 ? 84   G   B N3    1 
ATOM   359 C  C4    . G   B 2 1  ? 17.684  1.905   -3.059  1.00 23.79 ? 84   G   B C4    1 
ATOM   360 P  P     . G   B 2 2  ? 12.914  -0.652  -5.484  1.00 24.61 ? 85   G   B P     1 
ATOM   361 O  OP1   . G   B 2 2  ? 12.001  -1.523  -6.265  1.00 26.67 ? 85   G   B OP1   1 
ATOM   362 O  OP2   . G   B 2 2  ? 12.402  0.604   -4.900  1.00 24.73 ? 85   G   B OP2   1 
ATOM   363 O  "O5'" . G   B 2 2  ? 13.537  -1.490  -4.264  1.00 21.10 ? 85   G   B "O5'" 1 
ATOM   364 C  "C5'" . G   B 2 2  ? 14.212  -2.715  -4.484  1.00 24.75 ? 85   G   B "C5'" 1 
ATOM   365 C  "C4'" . G   B 2 2  ? 14.756  -3.251  -3.187  1.00 22.17 ? 85   G   B "C4'" 1 
ATOM   366 O  "O4'" . G   B 2 2  ? 15.824  -2.397  -2.734  1.00 23.43 ? 85   G   B "O4'" 1 
ATOM   367 C  "C3'" . G   B 2 2  ? 13.782  -3.236  -2.038  1.00 21.51 ? 85   G   B "C3'" 1 
ATOM   368 O  "O3'" . G   B 2 2  ? 12.868  -4.333  -2.101  1.00 21.83 ? 85   G   B "O3'" 1 
ATOM   369 C  "C2'" . G   B 2 2  ? 14.757  -3.328  -0.878  1.00 22.33 ? 85   G   B "C2'" 1 
ATOM   370 O  "O2'" . G   B 2 2  ? 15.311  -4.635  -0.716  1.00 21.95 ? 85   G   B "O2'" 1 
ATOM   371 C  "C1'" . G   B 2 2  ? 15.795  -2.302  -1.307  1.00 23.39 ? 85   G   B "C1'" 1 
ATOM   372 N  N9    . G   B 2 2  ? 15.442  -0.934  -0.931  1.00 20.20 ? 85   G   B N9    1 
ATOM   373 C  C8    . G   B 2 2  ? 14.869  0.075   -1.657  1.00 21.46 ? 85   G   B C8    1 
ATOM   374 N  N7    . G   B 2 2  ? 14.681  1.174   -0.959  1.00 19.94 ? 85   G   B N7    1 
ATOM   375 C  C5    . G   B 2 2  ? 15.157  0.874   0.304   1.00 18.68 ? 85   G   B C5    1 
ATOM   376 C  C6    . G   B 2 2  ? 15.213  1.643   1.507   1.00 16.86 ? 85   G   B C6    1 
ATOM   377 O  O6    . G   B 2 2  ? 14.841  2.800   1.708   1.00 22.21 ? 85   G   B O6    1 
ATOM   378 N  N1    . G   B 2 2  ? 15.709  0.914   2.581   1.00 20.17 ? 85   G   B N1    1 
ATOM   379 C  C2    . G   B 2 2  ? 16.135  -0.378  2.515   1.00 18.98 ? 85   G   B C2    1 
ATOM   380 N  N2    . G   B 2 2  ? 16.591  -0.915  3.666   1.00 21.84 ? 85   G   B N2    1 
ATOM   381 N  N3    . G   B 2 2  ? 16.075  -1.106  1.393   1.00 20.30 ? 85   G   B N3    1 
ATOM   382 C  C4    . G   B 2 2  ? 15.581  -0.422  0.343   1.00 19.76 ? 85   G   B C4    1 
ATOM   383 P  P     . U   B 2 3  ? 11.367  -4.184  -1.558  1.00 21.22 ? 86   U   B P     1 
ATOM   384 O  OP1   . U   B 2 3  ? 10.700  -5.430  -1.925  1.00 23.95 ? 86   U   B OP1   1 
ATOM   385 O  OP2   . U   B 2 3  ? 10.848  -2.870  -1.978  1.00 23.32 ? 86   U   B OP2   1 
ATOM   386 O  "O5'" . U   B 2 3  ? 11.516  -4.117  0.027   1.00 21.26 ? 86   U   B "O5'" 1 
ATOM   387 C  "C5'" . U   B 2 3  ? 12.095  -5.230  0.740   1.00 20.21 ? 86   U   B "C5'" 1 
ATOM   388 C  "C4'" . U   B 2 3  ? 12.471  -4.792  2.138   1.00 21.64 ? 86   U   B "C4'" 1 
ATOM   389 O  "O4'" . U   B 2 3  ? 13.411  -3.690  2.063   1.00 21.16 ? 86   U   B "O4'" 1 
ATOM   390 C  "C3'" . U   B 2 3  ? 11.330  -4.274  3.004   1.00 19.86 ? 86   U   B "C3'" 1 
ATOM   391 O  "O3'" . U   B 2 3  ? 10.587  -5.333  3.548   1.00 18.64 ? 86   U   B "O3'" 1 
ATOM   392 C  "C2'" . U   B 2 3  ? 12.098  -3.433  4.005   1.00 20.09 ? 86   U   B "C2'" 1 
ATOM   393 O  "O2'" . U   B 2 3  ? 12.721  -4.243  4.973   1.00 20.64 ? 86   U   B "O2'" 1 
ATOM   394 C  "C1'" . U   B 2 3  ? 13.169  -2.796  3.126   1.00 19.01 ? 86   U   B "C1'" 1 
ATOM   395 N  N1    . U   B 2 3  ? 12.745  -1.461  2.619   1.00 18.61 ? 86   U   B N1    1 
ATOM   396 C  C2    . U   B 2 3  ? 12.818  -0.410  3.505   1.00 19.02 ? 86   U   B C2    1 
ATOM   397 O  O2    . U   B 2 3  ? 13.210  -0.595  4.648   1.00 21.34 ? 86   U   B O2    1 
ATOM   398 N  N3    . U   B 2 3  ? 12.394  0.796   2.988   1.00 19.08 ? 86   U   B N3    1 
ATOM   399 C  C4    . U   B 2 3  ? 11.924  1.049   1.726   1.00 19.82 ? 86   U   B C4    1 
ATOM   400 O  O4    . U   B 2 3  ? 11.565  2.187   1.431   1.00 19.83 ? 86   U   B O4    1 
ATOM   401 C  C5    . U   B 2 3  ? 11.874  -0.088  0.867   1.00 18.38 ? 86   U   B C5    1 
ATOM   402 C  C6    . U   B 2 3  ? 12.280  -1.274  1.324   1.00 17.53 ? 86   U   B C6    1 
ATOM   403 P  P     . A   B 2 4  ? 9.048   -5.093  3.956   1.00 21.81 ? 1487 A   B P     1 
ATOM   404 O  OP1   . A   B 2 4  ? 8.499   -6.457  4.275   1.00 23.33 ? 1487 A   B OP1   1 
ATOM   405 O  OP2   . A   B 2 4  ? 8.418   -4.207  2.971   1.00 20.89 ? 1487 A   B OP2   1 
ATOM   406 O  "O5'" . A   B 2 4  ? 9.101   -4.224  5.298   1.00 19.85 ? 1487 A   B "O5'" 1 
ATOM   407 C  "C5'" . A   B 2 4  ? 9.607   -4.784  6.472   1.00 19.68 ? 1487 A   B "C5'" 1 
ATOM   408 C  "C4'" . A   B 2 4  ? 9.523   -3.770  7.585   1.00 19.24 ? 1487 A   B "C4'" 1 
ATOM   409 O  "O4'" . A   B 2 4  ? 10.424  -2.657  7.301   1.00 19.04 ? 1487 A   B "O4'" 1 
ATOM   410 C  "C3'" . A   B 2 4  ? 8.167   -3.100  7.688   1.00 18.18 ? 1487 A   B "C3'" 1 
ATOM   411 O  "O3'" . A   B 2 4  ? 7.233   -3.922  8.413   1.00 19.92 ? 1487 A   B "O3'" 1 
ATOM   412 C  "C2'" . A   B 2 4  ? 8.545   -1.820  8.427   1.00 19.76 ? 1487 A   B "C2'" 1 
ATOM   413 O  "O2'" . A   B 2 4  ? 8.850   -2.002  9.797   1.00 21.45 ? 1487 A   B "O2'" 1 
ATOM   414 C  "C1'" . A   B 2 4  ? 9.823   -1.455  7.722   1.00 18.83 ? 1487 A   B "C1'" 1 
ATOM   415 N  N9    . A   B 2 4  ? 9.673   -0.634  6.550   1.00 18.29 ? 1487 A   B N9    1 
ATOM   416 C  C8    . A   B 2 4  ? 9.543   -1.050  5.259   1.00 16.94 ? 1487 A   B C8    1 
ATOM   417 N  N7    . A   B 2 4  ? 9.439   -0.044  4.397   1.00 18.09 ? 1487 A   B N7    1 
ATOM   418 C  C5    . A   B 2 4  ? 9.504   1.074   5.190   1.00 18.03 ? 1487 A   B C5    1 
ATOM   419 C  C6    . A   B 2 4  ? 9.440   2.448   4.891   1.00 17.12 ? 1487 A   B C6    1 
ATOM   420 N  N6    . A   B 2 4  ? 9.369   2.946   3.647   1.00 17.75 ? 1487 A   B N6    1 
ATOM   421 N  N1    . A   B 2 4  ? 9.516   3.309   5.921   1.00 19.39 ? 1487 A   B N1    1 
ATOM   422 C  C2    . A   B 2 4  ? 9.623   2.821   7.171   1.00 19.33 ? 1487 A   B C2    1 
ATOM   423 N  N3    . A   B 2 4  ? 9.676   1.549   7.577   1.00 20.32 ? 1487 A   B N3    1 
ATOM   424 C  C4    . A   B 2 4  ? 9.631   0.727   6.519   1.00 20.38 ? 1487 A   B C4    1 
ATOM   425 P  P     . C   B 2 5  ? 5.685   -3.816  8.147   1.00 19.12 ? 1488 C   B P     1 
ATOM   426 O  OP1   . C   B 2 5  ? 5.195   -4.999  8.910   1.00 20.30 ? 1488 C   B OP1   1 
ATOM   427 O  OP2   . C   B 2 5  ? 5.402   -3.653  6.695   1.00 19.56 ? 1488 C   B OP2   1 
ATOM   428 O  "O5'" . C   B 2 5  ? 5.165   -2.490  8.850   1.00 19.36 ? 1488 C   B "O5'" 1 
ATOM   429 C  "C5'" . C   B 2 5  ? 5.256   -2.361  10.254  1.00 18.27 ? 1488 C   B "C5'" 1 
ATOM   430 C  "C4'" . C   B 2 5  ? 5.072   -0.907  10.636  1.00 18.78 ? 1488 C   B "C4'" 1 
ATOM   431 O  "O4'" . C   B 2 5  ? 6.142   -0.166  10.024  1.00 19.72 ? 1488 C   B "O4'" 1 
ATOM   432 C  "C3'" . C   B 2 5  ? 3.825   -0.237  10.097  1.00 19.22 ? 1488 C   B "C3'" 1 
ATOM   433 O  "O3'" . C   B 2 5  ? 2.669   -0.569  10.876  1.00 19.53 ? 1488 C   B "O3'" 1 
ATOM   434 C  "C2'" . C   B 2 5  ? 4.222   1.225   10.165  1.00 19.96 ? 1488 C   B "C2'" 1 
ATOM   435 O  "O2'" . C   B 2 5  ? 4.188   1.665   11.525  1.00 23.65 ? 1488 C   B "O2'" 1 
ATOM   436 C  "C1'" . C   B 2 5  ? 5.652   1.125   9.697   1.00 21.30 ? 1488 C   B "C1'" 1 
ATOM   437 N  N1    . C   B 2 5  ? 5.815   1.366   8.258   1.00 19.45 ? 1488 C   B N1    1 
ATOM   438 C  C2    . C   B 2 5  ? 5.906   2.685   7.840   1.00 21.00 ? 1488 C   B C2    1 
ATOM   439 O  O2    . C   B 2 5  ? 5.823   3.554   8.708   1.00 21.21 ? 1488 C   B O2    1 
ATOM   440 N  N3    . C   B 2 5  ? 6.060   2.942   6.520   1.00 20.78 ? 1488 C   B N3    1 
ATOM   441 C  C4    . C   B 2 5  ? 6.130   1.957   5.641   1.00 18.56 ? 1488 C   B C4    1 
ATOM   442 N  N4    . C   B 2 5  ? 6.283   2.244   4.330   1.00 17.21 ? 1488 C   B N4    1 
ATOM   443 C  C5    . C   B 2 5  ? 5.991   0.588   6.047   1.00 17.19 ? 1488 C   B C5    1 
ATOM   444 C  C6    . C   B 2 5  ? 5.845   0.347   7.347   1.00 19.13 ? 1488 C   B C6    1 
ATOM   445 P  P     . U   B 2 6  ? 1.252   -0.615  10.217  1.00 20.13 ? 1489 U   B P     1 
ATOM   446 O  OP1   . U   B 2 6  ? 0.276   -1.019  11.252  1.00 21.47 ? 1489 U   B OP1   1 
ATOM   447 O  OP2   . U   B 2 6  ? 1.304   -1.292  8.884   1.00 20.51 ? 1489 U   B OP2   1 
ATOM   448 O  "O5'" . U   B 2 6  ? 0.990   0.910   9.830   1.00 20.45 ? 1489 U   B "O5'" 1 
ATOM   449 C  "C5'" . U   B 2 6  ? 0.904   1.909   10.863  1.00 23.56 ? 1489 U   B "C5'" 1 
ATOM   450 C  "C4'" . U   B 2 6  ? 0.726   3.289   10.272  1.00 23.46 ? 1489 U   B "C4'" 1 
ATOM   451 O  "O4'" . U   B 2 6  ? 1.969   3.673   9.654   1.00 23.26 ? 1489 U   B "O4'" 1 
ATOM   452 C  "C3'" . U   B 2 6  ? -0.318  3.448   9.179   1.00 25.47 ? 1489 U   B "C3'" 1 
ATOM   453 O  "O3'" . U   B 2 6  ? -1.648  3.552   9.704   1.00 24.47 ? 1489 U   B "O3'" 1 
ATOM   454 C  "C2'" . U   B 2 6  ? 0.191   4.724   8.554   1.00 23.07 ? 1489 U   B "C2'" 1 
ATOM   455 O  "O2'" . U   B 2 6  ? -0.087  5.860   9.374   1.00 26.27 ? 1489 U   B "O2'" 1 
ATOM   456 C  "C1'" . U   B 2 6  ? 1.689   4.501   8.536   1.00 24.17 ? 1489 U   B "C1'" 1 
ATOM   457 N  N1    . U   B 2 6  ? 2.131   3.843   7.286   1.00 21.62 ? 1489 U   B N1    1 
ATOM   458 C  C2    . U   B 2 6  ? 2.377   4.641   6.202   1.00 23.08 ? 1489 U   B C2    1 
ATOM   459 O  O2    . U   B 2 6  ? 2.245   5.859   6.239   1.00 22.56 ? 1489 U   B O2    1 
ATOM   460 N  N3    . U   B 2 6  ? 2.784   3.982   5.068   1.00 20.83 ? 1489 U   B N3    1 
ATOM   461 C  C4    . U   B 2 6  ? 2.938   2.625   4.894   1.00 19.81 ? 1489 U   B C4    1 
ATOM   462 O  O4    . U   B 2 6  ? 3.272   2.179   3.799   1.00 20.28 ? 1489 U   B O4    1 
ATOM   463 C  C5    . U   B 2 6  ? 2.651   1.851   6.072   1.00 20.30 ? 1489 U   B C5    1 
ATOM   464 C  C6    . U   B 2 6  ? 2.256   2.472   7.194   1.00 21.49 ? 1489 U   B C6    1 
ATOM   465 P  P     . A   B 2 7  ? -2.853  3.038   8.865   1.00 26.63 ? 1490 A   B P     1 
ATOM   466 O  OP1   . A   B 2 7  ? -4.055  3.007   9.739   1.00 27.68 ? 1490 A   B OP1   1 
ATOM   467 O  OP2   . A   B 2 7  ? -2.496  1.808   8.073   1.00 26.75 ? 1490 A   B OP2   1 
ATOM   468 O  "O5'" . A   B 2 7  ? -3.003  4.243   7.827   1.00 25.26 ? 1490 A   B "O5'" 1 
ATOM   469 C  "C5'" . A   B 2 7  ? -3.257  5.562   8.270   1.00 27.66 ? 1490 A   B "C5'" 1 
ATOM   470 C  "C4'" . A   B 2 7  ? -3.163  6.542   7.102   1.00 27.87 ? 1490 A   B "C4'" 1 
ATOM   471 O  "O4'" . A   B 2 7  ? -1.804  6.545   6.583   1.00 27.40 ? 1490 A   B "O4'" 1 
ATOM   472 C  "C3'" . A   B 2 7  ? -4.019  6.260   5.876   1.00 27.00 ? 1490 A   B "C3'" 1 
ATOM   473 O  "O3'" . A   B 2 7  ? -5.341  6.785   6.058   1.00 27.26 ? 1490 A   B "O3'" 1 
ATOM   474 C  "C2'" . A   B 2 7  ? -3.258  7.003   4.785   1.00 25.97 ? 1490 A   B "C2'" 1 
ATOM   475 O  "O2'" . A   B 2 7  ? -3.467  8.427   4.781   1.00 25.51 ? 1490 A   B "O2'" 1 
ATOM   476 C  "C1'" . A   B 2 7  ? -1.819  6.729   5.175   1.00 24.57 ? 1490 A   B "C1'" 1 
ATOM   477 N  N9    . A   B 2 7  ? -1.205  5.551   4.527   1.00 22.51 ? 1490 A   B N9    1 
ATOM   478 C  C8    . A   B 2 7  ? -1.115  4.278   4.992   1.00 24.01 ? 1490 A   B C8    1 
ATOM   479 N  N7    . A   B 2 7  ? -0.471  3.473   4.171   1.00 23.03 ? 1490 A   B N7    1 
ATOM   480 C  C5    . A   B 2 7  ? -0.108  4.307   3.112   1.00 19.88 ? 1490 A   B C5    1 
ATOM   481 C  C6    . A   B 2 7  ? 0.579   4.063   1.899   1.00 21.06 ? 1490 A   B C6    1 
ATOM   482 N  N6    . A   B 2 7  ? 1.052   2.853   1.563   1.00 18.92 ? 1490 A   B N6    1 
ATOM   483 N  N1    . A   B 2 7  ? 0.751   5.105   1.042   1.00 19.16 ? 1490 A   B N1    1 
ATOM   484 C  C2    . A   B 2 7  ? 0.250   6.307   1.384   1.00 20.66 ? 1490 A   B C2    1 
ATOM   485 N  N3    . A   B 2 7  ? -0.403  6.644   2.496   1.00 21.22 ? 1490 A   B N3    1 
ATOM   486 C  C4    . A   B 2 7  ? -0.562  5.581   3.311   1.00 20.04 ? 1490 A   B C4    1 
ATOM   487 P  P     . A   B 2 8  ? -6.550  6.241   5.199   1.00 26.35 ? 1491 A   B P     1 
ATOM   488 O  OP1   . A   B 2 8  ? -7.784  6.464   6.000   1.00 30.55 ? 1491 A   B OP1   1 
ATOM   489 O  OP2   . A   B 2 8  ? -6.243  4.884   4.660   1.00 27.63 ? 1491 A   B OP2   1 
ATOM   490 O  "O5'" . A   B 2 8  ? -6.531  7.286   3.961   1.00 28.02 ? 1491 A   B "O5'" 1 
ATOM   491 C  "C5'" . A   B 2 8  ? -7.719  7.681   3.331   1.00 29.17 ? 1491 A   B "C5'" 1 
ATOM   492 C  "C4'" . A   B 2 8  ? -7.507  8.672   2.203   1.00 27.54 ? 1491 A   B "C4'" 1 
ATOM   493 O  "O4'" . A   B 2 8  ? -7.457  10.041  2.672   1.00 28.44 ? 1491 A   B "O4'" 1 
ATOM   494 C  "C3'" . A   B 2 8  ? -6.224  8.520   1.401   1.00 26.04 ? 1491 A   B "C3'" 1 
ATOM   495 O  "O3'" . A   B 2 8  ? -6.601  8.731   0.083   1.00 23.84 ? 1491 A   B "O3'" 1 
ATOM   496 C  "C2'" . A   B 2 8  ? -5.355  9.706   1.821   1.00 28.36 ? 1491 A   B "C2'" 1 
ATOM   497 O  "O2'" . A   B 2 8  ? -4.427  10.068  0.814   1.00 29.78 ? 1491 A   B "O2'" 1 
ATOM   498 C  "C1'" . A   B 2 8  ? -6.484  10.740  1.906   1.00 28.50 ? 1491 A   B "C1'" 1 
ATOM   499 N  N9    . A   B 2 8  ? -6.245  12.021  2.566   1.00 30.10 ? 1491 A   B N9    1 
ATOM   500 C  C8    . A   B 2 8  ? -6.695  13.266  2.187   1.00 27.92 ? 1491 A   B C8    1 
ATOM   501 N  N7    . A   B 2 8  ? -6.358  14.238  2.999   1.00 26.31 ? 1491 A   B N7    1 
ATOM   502 C  C5    . A   B 2 8  ? -5.646  13.567  3.988   1.00 30.24 ? 1491 A   B C5    1 
ATOM   503 C  C6    . A   B 2 8  ? -5.008  14.013  5.165   1.00 32.12 ? 1491 A   B C6    1 
ATOM   504 N  N6    . A   B 2 8  ? -4.948  15.281  5.577   1.00 29.69 ? 1491 A   B N6    1 
ATOM   505 N  N1    . A   B 2 8  ? -4.379  13.096  5.921   1.00 32.35 ? 1491 A   B N1    1 
ATOM   506 C  C2    . A   B 2 8  ? -4.409  11.824  5.527   1.00 34.33 ? 1491 A   B C2    1 
ATOM   507 N  N3    . A   B 2 8  ? -4.979  11.280  4.454   1.00 32.85 ? 1491 A   B N3    1 
ATOM   508 C  C4    . A   B 2 8  ? -5.592  12.220  3.734   1.00 29.63 ? 1491 A   B C4    1 
ATOM   509 P  P     . A   B 2 9  ? -6.943  7.576   -0.951  1.00 24.46 ? 1492 A   B P     1 
ATOM   510 O  OP1   . A   B 2 9  ? -7.735  8.120   -2.082  1.00 26.57 ? 1492 A   B OP1   1 
ATOM   511 O  OP2   . A   B 2 9  ? -7.395  6.391   -0.176  1.00 24.71 ? 1492 A   B OP2   1 
ATOM   512 O  "O5'" . A   B 2 9  ? -5.464  7.210   -1.495  1.00 20.83 ? 1492 A   B "O5'" 1 
ATOM   513 C  "C5'" . A   B 2 9  ? -4.847  7.930   -2.584  1.00 21.59 ? 1492 A   B "C5'" 1 
ATOM   514 C  "C4'" . A   B 2 9  ? -3.530  7.294   -2.966  1.00 19.12 ? 1492 A   B "C4'" 1 
ATOM   515 O  "O4'" . A   B 2 9  ? -2.563  7.432   -1.904  1.00 20.70 ? 1492 A   B "O4'" 1 
ATOM   516 C  "C3'" . A   B 2 9  ? -3.726  5.804   -3.184  1.00 18.67 ? 1492 A   B "C3'" 1 
ATOM   517 O  "O3'" . A   B 2 9  ? -4.061  5.549   -4.503  1.00 19.56 ? 1492 A   B "O3'" 1 
ATOM   518 C  "C2'" . A   B 2 9  ? -2.344  5.281   -2.812  1.00 19.82 ? 1492 A   B "C2'" 1 
ATOM   519 O  "O2'" . A   B 2 9  ? -1.413  5.480   -3.848  1.00 22.24 ? 1492 A   B "O2'" 1 
ATOM   520 C  "C1'" . A   B 2 9  ? -2.037  6.147   -1.604  1.00 18.63 ? 1492 A   B "C1'" 1 
ATOM   521 N  N9    . A   B 2 9  ? -2.657  5.695   -0.360  1.00 19.51 ? 1492 A   B N9    1 
ATOM   522 C  C8    . A   B 2 9  ? -3.395  6.476   0.508   1.00 20.79 ? 1492 A   B C8    1 
ATOM   523 N  N7    . A   B 2 9  ? -3.802  5.850   1.563   1.00 21.99 ? 1492 A   B N7    1 
ATOM   524 C  C5    . A   B 2 9  ? -3.300  4.555   1.403   1.00 19.41 ? 1492 A   B C5    1 
ATOM   525 C  C6    . A   B 2 9  ? -3.374  3.410   2.197   1.00 20.51 ? 1492 A   B C6    1 
ATOM   526 N  N6    . A   B 2 9  ? -4.033  3.343   3.361   1.00 23.41 ? 1492 A   B N6    1 
ATOM   527 N  N1    . A   B 2 9  ? -2.773  2.285   1.747   1.00 22.08 ? 1492 A   B N1    1 
ATOM   528 C  C2    . A   B 2 9  ? -2.097  2.360   0.581   1.00 21.17 ? 1492 A   B C2    1 
ATOM   529 N  N3    . A   B 2 9  ? -1.973  3.400   -0.242  1.00 18.29 ? 1492 A   B N3    1 
ATOM   530 C  C4    . A   B 2 9  ? -2.580  4.477   0.243   1.00 20.21 ? 1492 A   B C4    1 
ATOM   531 P  P     . A   B 2 10 ? -4.949  4.280   -4.883  1.00 21.62 ? 1493 A   B P     1 
ATOM   532 O  OP1   . A   B 2 10 ? -6.159  4.259   -4.018  1.00 26.26 ? 1493 A   B OP1   1 
ATOM   533 O  OP2   . A   B 2 10 ? -4.113  3.051   -4.914  1.00 22.74 ? 1493 A   B OP2   1 
ATOM   534 O  "O5'" . A   B 2 10 ? -5.419  4.584   -6.365  1.00 27.13 ? 1493 A   B "O5'" 1 
ATOM   535 C  "C5'" . A   B 2 10 ? -6.004  5.865   -6.667  1.00 29.95 ? 1493 A   B "C5'" 1 
ATOM   536 C  "C4'" . A   B 2 10 ? -5.612  6.335   -8.060  1.00 29.49 ? 1493 A   B "C4'" 1 
ATOM   537 O  "O4'" . A   B 2 10 ? -4.177  6.446   -8.208  1.00 32.45 ? 1493 A   B "O4'" 1 
ATOM   538 C  "C3'" . A   B 2 10 ? -5.983  5.386   -9.177  1.00 33.04 ? 1493 A   B "C3'" 1 
ATOM   539 O  "O3'" . A   B 2 10 ? -7.276  5.652   -9.533  1.00 34.31 ? 1493 A   B "O3'" 1 
ATOM   540 C  "C2'" . A   B 2 10 ? -5.034  5.798   -10.293 1.00 33.02 ? 1493 A   B "C2'" 1 
ATOM   541 O  "O2'" . A   B 2 10 ? -5.477  6.959   -10.978 1.00 34.33 ? 1493 A   B "O2'" 1 
ATOM   542 C  "C1'" . A   B 2 10 ? -3.769  6.101   -9.521  1.00 32.19 ? 1493 A   B "C1'" 1 
ATOM   543 N  N9    . A   B 2 10 ? -2.901  4.923   -9.524  1.00 30.61 ? 1493 A   B N9    1 
ATOM   544 C  C8    . A   B 2 10 ? -3.058  3.807   -8.765  1.00 30.56 ? 1493 A   B C8    1 
ATOM   545 N  N7    . A   B 2 10 ? -2.155  2.881   -8.988  1.00 28.93 ? 1493 A   B N7    1 
ATOM   546 C  C5    . A   B 2 10 ? -1.361  3.424   -9.974  1.00 30.96 ? 1493 A   B C5    1 
ATOM   547 C  C6    . A   B 2 10 ? -0.238  2.923   -10.657 1.00 31.86 ? 1493 A   B C6    1 
ATOM   548 N  N6    . A   B 2 10 ? 0.309   1.712   -10.397 1.00 31.06 ? 1493 A   B N6    1 
ATOM   549 N  N1    . A   B 2 10 ? 0.323   3.726   -11.589 1.00 32.17 ? 1493 A   B N1    1 
ATOM   550 C  C2    . A   B 2 10 ? -0.230  4.925   -11.805 1.00 31.64 ? 1493 A   B C2    1 
ATOM   551 N  N3    . A   B 2 10 ? -1.294  5.497   -11.244 1.00 31.24 ? 1493 A   B N3    1 
ATOM   552 C  C4    . A   B 2 10 ? -1.817  4.679   -10.321 1.00 30.48 ? 1493 A   B C4    1 
ATOM   553 P  P     . G   B 2 11 ? -8.385  4.523   -9.648  1.00 36.17 ? 1494 G   B P     1 
ATOM   554 O  OP1   . G   B 2 11 ? -9.542  5.127   -10.356 1.00 36.55 ? 1494 G   B OP1   1 
ATOM   555 O  OP2   . G   B 2 11 ? -8.702  3.838   -8.378  1.00 34.51 ? 1494 G   B OP2   1 
ATOM   556 O  "O5'" . G   B 2 11 ? -7.687  3.578   -10.707 1.00 36.05 ? 1494 G   B "O5'" 1 
ATOM   557 C  "C5'" . G   B 2 11 ? -7.874  2.236   -10.613 1.00 31.56 ? 1494 G   B "C5'" 1 
ATOM   558 C  "C4'" . G   B 2 11 ? -6.618  1.549   -11.075 1.00 28.57 ? 1494 G   B "C4'" 1 
ATOM   559 O  "O4'" . G   B 2 11 ? -5.506  1.943   -10.227 1.00 27.47 ? 1494 G   B "O4'" 1 
ATOM   560 C  "C3'" . G   B 2 11 ? -6.804  0.063   -10.938 1.00 27.96 ? 1494 G   B "C3'" 1 
ATOM   561 O  "O3'" . G   B 2 11 ? -7.355  -0.470  -12.129 1.00 26.62 ? 1494 G   B "O3'" 1 
ATOM   562 C  "C2'" . G   B 2 11 ? -5.392  -0.374  -10.658 1.00 26.02 ? 1494 G   B "C2'" 1 
ATOM   563 O  "O2'" . G   B 2 11 ? -4.574  -0.389  -11.807 1.00 26.84 ? 1494 G   B "O2'" 1 
ATOM   564 C  "C1'" . G   B 2 11 ? -4.921  0.744   -9.736  1.00 25.69 ? 1494 G   B "C1'" 1 
ATOM   565 N  N9    . G   B 2 11 ? -5.310  0.578   -8.342  1.00 22.24 ? 1494 G   B N9    1 
ATOM   566 C  C8    . G   B 2 11 ? -6.118  1.370   -7.570  1.00 22.48 ? 1494 G   B C8    1 
ATOM   567 N  N7    . G   B 2 11 ? -6.256  0.938   -6.324  1.00 21.77 ? 1494 G   B N7    1 
ATOM   568 C  C5    . G   B 2 11 ? -5.470  -0.221  -6.306  1.00 20.44 ? 1494 G   B C5    1 
ATOM   569 C  C6    . G   B 2 11 ? -5.215  -1.124  -5.247  1.00 20.43 ? 1494 G   B C6    1 
ATOM   570 O  O6    . G   B 2 11 ? -5.661  -1.060  -4.085  1.00 21.33 ? 1494 G   B O6    1 
ATOM   571 N  N1    . G   B 2 11 ? -4.383  -2.162  -5.668  1.00 19.86 ? 1494 G   B N1    1 
ATOM   572 C  C2    . G   B 2 11 ? -3.849  -2.291  -6.912  1.00 20.36 ? 1494 G   B C2    1 
ATOM   573 N  N2    . G   B 2 11 ? -3.052  -3.361  -7.175  1.00 18.51 ? 1494 G   B N2    1 
ATOM   574 N  N3    . G   B 2 11 ? -4.055  -1.443  -7.905  1.00 20.60 ? 1494 G   B N3    1 
ATOM   575 C  C4    . G   B 2 11 ? -4.890  -0.454  -7.519  1.00 22.55 ? 1494 G   B C4    1 
ATOM   576 P  P     . U   B 2 12 ? -8.467  -1.627  -11.949 1.00 28.97 ? 1495 U   B P     1 
ATOM   577 O  OP1   . U   B 2 12 ? -8.713  -2.048  -13.370 1.00 30.04 ? 1495 U   B OP1   1 
ATOM   578 O  OP2   . U   B 2 12 ? -9.553  -1.242  -11.025 1.00 27.59 ? 1495 U   B OP2   1 
ATOM   579 O  "O5'" . U   B 2 12 ? -7.771  -2.902  -11.278 1.00 28.93 ? 1495 U   B "O5'" 1 
ATOM   580 C  "C5'" . U   B 2 12 ? -6.629  -3.511  -11.901 1.00 26.55 ? 1495 U   B "C5'" 1 
ATOM   581 C  "C4'" . U   B 2 12 ? -6.081  -4.564  -10.970 1.00 25.85 ? 1495 U   B "C4'" 1 
ATOM   582 O  "O4'" . U   B 2 12 ? -5.576  -3.967  -9.745  1.00 25.09 ? 1495 U   B "O4'" 1 
ATOM   583 C  "C3'" . U   B 2 12 ? -7.146  -5.520  -10.472 1.00 25.55 ? 1495 U   B "C3'" 1 
ATOM   584 O  "O3'" . U   B 2 12 ? -7.456  -6.482  -11.483 1.00 25.65 ? 1495 U   B "O3'" 1 
ATOM   585 C  "C2'" . U   B 2 12 ? -6.476  -6.051  -9.208  1.00 24.15 ? 1495 U   B "C2'" 1 
ATOM   586 O  "O2'" . U   B 2 12 ? -5.396  -6.939  -9.450  1.00 25.59 ? 1495 U   B "O2'" 1 
ATOM   587 C  "C1'" . U   B 2 12 ? -5.882  -4.776  -8.622  1.00 24.77 ? 1495 U   B "C1'" 1 
ATOM   588 N  N1    . U   B 2 12 ? -6.728  -4.000  -7.654  1.00 22.18 ? 1495 U   B N1    1 
ATOM   589 C  C2    . U   B 2 12 ? -6.716  -4.341  -6.312  1.00 24.60 ? 1495 U   B C2    1 
ATOM   590 O  O2    . U   B 2 12 ? -6.073  -5.296  -5.873  1.00 24.17 ? 1495 U   B O2    1 
ATOM   591 N  N3    . U   B 2 12 ? -7.501  -3.555  -5.502  1.00 24.18 ? 1495 U   B N3    1 
ATOM   592 C  C4    . U   B 2 12 ? -8.252  -2.458  -5.923  1.00 24.88 ? 1495 U   B C4    1 
ATOM   593 O  O4    . U   B 2 12 ? -8.918  -1.838  -5.083  1.00 28.49 ? 1495 U   B O4    1 
ATOM   594 C  C5    . U   B 2 12 ? -8.207  -2.172  -7.332  1.00 27.03 ? 1495 U   B C5    1 
ATOM   595 C  C6    . U   B 2 12 ? -7.446  -2.941  -8.130  1.00 25.80 ? 1495 U   B C6    1 
ATOM   596 P  P     . C   B 2 13 ? -8.952  -6.983  -11.702 1.00 24.99 ? 1496 C   B P     1 
ATOM   597 O  OP1   . C   B 2 13 ? -8.954  -7.641  -13.040 1.00 27.23 ? 1496 C   B OP1   1 
ATOM   598 O  OP2   . C   B 2 13 ? -9.962  -5.967  -11.345 1.00 24.50 ? 1496 C   B OP2   1 
ATOM   599 O  "O5'" . C   B 2 13 ? -9.167  -8.091  -10.568 1.00 22.13 ? 1496 C   B "O5'" 1 
ATOM   600 C  "C5'" . C   B 2 13 ? -8.441  -9.315  -10.685 1.00 20.56 ? 1496 C   B "C5'" 1 
ATOM   601 C  "C4'" . C   B 2 13 ? -8.480  -9.983  -9.328  1.00 20.48 ? 1496 C   B "C4'" 1 
ATOM   602 O  "O4'" . C   B 2 13 ? -7.807  -9.125  -8.378  1.00 21.71 ? 1496 C   B "O4'" 1 
ATOM   603 C  "C3'" . C   B 2 13 ? -9.865  -10.176 -8.720  1.00 20.80 ? 1496 C   B "C3'" 1 
ATOM   604 O  "O3'" . C   B 2 13 ? -10.521 -11.312 -9.287  1.00 21.81 ? 1496 C   B "O3'" 1 
ATOM   605 C  "C2'" . C   B 2 13 ? -9.475  -10.374 -7.269  1.00 19.61 ? 1496 C   B "C2'" 1 
ATOM   606 O  "O2'" . C   B 2 13 ? -8.963  -11.667 -7.041  1.00 23.69 ? 1496 C   B "O2'" 1 
ATOM   607 C  "C1'" . C   B 2 13 ? -8.375  -9.333  -7.101  1.00 20.90 ? 1496 C   B "C1'" 1 
ATOM   608 N  N1    . C   B 2 13 ? -8.936  -8.088  -6.590  1.00 22.08 ? 1496 C   B N1    1 
ATOM   609 C  C2    . C   B 2 13 ? -9.045  -7.968  -5.176  1.00 20.33 ? 1496 C   B C2    1 
ATOM   610 O  O2    . C   B 2 13 ? -8.698  -8.942  -4.473  1.00 21.11 ? 1496 C   B O2    1 
ATOM   611 N  N3    . C   B 2 13 ? -9.574  -6.848  -4.633  1.00 17.60 ? 1496 C   B N3    1 
ATOM   612 C  C4    . C   B 2 13 ? -9.971  -5.852  -5.426  1.00 18.51 ? 1496 C   B C4    1 
ATOM   613 N  N4    . C   B 2 13 ? -10.488 -4.757  -4.825  1.00 18.44 ? 1496 C   B N4    1 
ATOM   614 C  C5    . C   B 2 13 ? -9.858  -5.946  -6.857  1.00 22.10 ? 1496 C   B C5    1 
ATOM   615 C  C6    . C   B 2 13 ? -9.332  -7.066  -7.399  1.00 21.11 ? 1496 C   B C6    1 
ATOM   616 P  P     . G   B 2 14 ? -12.131 -11.386 -9.239  1.00 21.92 ? 1497 G   B P     1 
ATOM   617 O  OP1   . G   B 2 14 ? -12.377 -12.475 -10.248 1.00 23.42 ? 1497 G   B OP1   1 
ATOM   618 O  OP2   . G   B 2 14 ? -12.640 -10.011 -9.465  1.00 22.22 ? 1497 G   B OP2   1 
ATOM   619 O  "O5'" . G   B 2 14 ? -12.493 -11.831 -7.759  1.00 24.18 ? 1497 G   B "O5'" 1 
ATOM   620 C  "C5'" . G   B 2 14 ? -12.045 -13.096 -7.271  1.00 24.38 ? 1497 G   B "C5'" 1 
ATOM   621 C  "C4'" . G   B 2 14 ? -12.239 -13.145 -5.774  1.00 25.27 ? 1497 G   B "C4'" 1 
ATOM   622 O  "O4'" . G   B 2 14 ? -11.468 -12.090 -5.184  1.00 25.31 ? 1497 G   B "O4'" 1 
ATOM   623 C  "C3'" . G   B 2 14 ? -13.649 -12.837 -5.301  1.00 25.14 ? 1497 G   B "C3'" 1 
ATOM   624 O  "O3'" . G   B 2 14 ? -14.461 -13.967 -5.407  1.00 26.84 ? 1497 G   B "O3'" 1 
ATOM   625 C  "C2'" . G   B 2 14 ? -13.348 -12.511 -3.854  1.00 27.62 ? 1497 G   B "C2'" 1 
ATOM   626 O  "O2'" . G   B 2 14 ? -13.058 -13.683 -3.104  1.00 28.39 ? 1497 G   B "O2'" 1 
ATOM   627 C  "C1'" . G   B 2 14 ? -12.082 -11.689 -3.963  1.00 26.41 ? 1497 G   B "C1'" 1 
ATOM   628 N  N9    . G   B 2 14 ? -12.345 -10.282 -3.998  1.00 24.44 ? 1497 G   B N9    1 
ATOM   629 C  C8    . G   B 2 14 ? -12.452 -9.481  -5.102  1.00 20.03 ? 1497 G   B C8    1 
ATOM   630 N  N7    . G   B 2 14 ? -12.696 -8.235  -4.831  1.00 22.04 ? 1497 G   B N7    1 
ATOM   631 C  C5    . G   B 2 14 ? -12.786 -8.202  -3.441  1.00 22.38 ? 1497 G   B C5    1 
ATOM   632 C  C6    . G   B 2 14 ? -13.036 -7.099  -2.587  1.00 24.91 ? 1497 G   B C6    1 
ATOM   633 O  O6    . G   B 2 14 ? -13.236 -5.909  -2.894  1.00 25.24 ? 1497 G   B O6    1 
ATOM   634 N  N1    . G   B 2 14 ? -13.048 -7.512  -1.268  1.00 24.04 ? 1497 G   B N1    1 
ATOM   635 C  C2    . G   B 2 14 ? -12.840 -8.803  -0.847  1.00 24.38 ? 1497 G   B C2    1 
ATOM   636 N  N2    . G   B 2 14 ? -12.903 -9.014  0.478   1.00 24.96 ? 1497 G   B N2    1 
ATOM   637 N  N3    . G   B 2 14 ? -12.589 -9.843  -1.630  1.00 24.59 ? 1497 G   B N3    1 
ATOM   638 C  C4    . G   B 2 14 ? -12.582 -9.464  -2.924  1.00 23.04 ? 1497 G   B C4    1 
ATOM   639 P  P     . C   B 2 15 ? -16.079 -13.876 -5.546  1.00 27.25 ? 98   C   B P     1 
ATOM   640 O  OP1   . C   B 2 15 ? -16.625 -15.230 -5.811  1.00 26.29 ? 98   C   B OP1   1 
ATOM   641 O  OP2   . C   B 2 15 ? -16.416 -12.774 -6.465  1.00 26.03 ? 98   C   B OP2   1 
ATOM   642 O  "O5'" . C   B 2 15 ? -16.548 -13.391 -4.100  1.00 30.75 ? 98   C   B "O5'" 1 
ATOM   643 C  "C5'" . C   B 2 15 ? -16.301 -14.226 -2.983  1.00 33.41 ? 98   C   B "C5'" 1 
ATOM   644 C  "C4'" . C   B 2 15 ? -16.628 -13.488 -1.701  1.00 34.78 ? 98   C   B "C4'" 1 
ATOM   645 O  "O4'" . C   B 2 15 ? -15.683 -12.414 -1.501  1.00 34.88 ? 98   C   B "O4'" 1 
ATOM   646 C  "C3'" . C   B 2 15 ? -17.973 -12.780 -1.688  1.00 36.90 ? 98   C   B "C3'" 1 
ATOM   647 O  "O3'" . C   B 2 15 ? -19.057 -13.668 -1.407  1.00 38.73 ? 98   C   B "O3'" 1 
ATOM   648 C  "C2'" . C   B 2 15 ? -17.735 -11.762 -0.582  1.00 36.40 ? 98   C   B "C2'" 1 
ATOM   649 O  "O2'" . C   B 2 15 ? -17.804 -12.316 0.722   1.00 38.57 ? 98   C   B "O2'" 1 
ATOM   650 C  "C1'" . C   B 2 15 ? -16.305 -11.318 -0.871  1.00 34.93 ? 98   C   B "C1'" 1 
ATOM   651 N  N1    . C   B 2 15 ? -16.249 -10.096 -1.722  1.00 31.42 ? 98   C   B N1    1 
ATOM   652 C  C2    . C   B 2 15 ? -16.374 -8.859  -1.091  1.00 30.27 ? 98   C   B C2    1 
ATOM   653 O  O2    . C   B 2 15 ? -16.511 -8.862  0.140   1.00 32.40 ? 98   C   B O2    1 
ATOM   654 N  N3    . C   B 2 15 ? -16.337 -7.722  -1.820  1.00 28.64 ? 98   C   B N3    1 
ATOM   655 C  C4    . C   B 2 15 ? -16.208 -7.797  -3.144  1.00 26.17 ? 98   C   B C4    1 
ATOM   656 N  N4    . C   B 2 15 ? -16.176 -6.644  -3.815  1.00 26.64 ? 98   C   B N4    1 
ATOM   657 C  C5    . C   B 2 15 ? -16.073 -9.055  -3.813  1.00 25.65 ? 98   C   B C5    1 
ATOM   658 C  C6    . C   B 2 15 ? -16.114 -10.166 -3.070  1.00 29.22 ? 98   C   B C6    1 
ATOM   659 P  P     . C   B 2 16 ? -20.542 -13.309 -1.938  1.00 38.48 ? 99   C   B P     1 
ATOM   660 O  OP1   . C   B 2 16 ? -21.401 -14.490 -1.712  1.00 40.75 ? 99   C   B OP1   1 
ATOM   661 O  OP2   . C   B 2 16 ? -20.461 -12.678 -3.280  1.00 38.39 ? 99   C   B OP2   1 
ATOM   662 O  "O5'" . C   B 2 16 ? -20.920 -12.141 -0.935  1.00 34.71 ? 99   C   B "O5'" 1 
ATOM   663 C  "C5'" . C   B 2 16 ? -21.146 -12.459 0.427   1.00 35.85 ? 99   C   B "C5'" 1 
ATOM   664 C  "C4'" . C   B 2 16 ? -21.321 -11.178 1.194   1.00 34.80 ? 99   C   B "C4'" 1 
ATOM   665 O  "O4'" . C   B 2 16 ? -20.194 -10.324 0.938   1.00 34.81 ? 99   C   B "O4'" 1 
ATOM   666 C  "C3'" . C   B 2 16 ? -22.497 -10.317 0.771   1.00 35.15 ? 99   C   B "C3'" 1 
ATOM   667 O  "O3'" . C   B 2 16 ? -23.681 -10.708 1.420   1.00 36.96 ? 99   C   B "O3'" 1 
ATOM   668 C  "C2'" . C   B 2 16 ? -22.080 -8.940  1.248   1.00 33.43 ? 99   C   B "C2'" 1 
ATOM   669 O  "O2'" . C   B 2 16 ? -22.293 -8.783  2.632   1.00 34.35 ? 99   C   B "O2'" 1 
ATOM   670 C  "C1'" . C   B 2 16 ? -20.591 -8.959  0.940   1.00 34.20 ? 99   C   B "C1'" 1 
ATOM   671 N  N1    . C   B 2 16 ? -20.281 -8.333  -0.399  1.00 31.55 ? 99   C   B N1    1 
ATOM   672 C  C2    . C   B 2 16 ? -20.271 -6.942  -0.488  1.00 28.16 ? 99   C   B C2    1 
ATOM   673 O  O2    . C   B 2 16 ? -20.541 -6.297  0.533   1.00 33.10 ? 99   C   B O2    1 
ATOM   674 N  N3    . C   B 2 16 ? -19.983 -6.362  -1.689  1.00 30.85 ? 99   C   B N3    1 
ATOM   675 C  C4    . C   B 2 16 ? -19.708 -7.135  -2.744  1.00 28.17 ? 99   C   B C4    1 
ATOM   676 N  N4    . C   B 2 16 ? -19.427 -6.550  -3.908  1.00 28.49 ? 99   C   B N4    1 
ATOM   677 C  C5    . C   B 2 16 ? -19.718 -8.562  -2.672  1.00 30.15 ? 99   C   B C5    1 
ATOM   678 C  C6    . C   B 2 16 ? -20.004 -9.110  -1.480  1.00 29.36 ? 99   C   B C6    1 
ATOM   679 P  P     . C   B 2 17 ? -25.056 -10.180 0.815   1.00 38.69 ? 100  C   B P     1 
ATOM   680 O  OP1   . C   B 2 17 ? -26.090 -10.822 1.681   1.00 39.87 ? 100  C   B OP1   1 
ATOM   681 O  OP2   . C   B 2 17 ? -25.068 -10.420 -0.648  1.00 37.24 ? 100  C   B OP2   1 
ATOM   682 O  "O5'" . C   B 2 17 ? -25.018 -8.591  1.039   1.00 36.25 ? 100  C   B "O5'" 1 
ATOM   683 C  "C5'" . C   B 2 17 ? -25.242 -7.993  2.302   1.00 37.28 ? 100  C   B "C5'" 1 
ATOM   684 C  "C4'" . C   B 2 17 ? -25.556 -6.507  2.185   1.00 36.78 ? 100  C   B "C4'" 1 
ATOM   685 O  "O4'" . C   B 2 17 ? -24.423 -5.755  1.668   1.00 36.15 ? 100  C   B "O4'" 1 
ATOM   686 C  "C3'" . C   B 2 17 ? -26.691 -6.147  1.225   1.00 36.04 ? 100  C   B "C3'" 1 
ATOM   687 O  "O3'" . C   B 2 17 ? -27.966 -6.349  1.818   1.00 36.31 ? 100  C   B "O3'" 1 
ATOM   688 C  "C2'" . C   B 2 17 ? -26.393 -4.683  0.933   1.00 34.51 ? 100  C   B "C2'" 1 
ATOM   689 O  "O2'" . C   B 2 17 ? -26.742 -3.780  1.956   1.00 35.55 ? 100  C   B "O2'" 1 
ATOM   690 C  "C1'" . C   B 2 17 ? -24.880 -4.675  0.867   1.00 34.56 ? 100  C   B "C1'" 1 
ATOM   691 N  N1    . C   B 2 17 ? -24.301 -4.769  -0.523  1.00 30.21 ? 100  C   B N1    1 
ATOM   692 C  C2    . C   B 2 17 ? -24.149 -3.592  -1.256  1.00 30.02 ? 100  C   B C2    1 
ATOM   693 O  O2    . C   B 2 17 ? -24.521 -2.505  -0.774  1.00 31.82 ? 100  C   B O2    1 
ATOM   694 N  N3    . C   B 2 17 ? -23.602 -3.678  -2.494  1.00 28.73 ? 100  C   B N3    1 
ATOM   695 C  C4    . C   B 2 17 ? -23.209 -4.860  -2.988  1.00 25.48 ? 100  C   B C4    1 
ATOM   696 N  N4    . C   B 2 17 ? -22.675 -4.882  -4.218  1.00 24.15 ? 100  C   B N4    1 
ATOM   697 C  C5    . C   B 2 17 ? -23.354 -6.071  -2.257  1.00 27.90 ? 100  C   B C5    1 
ATOM   698 C  C6    . C   B 2 17 ? -23.904 -5.969  -1.024  1.00 29.00 ? 100  C   B C6    1 
HETATM 699 S  S     . SO4 C 3 .  ? 18.424  7.785   1.073   0.50 61.13 ? 102  SO4 A S     1 
HETATM 700 O  O1    . SO4 C 3 .  ? 18.362  6.327   0.983   0.50 60.04 ? 102  SO4 A O1    1 
HETATM 701 O  O2    . SO4 C 3 .  ? 19.789  8.180   1.434   0.50 58.94 ? 102  SO4 A O2    1 
HETATM 702 O  O3    . SO4 C 3 .  ? 17.487  8.237   2.106   0.50 59.43 ? 102  SO4 A O3    1 
HETATM 703 O  O4    . SO4 C 3 .  ? 18.064  8.374   -0.230  0.50 59.65 ? 102  SO4 A O4    1 
HETATM 704 MG MG    . MG  D 4 .  ? -18.370 -1.930  -7.704  1.00 39.74 ? 104  MG  A MG    1 
HETATM 705 C  CA1   . AM2 E 5 .  ? 9.693   5.676   -0.881  1.00 26.00 ? 101  AM2 B CA1   1 
HETATM 706 C  CA2   . AM2 E 5 .  ? 8.469   5.978   0.014   1.00 25.99 ? 101  AM2 B CA2   1 
HETATM 707 C  CA3   . AM2 E 5 .  ? 8.006   4.653   0.726   1.00 20.31 ? 101  AM2 B CA3   1 
HETATM 708 C  CA4   . AM2 E 5 .  ? 7.667   3.672   -0.419  1.00 24.19 ? 101  AM2 B CA4   1 
HETATM 709 C  CA5   . AM2 E 5 .  ? 8.937   3.376   -1.332  1.00 21.00 ? 101  AM2 B CA5   1 
HETATM 710 C  CA6   . AM2 E 5 .  ? 8.618   2.385   -2.485  1.00 27.13 ? 101  AM2 B CA6   1 
HETATM 711 C  CA7   . AM2 E 5 .  ? 8.119   1.069   -1.824  1.00 25.09 ? 101  AM2 B CA7   1 
HETATM 712 C  CA8   . AM2 E 5 .  ? 6.893   1.414   -0.897  1.00 25.32 ? 101  AM2 B CA8   1 
HETATM 713 C  CA9   . AM2 E 5 .  ? 8.741   -0.394  -3.906  1.00 32.72 ? 101  AM2 B CA9   1 
HETATM 714 O  OA4   . AM2 E 5 .  ? 9.402   4.647   -1.891  1.00 27.61 ? 101  AM2 B OA4   1 
HETATM 715 O  OA5   . AM2 E 5 .  ? 7.222   2.408   0.143   1.00 23.04 ? 101  AM2 B OA5   1 
HETATM 716 N  NA2   . AM2 E 5 .  ? 8.827   6.988   1.036   1.00 22.92 ? 101  AM2 B NA2   1 
HETATM 717 N  NA7   . AM2 E 5 .  ? 7.736   0.061   -2.883  1.00 28.14 ? 101  AM2 B NA7   1 
HETATM 718 O  OA6   . AM2 E 5 .  ? 7.612   2.980   -3.312  1.00 26.13 ? 101  AM2 B OA6   1 
HETATM 719 O  OA8   . AM2 E 5 .  ? 6.450   0.250   -0.228  1.00 23.01 ? 101  AM2 B OA8   1 
HETATM 720 O  OA1   . AM2 E 5 .  ? 10.821  5.224   -0.113  1.00 24.60 ? 101  AM2 B OA1   1 
HETATM 721 C  CB1   . AM2 E 5 .  ? 5.101   0.400   0.174   1.00 26.27 ? 101  AM2 B CB1   1 
HETATM 722 C  CB2   . AM2 E 5 .  ? 4.824   -0.247  1.530   1.00 22.75 ? 101  AM2 B CB2   1 
HETATM 723 C  CB3   . AM2 E 5 .  ? 5.025   -1.786  1.470   1.00 21.63 ? 101  AM2 B CB3   1 
HETATM 724 C  CB4   . AM2 E 5 .  ? 4.083   -2.338  0.359   1.00 20.62 ? 101  AM2 B CB4   1 
HETATM 725 C  CB5   . AM2 E 5 .  ? 4.472   -1.656  -0.993  1.00 21.26 ? 101  AM2 B CB5   1 
HETATM 726 C  CB6   . AM2 E 5 .  ? 3.582   -2.081  -2.141  1.00 21.36 ? 101  AM2 B CB6   1 
HETATM 727 O  OB1   . AM2 E 5 .  ? 4.252   -0.212  -0.847  1.00 21.47 ? 101  AM2 B OB1   1 
HETATM 728 N  NB4   . AM2 E 5 .  ? 4.269   -3.837  0.294   1.00 20.85 ? 101  AM2 B NB4   1 
HETATM 729 O  OB2   . AM2 E 5 .  ? 5.722   0.350   2.487   1.00 25.04 ? 101  AM2 B OB2   1 
HETATM 730 O  OB3   . AM2 E 5 .  ? 4.643   -2.336  2.744   1.00 22.05 ? 101  AM2 B OB3   1 
HETATM 731 O  OB6   . AM2 E 5 .  ? 2.248   -2.141  -1.769  1.00 24.34 ? 101  AM2 B OB6   1 
HETATM 732 C  CC1   . AM2 E 5 .  ? 12.086  5.527   -0.701  1.00 26.08 ? 101  AM2 B CC1   1 
HETATM 733 C  CC2   . AM2 E 5 .  ? 12.655  6.856   -0.088  1.00 25.71 ? 101  AM2 B CC2   1 
HETATM 734 C  CC3   . AM2 E 5 .  ? 14.052  7.161   -0.740  1.00 29.32 ? 101  AM2 B CC3   1 
HETATM 735 C  CC4   . AM2 E 5 .  ? 15.017  6.005   -0.436  1.00 30.95 ? 101  AM2 B CC4   1 
HETATM 736 C  CC5   . AM2 E 5 .  ? 14.452  4.673   -1.064  1.00 30.51 ? 101  AM2 B CC5   1 
HETATM 737 C  CC6   . AM2 E 5 .  ? 13.040  4.373   -0.422  1.00 25.57 ? 101  AM2 B CC6   1 
HETATM 738 N  NC4   . AM2 E 5 .  ? 16.310  6.307   -1.028  1.00 34.04 ? 101  AM2 B NC4   1 
HETATM 739 N  NC6   . AM2 E 5 .  ? 12.462  3.134   -1.006  1.00 25.16 ? 101  AM2 B NC6   1 
HETATM 740 O  OC2   . AM2 E 5 .  ? 11.743  7.955   -0.373  1.00 36.15 ? 101  AM2 B OC2   1 
HETATM 741 O  OC3   . AM2 E 5 .  ? 14.572  8.338   -0.182  1.00 30.38 ? 101  AM2 B OC3   1 
HETATM 742 MG MG    . MG  F 4 .  ? 0.303   -1.345  3.414   1.00 31.84 ? 103  MG  B MG    1 
HETATM 743 O  O     . HOH G 6 .  ? 0.934   -2.838  2.240   1.00 32.74 ? 109  HOH A O     1 
HETATM 744 O  O     . HOH G 6 .  ? -19.819 -3.126  -6.645  1.00 39.96 ? 111  HOH A O     1 
HETATM 745 O  O     . HOH G 6 .  ? -18.094 -0.539  -6.003  1.00 44.21 ? 112  HOH A O     1 
HETATM 746 O  O     . HOH G 6 .  ? -17.120 -3.147  -6.898  1.00 51.85 ? 113  HOH A O     1 
HETATM 747 O  O     . HOH G 6 .  ? -16.943 -0.907  -8.994  1.00 40.84 ? 114  HOH A O     1 
HETATM 748 O  O     . HOH G 6 .  ? -18.482 -3.437  -9.246  1.00 32.91 ? 115  HOH A O     1 
HETATM 749 O  O     . HOH G 6 .  ? -19.956 -1.012  -8.302  1.00 30.84 ? 116  HOH A O     1 
HETATM 750 O  O     . HOH G 6 .  ? -2.049  -11.993 0.502   1.00 25.96 ? 121  HOH A O     1 
HETATM 751 O  O     . HOH G 6 .  ? 13.243  1.858   9.719   1.00 25.62 ? 122  HOH A O     1 
HETATM 752 O  O     . HOH G 6 .  ? -3.899  -7.128  -7.115  1.00 25.35 ? 126  HOH A O     1 
HETATM 753 O  O     . HOH G 6 .  ? -0.749  -0.564  -8.822  1.00 26.70 ? 127  HOH A O     1 
HETATM 754 O  O     . HOH G 6 .  ? -5.325  -8.819  -5.621  1.00 24.53 ? 129  HOH A O     1 
HETATM 755 O  O     . HOH G 6 .  ? 5.498   1.147   -4.216  1.00 24.50 ? 130  HOH A O     1 
HETATM 756 O  O     . HOH G 6 .  ? -8.172  -11.508 -0.389  1.00 32.27 ? 140  HOH A O     1 
HETATM 757 O  O     . HOH G 6 .  ? -2.345  -1.271  0.309   1.00 31.09 ? 142  HOH A O     1 
HETATM 758 O  O     . HOH G 6 .  ? 8.423   8.740   -1.099  1.00 31.89 ? 143  HOH A O     1 
HETATM 759 O  O     . HOH G 6 .  ? 19.990  -0.846  11.525  1.00 30.27 ? 144  HOH A O     1 
HETATM 760 O  O     . HOH G 6 .  ? 12.977  8.007   3.504   1.00 33.49 ? 146  HOH A O     1 
HETATM 761 O  O     . HOH G 6 .  ? 15.618  7.512   3.558   1.00 35.37 ? 149  HOH A O     1 
HETATM 762 O  O     . HOH G 6 .  ? 3.323   10.482  -7.130  1.00 35.14 ? 154  HOH A O     1 
HETATM 763 O  O     . HOH G 6 .  ? 19.191  6.713   4.285   1.00 35.87 ? 155  HOH A O     1 
HETATM 764 O  O     . HOH G 6 .  ? -5.067  1.421   -0.724  1.00 35.21 ? 156  HOH A O     1 
HETATM 765 O  O     . HOH G 6 .  ? 23.109  3.371   5.744   1.00 36.24 ? 159  HOH A O     1 
HETATM 766 O  O     . HOH G 6 .  ? 9.717   6.732   11.911  1.00 37.41 ? 164  HOH A O     1 
HETATM 767 O  O     . HOH G 6 .  ? -9.037  -10.579 1.752   1.00 39.30 ? 166  HOH A O     1 
HETATM 768 O  O     . HOH G 6 .  ? 2.190   10.426  2.893   1.00 38.31 ? 167  HOH A O     1 
HETATM 769 O  O     . HOH G 6 .  ? 19.602  6.019   7.321   1.00 39.28 ? 168  HOH A O     1 
HETATM 770 O  O     . HOH G 6 .  ? 2.422   -7.644  2.308   1.00 40.11 ? 172  HOH A O     1 
HETATM 771 O  O     . HOH G 6 .  ? 15.558  4.598   13.578  1.00 42.47 ? 176  HOH A O     1 
HETATM 772 O  O     . HOH G 6 .  ? 5.305   10.132  8.614   1.00 41.99 ? 177  HOH A O     1 
HETATM 773 O  O     . HOH G 6 .  ? 23.234  -4.240  5.900   1.00 42.95 ? 178  HOH A O     1 
HETATM 774 O  O     . HOH G 6 .  ? 4.181   4.377   -10.868 1.00 42.90 ? 179  HOH A O     1 
HETATM 775 O  O     . HOH G 6 .  ? -2.982  -4.324  2.194   1.00 41.91 ? 180  HOH A O     1 
HETATM 776 O  O     . HOH G 6 .  ? -5.562  -12.226 -1.116  1.00 42.46 ? 181  HOH A O     1 
HETATM 777 O  O     . HOH G 6 .  ? -17.601 -6.356  4.251   1.00 44.12 ? 185  HOH A O     1 
HETATM 778 O  O     . HOH G 6 .  ? 25.166  2.927   8.926   1.00 44.15 ? 186  HOH A O     1 
HETATM 779 O  O     . HOH G 6 .  ? -4.588  -2.157  1.058   1.00 43.12 ? 187  HOH A O     1 
HETATM 780 O  O     . HOH G 6 .  ? 4.290   7.078   -10.705 1.00 45.44 ? 190  HOH A O     1 
HETATM 781 O  O     . HOH G 6 .  ? -10.581 -1.824  0.576   1.00 46.84 ? 192  HOH A O     1 
HETATM 782 O  O     . HOH G 6 .  ? 22.594  5.540   9.574   1.00 47.05 ? 195  HOH A O     1 
HETATM 783 O  O     . HOH G 6 .  ? -1.562  -5.733  4.883   1.00 47.76 ? 196  HOH A O     1 
HETATM 784 O  O     A HOH G 6 .  ? -5.481  -0.190  2.107   0.75 30.72 ? 199  HOH A O     1 
HETATM 785 O  O     B HOH G 6 .  ? -5.962  -0.551  4.011   0.25 33.38 ? 199  HOH A O     1 
HETATM 786 O  O     A HOH G 6 .  ? 6.943   -2.596  -3.412  0.75 30.93 ? 200  HOH A O     1 
HETATM 787 O  O     B HOH G 6 .  ? 6.327   -4.639  -3.565  0.25 34.50 ? 200  HOH A O     1 
HETATM 788 O  O     A HOH G 6 .  ? -13.306 -8.498  4.480   0.50 34.50 ? 203  HOH A O     1 
HETATM 789 O  O     B HOH G 6 .  ? 18.284  -4.096  -4.856  0.50 35.18 ? 203  HOH A O     1 
HETATM 790 O  O     . HOH G 6 .  ? 2.962   13.458  3.174   0.50 23.92 ? 205  HOH A O     1 
HETATM 791 O  O     . HOH G 6 .  ? 6.305   -2.781  -9.884  0.50 27.44 ? 206  HOH A O     1 
HETATM 792 O  O     . HOH G 6 .  ? 6.623   14.682  7.015   0.50 28.33 ? 207  HOH A O     1 
HETATM 793 O  O     . HOH G 6 .  ? -13.720 -0.822  -1.762  0.50 28.15 ? 209  HOH A O     1 
HETATM 794 O  O     . HOH G 6 .  ? 6.376   -6.766  -0.925  0.50 29.71 ? 210  HOH A O     1 
HETATM 795 O  O     . HOH G 6 .  ? -1.652  -7.982  6.663   0.50 28.90 ? 212  HOH A O     1 
HETATM 796 O  O     . HOH G 6 .  ? -0.115  -3.663  -0.189  0.50 26.29 ? 213  HOH A O     1 
HETATM 797 O  O     . HOH G 6 .  ? -0.169  -9.221  4.948   0.50 30.55 ? 214  HOH A O     1 
HETATM 798 O  O     . HOH G 6 .  ? 3.416   -3.844  -10.041 0.50 30.14 ? 215  HOH A O     1 
HETATM 799 O  O     . HOH G 6 .  ? 1.058   10.453  -3.541  0.50 31.06 ? 216  HOH A O     1 
HETATM 800 O  O     . HOH G 6 .  ? -8.597  -1.704  3.115   0.50 31.64 ? 217  HOH A O     1 
HETATM 801 O  O     . HOH G 6 .  ? 22.903  -0.571  11.703  0.50 30.14 ? 222  HOH A O     1 
HETATM 802 O  O     . HOH G 6 .  ? 4.782   9.302   -9.094  0.50 30.39 ? 224  HOH A O     1 
HETATM 803 O  O     . HOH G 6 .  ? 7.590   0.167   -7.589  0.50 30.18 ? 225  HOH A O     1 
HETATM 804 O  O     . HOH G 6 .  ? -16.263 -2.609  -4.483  0.50 32.42 ? 226  HOH A O     1 
HETATM 805 O  O     . HOH G 6 .  ? 6.397   4.230   -11.187 0.50 34.50 ? 229  HOH A O     1 
HETATM 806 O  O     . HOH G 6 .  ? 4.726   -8.775  -3.300  0.50 34.60 ? 230  HOH A O     1 
HETATM 807 O  O     . HOH G 6 .  ? 10.665  11.635  -2.379  0.50 32.44 ? 231  HOH A O     1 
HETATM 808 O  O     . HOH G 6 .  ? -7.116  -3.511  2.139   0.50 33.04 ? 233  HOH A O     1 
HETATM 809 O  O     . HOH G 6 .  ? -10.103 -2.057  -2.319  0.50 35.36 ? 237  HOH A O     1 
HETATM 810 O  O     . HOH G 6 .  ? 12.245  13.762  2.257   0.50 35.32 ? 241  HOH A O     1 
HETATM 811 O  O     . HOH G 6 .  ? -15.067 4.001   6.321   0.50 33.80 ? 243  HOH A O     1 
HETATM 812 O  O     . HOH G 6 .  ? 17.254  9.116   13.546  0.50 33.49 ? 244  HOH A O     1 
HETATM 813 O  O     . HOH G 6 .  ? -11.329 0.829   6.950   0.50 34.99 ? 246  HOH A O     1 
HETATM 814 O  O     . HOH G 6 .  ? -21.022 0.662   5.072   0.50 35.72 ? 249  HOH A O     1 
HETATM 815 O  O     . HOH G 6 .  ? -23.195 -0.947  3.579   0.50 35.38 ? 250  HOH A O     1 
HETATM 816 O  O     . HOH G 6 .  ? 5.835   -11.188 -4.232  0.50 37.14 ? 254  HOH A O     1 
HETATM 817 O  O     . HOH G 6 .  ? -11.180 0.050   -1.090  0.50 36.87 ? 256  HOH A O     1 
HETATM 818 O  O     . HOH G 6 .  ? -15.831 -0.106  -5.902  0.50 37.05 ? 258  HOH A O     1 
HETATM 819 O  O     . HOH G 6 .  ? 9.592   15.675  0.638   0.50 37.94 ? 260  HOH A O     1 
HETATM 820 O  O     . HOH G 6 .  ? 7.227   8.661   -10.954 0.50 39.61 ? 261  HOH A O     1 
HETATM 821 O  O     . HOH G 6 .  ? 7.878   8.657   -8.401  0.50 36.42 ? 264  HOH A O     1 
HETATM 822 O  O     . HOH G 6 .  ? 28.444  -0.058  2.274   0.50 42.48 ? 267  HOH A O     1 
HETATM 823 O  O     . HOH H 6 .  ? -0.316  0.403   4.679   1.00 29.73 ? 105  HOH B O     1 
HETATM 824 O  O     . HOH H 6 .  ? -1.567  -2.083  3.547   1.00 30.79 ? 106  HOH B O     1 
HETATM 825 O  O     . HOH H 6 .  ? 2.131   -0.310  3.156   1.00 33.14 ? 107  HOH B O     1 
HETATM 826 O  O     . HOH H 6 .  ? -0.217  -0.310  1.779   1.00 32.95 ? 108  HOH B O     1 
HETATM 827 O  O     . HOH H 6 .  ? 0.883   -2.563  5.112   1.00 35.05 ? 110  HOH B O     1 
HETATM 828 O  O     . HOH H 6 .  ? 0.957   -4.005  8.521   1.00 20.60 ? 117  HOH B O     1 
HETATM 829 O  O     . HOH H 6 .  ? 1.208   -0.034  -0.222  1.00 22.61 ? 118  HOH B O     1 
HETATM 830 O  O     . HOH H 6 .  ? 6.542   -2.662  4.401   1.00 23.30 ? 119  HOH B O     1 
HETATM 831 O  O     . HOH H 6 .  ? 3.020   -1.647  6.665   1.00 23.11 ? 120  HOH B O     1 
HETATM 832 O  O     . HOH H 6 .  ? 0.206   0.022   13.832  1.00 25.83 ? 123  HOH B O     1 
HETATM 833 O  O     . HOH H 6 .  ? 11.347  0.036   -2.231  1.00 25.38 ? 124  HOH B O     1 
HETATM 834 O  O     . HOH H 6 .  ? 8.603   -1.969  -0.590  1.00 26.66 ? 125  HOH B O     1 
HETATM 835 O  O     . HOH H 6 .  ? -8.596  -13.930 -8.782  1.00 26.89 ? 128  HOH B O     1 
HETATM 836 O  O     . HOH H 6 .  ? 8.538   -0.389  1.781   1.00 29.92 ? 131  HOH B O     1 
HETATM 837 O  O     . HOH H 6 .  ? -4.047  1.322   5.580   1.00 29.68 ? 132  HOH B O     1 
HETATM 838 O  O     . HOH H 6 .  ? -1.794  9.032   2.607   1.00 29.30 ? 133  HOH B O     1 
HETATM 839 O  O     . HOH H 6 .  ? 2.948   -4.860  2.743   1.00 29.70 ? 134  HOH B O     1 
HETATM 840 O  O     . HOH H 6 .  ? -13.279 -6.298  -6.723  1.00 30.40 ? 135  HOH B O     1 
HETATM 841 O  O     . HOH H 6 .  ? 3.955   -5.450  5.184   1.00 30.59 ? 136  HOH B O     1 
HETATM 842 O  O     . HOH H 6 .  ? -12.330 -7.231  -9.433  1.00 31.84 ? 137  HOH B O     1 
HETATM 843 O  O     . HOH H 6 .  ? -8.477  -11.671 -4.225  1.00 31.32 ? 138  HOH B O     1 
HETATM 844 O  O     . HOH H 6 .  ? -11.668 -3.165  -7.131  1.00 32.25 ? 139  HOH B O     1 
HETATM 845 O  O     . HOH H 6 .  ? -3.015  13.310  8.042   1.00 32.36 ? 141  HOH B O     1 
HETATM 846 O  O     . HOH H 6 .  ? -3.200  0.084   3.357   1.00 31.27 ? 145  HOH B O     1 
HETATM 847 O  O     . HOH H 6 .  ? -10.586 -3.562  -9.755  1.00 35.86 ? 147  HOH B O     1 
HETATM 848 O  O     . HOH H 6 .  ? -4.618  9.733   -10.575 1.00 35.77 ? 148  HOH B O     1 
HETATM 849 O  O     . HOH H 6 .  ? 11.039  -4.009  -5.878  1.00 35.39 ? 150  HOH B O     1 
HETATM 850 O  O     . HOH H 6 .  ? -8.340  2.019   -4.477  1.00 33.62 ? 151  HOH B O     1 
HETATM 851 O  O     . HOH H 6 .  ? -13.803 -4.624  -5.001  1.00 35.30 ? 152  HOH B O     1 
HETATM 852 O  O     . HOH H 6 .  ? -6.289  -12.653 -3.950  1.00 36.44 ? 153  HOH B O     1 
HETATM 853 O  O     . HOH H 6 .  ? 12.187  3.126   -3.677  1.00 34.15 ? 157  HOH B O     1 
HETATM 854 O  O     . HOH H 6 .  ? 9.835   1.801   10.360  1.00 36.92 ? 158  HOH B O     1 
HETATM 855 O  O     . HOH H 6 .  ? -7.131  4.402   1.738   1.00 36.11 ? 160  HOH B O     1 
HETATM 856 O  O     . HOH H 6 .  ? -21.400 -6.624  3.103   1.00 37.76 ? 161  HOH B O     1 
HETATM 857 O  O     . HOH H 6 .  ? 19.013  -1.807  -4.339  1.00 37.20 ? 162  HOH B O     1 
HETATM 858 O  O     . HOH H 6 .  ? 14.278  -1.990  6.597   1.00 37.93 ? 163  HOH B O     1 
HETATM 859 O  O     . HOH H 6 .  ? 17.109  -3.834  4.173   1.00 39.39 ? 165  HOH B O     1 
HETATM 860 O  O     . HOH H 6 .  ? -16.134 -7.016  -6.495  1.00 39.56 ? 169  HOH B O     1 
HETATM 861 O  O     . HOH H 6 .  ? 7.335   -4.122  0.342   1.00 39.19 ? 170  HOH B O     1 
HETATM 862 O  O     . HOH H 6 .  ? -8.703  2.165   -1.768  1.00 39.55 ? 171  HOH B O     1 
HETATM 863 O  O     . HOH H 6 .  ? -9.896  4.318   -5.444  1.00 41.10 ? 173  HOH B O     1 
HETATM 864 O  O     . HOH H 6 .  ? 3.936   4.168   12.499  1.00 42.18 ? 174  HOH B O     1 
HETATM 865 O  O     . HOH H 6 .  ? 0.785   8.261   8.542   1.00 42.26 ? 175  HOH B O     1 
HETATM 866 O  O     . HOH H 6 .  ? -2.388  -1.596  -10.839 1.00 41.74 ? 182  HOH B O     1 
HETATM 867 O  O     . HOH H 6 .  ? -10.831 3.871   -12.014 1.00 42.64 ? 183  HOH B O     1 
HETATM 868 O  O     . HOH H 6 .  ? -19.041 -11.556 -5.999  1.00 42.36 ? 184  HOH B O     1 
HETATM 869 O  O     . HOH H 6 .  ? -1.966  -3.937  -9.888  1.00 43.45 ? 188  HOH B O     1 
HETATM 870 O  O     . HOH H 6 .  ? 19.736  -3.323  -1.533  1.00 44.18 ? 189  HOH B O     1 
HETATM 871 O  O     . HOH H 6 .  ? -2.933  -6.454  -10.938 1.00 46.26 ? 191  HOH B O     1 
HETATM 872 O  O     . HOH H 6 .  ? -6.501  3.963   -1.225  1.00 46.99 ? 193  HOH B O     1 
HETATM 873 O  O     . HOH H 6 .  ? 10.918  9.362   -2.554  1.00 48.20 ? 194  HOH B O     1 
HETATM 874 O  O     . HOH H 6 .  ? 14.490  7.463   -4.619  1.00 48.63 ? 197  HOH B O     1 
HETATM 875 O  O     . HOH H 6 .  ? 16.222  -5.502  1.883   1.00 48.13 ? 198  HOH B O     1 
HETATM 876 O  O     A HOH H 6 .  ? 12.740  -7.152  5.176   0.75 30.23 ? 201  HOH B O     1 
HETATM 877 O  O     B HOH H 6 .  ? 11.166  -8.574  5.471   0.25 35.72 ? 201  HOH B O     1 
HETATM 878 O  O     A HOH H 6 .  ? -6.152  1.206   -2.922  0.75 30.87 ? 202  HOH B O     1 
HETATM 879 O  O     B HOH H 6 .  ? -7.624  0.085   -2.270  0.25 30.71 ? 202  HOH B O     1 
HETATM 880 O  O     . HOH H 6 .  ? -0.624  -0.268  7.089   0.50 24.00 ? 204  HOH B O     1 
HETATM 881 O  O     . HOH H 6 .  ? -6.738  2.475   5.677   0.50 29.15 ? 208  HOH B O     1 
HETATM 882 O  O     . HOH H 6 .  ? 14.801  -1.771  -8.713  0.50 29.77 ? 211  HOH B O     1 
HETATM 883 O  O     . HOH H 6 .  ? 14.480  -8.592  3.073   0.50 32.06 ? 218  HOH B O     1 
HETATM 884 O  O     . HOH H 6 .  ? -18.891 -12.905 3.700   0.50 32.28 ? 219  HOH B O     1 
HETATM 885 O  O     . HOH H 6 .  ? 2.800   2.572   -15.513 0.50 31.39 ? 220  HOH B O     1 
HETATM 886 O  O     . HOH H 6 .  ? -9.470  2.737   -14.480 0.50 33.18 ? 221  HOH B O     1 
HETATM 887 O  O     . HOH H 6 .  ? 9.371   -3.689  -4.428  0.50 33.78 ? 223  HOH B O     1 
HETATM 888 O  O     . HOH H 6 .  ? -10.061 0.467   -5.192  0.50 34.91 ? 227  HOH B O     1 
HETATM 889 O  O     . HOH H 6 .  ? 1.071   -5.062  5.927   0.50 32.05 ? 228  HOH B O     1 
HETATM 890 O  O     . HOH H 6 .  ? -14.497 -6.619  -11.330 0.50 32.08 ? 232  HOH B O     1 
HETATM 891 O  O     . HOH H 6 .  ? 15.682  0.805   -10.901 0.50 30.69 ? 234  HOH B O     1 
HETATM 892 O  O     . HOH H 6 .  ? -10.173 3.691   1.567   0.50 31.10 ? 235  HOH B O     1 
HETATM 893 O  O     . HOH H 6 .  ? -2.220  -1.973  10.628  0.50 32.45 ? 236  HOH B O     1 
HETATM 894 O  O     . HOH H 6 .  ? -7.966  10.650  -2.879  0.50 35.97 ? 238  HOH B O     1 
HETATM 895 O  O     . HOH H 6 .  ? -0.497  3.155   14.114  0.50 35.43 ? 239  HOH B O     1 
HETATM 896 O  O     . HOH H 6 .  ? 2.918   7.137   10.805  0.50 35.84 ? 240  HOH B O     1 
HETATM 897 O  O     . HOH H 6 .  ? -28.527 -4.851  4.261   0.50 34.86 ? 242  HOH B O     1 
HETATM 898 O  O     . HOH H 6 .  ? -21.120 -14.050 -5.796  0.50 34.45 ? 245  HOH B O     1 
HETATM 899 O  O     . HOH H 6 .  ? -20.386 -16.287 -4.450  0.50 32.78 ? 247  HOH B O     1 
HETATM 900 O  O     . HOH H 6 .  ? 7.918   4.608   10.257  0.50 34.04 ? 248  HOH B O     1 
HETATM 901 O  O     . HOH H 6 .  ? 2.372   1.003   -12.074 0.50 42.45 ? 251  HOH B O     1 
HETATM 902 O  O     . HOH H 6 .  ? 2.239   4.410   -13.320 0.50 35.61 ? 252  HOH B O     1 
HETATM 903 O  O     . HOH H 6 .  ? 11.776  7.928   -4.212  0.50 34.05 ? 253  HOH B O     1 
HETATM 904 O  O     . HOH H 6 .  ? -13.538 -2.816  -10.773 0.50 37.43 ? 255  HOH B O     1 
HETATM 905 O  O     . HOH H 6 .  ? 0.959   2.714   -17.270 0.50 36.92 ? 257  HOH B O     1 
HETATM 906 O  O     . HOH H 6 .  ? -18.937 -15.606 -7.773  0.50 37.93 ? 259  HOH B O     1 
HETATM 907 O  O     . HOH H 6 .  ? 10.164  -8.173  -0.574  0.50 38.89 ? 262  HOH B O     1 
HETATM 908 O  O     . HOH H 6 .  ? 10.599  5.360   -5.008  0.50 37.74 ? 263  HOH B O     1 
HETATM 909 O  O     . HOH H 6 .  ? -28.883 -2.462  5.087   0.50 40.63 ? 265  HOH B O     1 
HETATM 910 O  O     . HOH H 6 .  ? -16.506 -8.385  -10.742 0.50 42.86 ? 266  HOH B O     1 
HETATM 911 O  O     . HOH H 6 .  ? -1.629  11.244  7.862   0.50 46.90 ? 268  HOH B O     1 
# 
